data_2HP7
# 
_entry.id   2HP7 
# 
_audit_conform.dict_name       mmcif_pdbx.dic 
_audit_conform.dict_version    5.387 
_audit_conform.dict_location   http://mmcif.pdb.org/dictionaries/ascii/mmcif_pdbx.dic 
# 
loop_
_database_2.database_id 
_database_2.database_code 
_database_2.pdbx_database_accession 
_database_2.pdbx_DOI 
PDB   2HP7         pdb_00002hp7 10.2210/pdb2hp7/pdb 
RCSB  RCSB038603   ?            ?                   
WWPDB D_1000038603 ?            ?                   
# 
loop_
_pdbx_audit_revision_history.ordinal 
_pdbx_audit_revision_history.data_content_type 
_pdbx_audit_revision_history.major_revision 
_pdbx_audit_revision_history.minor_revision 
_pdbx_audit_revision_history.revision_date 
1 'Structure model' 1 0 2006-08-08 
2 'Structure model' 1 1 2008-05-01 
3 'Structure model' 1 2 2011-07-13 
4 'Structure model' 1 3 2024-02-14 
# 
_pdbx_audit_revision_details.ordinal             1 
_pdbx_audit_revision_details.revision_ordinal    1 
_pdbx_audit_revision_details.data_content_type   'Structure model' 
_pdbx_audit_revision_details.provider            repository 
_pdbx_audit_revision_details.type                'Initial release' 
_pdbx_audit_revision_details.description         ? 
_pdbx_audit_revision_details.details             ? 
# 
loop_
_pdbx_audit_revision_group.ordinal 
_pdbx_audit_revision_group.revision_ordinal 
_pdbx_audit_revision_group.data_content_type 
_pdbx_audit_revision_group.group 
1 2 'Structure model' 'Version format compliance' 
2 3 'Structure model' 'Version format compliance' 
3 4 'Structure model' 'Data collection'           
4 4 'Structure model' 'Database references'       
# 
loop_
_pdbx_audit_revision_category.ordinal 
_pdbx_audit_revision_category.revision_ordinal 
_pdbx_audit_revision_category.data_content_type 
_pdbx_audit_revision_category.category 
1 4 'Structure model' chem_comp_atom 
2 4 'Structure model' chem_comp_bond 
3 4 'Structure model' database_2     
# 
loop_
_pdbx_audit_revision_item.ordinal 
_pdbx_audit_revision_item.revision_ordinal 
_pdbx_audit_revision_item.data_content_type 
_pdbx_audit_revision_item.item 
1 4 'Structure model' '_database_2.pdbx_DOI'                
2 4 'Structure model' '_database_2.pdbx_database_accession' 
# 
_pdbx_database_status.status_code                     REL 
_pdbx_database_status.entry_id                        2HP7 
_pdbx_database_status.recvd_initial_deposition_date   2006-07-17 
_pdbx_database_status.deposit_site                    RCSB 
_pdbx_database_status.process_site                    RCSB 
_pdbx_database_status.status_code_sf                  REL 
_pdbx_database_status.status_code_mr                  ? 
_pdbx_database_status.SG_entry                        ? 
_pdbx_database_status.pdb_format_compatible           Y 
_pdbx_database_status.status_code_cs                  ? 
_pdbx_database_status.status_code_nmr_data            ? 
_pdbx_database_status.methods_development_category    ? 
# 
loop_
_audit_author.name 
_audit_author.pdbx_ordinal 
'Crane, B.R.'  1 
'Park, S.'     2 
'Lowder, B.'   3 
'Bilwes, A.M.' 4 
'Blair, D.F.'  5 
# 
_citation.id                        primary 
_citation.title                     
'Structure of FliM provides insight into assembly of the switch complex in the bacterial flagella motor.' 
_citation.journal_abbrev            Proc.Natl.Acad.Sci.Usa 
_citation.journal_volume            103 
_citation.page_first                11886 
_citation.page_last                 11891 
_citation.year                      2006 
_citation.journal_id_ASTM           PNASA6 
_citation.country                   US 
_citation.journal_id_ISSN           0027-8424 
_citation.journal_id_CSD            0040 
_citation.book_publisher            ? 
_citation.pdbx_database_id_PubMed   16882724 
_citation.pdbx_database_id_DOI      10.1073/pnas.0602811103 
# 
loop_
_citation_author.citation_id 
_citation_author.name 
_citation_author.ordinal 
_citation_author.identifier_ORCID 
primary 'Park, S.'     1 ? 
primary 'Lowder, B.'   2 ? 
primary 'Bilwes, A.M.' 3 ? 
primary 'Blair, D.F.'  4 ? 
primary 'Crane, B.R.'  5 ? 
# 
loop_
_entity.id 
_entity.type 
_entity.src_method 
_entity.pdbx_description 
_entity.formula_weight 
_entity.pdbx_number_of_molecules 
_entity.pdbx_ec 
_entity.pdbx_mutation 
_entity.pdbx_fragment 
_entity.details 
1 polymer man 'Flagellar motor switch protein FliM' 21044.137 1   ? ? 'CheC-like domain' ? 
2 water   nat water                                 18.015    190 ? ? ?                  ? 
# 
_entity_poly.entity_id                      1 
_entity_poly.type                           'polypeptide(L)' 
_entity_poly.nstd_linkage                   no 
_entity_poly.nstd_monomer                   no 
_entity_poly.pdbx_seq_one_letter_code       
;PSKFSKEQLRTFQMIHENFGRALSTYLSGRLRTFVDVEISIDQLTYEEFIRSVMIPSFIVIFTGDVFEGSAIFEMRLDLF
YTMLDIIMGGPGENPPNRPPTEIETSIMRKEVTNMLTLLAQAWSDFQYFIPSIENVETNPQFVQIVPPNEIVLLVTASVS
WGEFTSFINVCWPFSLLEPLLEK
;
_entity_poly.pdbx_seq_one_letter_code_can   
;PSKFSKEQLRTFQMIHENFGRALSTYLSGRLRTFVDVEISIDQLTYEEFIRSVMIPSFIVIFTGDVFEGSAIFEMRLDLF
YTMLDIIMGGPGENPPNRPPTEIETSIMRKEVTNMLTLLAQAWSDFQYFIPSIENVETNPQFVQIVPPNEIVLLVTASVS
WGEFTSFINVCWPFSLLEPLLEK
;
_entity_poly.pdbx_strand_id                 A 
_entity_poly.pdbx_target_identifier         ? 
# 
_pdbx_entity_nonpoly.entity_id   2 
_pdbx_entity_nonpoly.name        water 
_pdbx_entity_nonpoly.comp_id     HOH 
# 
loop_
_entity_poly_seq.entity_id 
_entity_poly_seq.num 
_entity_poly_seq.mon_id 
_entity_poly_seq.hetero 
1 1   PRO n 
1 2   SER n 
1 3   LYS n 
1 4   PHE n 
1 5   SER n 
1 6   LYS n 
1 7   GLU n 
1 8   GLN n 
1 9   LEU n 
1 10  ARG n 
1 11  THR n 
1 12  PHE n 
1 13  GLN n 
1 14  MET n 
1 15  ILE n 
1 16  HIS n 
1 17  GLU n 
1 18  ASN n 
1 19  PHE n 
1 20  GLY n 
1 21  ARG n 
1 22  ALA n 
1 23  LEU n 
1 24  SER n 
1 25  THR n 
1 26  TYR n 
1 27  LEU n 
1 28  SER n 
1 29  GLY n 
1 30  ARG n 
1 31  LEU n 
1 32  ARG n 
1 33  THR n 
1 34  PHE n 
1 35  VAL n 
1 36  ASP n 
1 37  VAL n 
1 38  GLU n 
1 39  ILE n 
1 40  SER n 
1 41  ILE n 
1 42  ASP n 
1 43  GLN n 
1 44  LEU n 
1 45  THR n 
1 46  TYR n 
1 47  GLU n 
1 48  GLU n 
1 49  PHE n 
1 50  ILE n 
1 51  ARG n 
1 52  SER n 
1 53  VAL n 
1 54  MET n 
1 55  ILE n 
1 56  PRO n 
1 57  SER n 
1 58  PHE n 
1 59  ILE n 
1 60  VAL n 
1 61  ILE n 
1 62  PHE n 
1 63  THR n 
1 64  GLY n 
1 65  ASP n 
1 66  VAL n 
1 67  PHE n 
1 68  GLU n 
1 69  GLY n 
1 70  SER n 
1 71  ALA n 
1 72  ILE n 
1 73  PHE n 
1 74  GLU n 
1 75  MET n 
1 76  ARG n 
1 77  LEU n 
1 78  ASP n 
1 79  LEU n 
1 80  PHE n 
1 81  TYR n 
1 82  THR n 
1 83  MET n 
1 84  LEU n 
1 85  ASP n 
1 86  ILE n 
1 87  ILE n 
1 88  MET n 
1 89  GLY n 
1 90  GLY n 
1 91  PRO n 
1 92  GLY n 
1 93  GLU n 
1 94  ASN n 
1 95  PRO n 
1 96  PRO n 
1 97  ASN n 
1 98  ARG n 
1 99  PRO n 
1 100 PRO n 
1 101 THR n 
1 102 GLU n 
1 103 ILE n 
1 104 GLU n 
1 105 THR n 
1 106 SER n 
1 107 ILE n 
1 108 MET n 
1 109 ARG n 
1 110 LYS n 
1 111 GLU n 
1 112 VAL n 
1 113 THR n 
1 114 ASN n 
1 115 MET n 
1 116 LEU n 
1 117 THR n 
1 118 LEU n 
1 119 LEU n 
1 120 ALA n 
1 121 GLN n 
1 122 ALA n 
1 123 TRP n 
1 124 SER n 
1 125 ASP n 
1 126 PHE n 
1 127 GLN n 
1 128 TYR n 
1 129 PHE n 
1 130 ILE n 
1 131 PRO n 
1 132 SER n 
1 133 ILE n 
1 134 GLU n 
1 135 ASN n 
1 136 VAL n 
1 137 GLU n 
1 138 THR n 
1 139 ASN n 
1 140 PRO n 
1 141 GLN n 
1 142 PHE n 
1 143 VAL n 
1 144 GLN n 
1 145 ILE n 
1 146 VAL n 
1 147 PRO n 
1 148 PRO n 
1 149 ASN n 
1 150 GLU n 
1 151 ILE n 
1 152 VAL n 
1 153 LEU n 
1 154 LEU n 
1 155 VAL n 
1 156 THR n 
1 157 ALA n 
1 158 SER n 
1 159 VAL n 
1 160 SER n 
1 161 TRP n 
1 162 GLY n 
1 163 GLU n 
1 164 PHE n 
1 165 THR n 
1 166 SER n 
1 167 PHE n 
1 168 ILE n 
1 169 ASN n 
1 170 VAL n 
1 171 CYS n 
1 172 TRP n 
1 173 PRO n 
1 174 PHE n 
1 175 SER n 
1 176 LEU n 
1 177 LEU n 
1 178 GLU n 
1 179 PRO n 
1 180 LEU n 
1 181 LEU n 
1 182 GLU n 
1 183 LYS n 
# 
_entity_src_gen.entity_id                          1 
_entity_src_gen.pdbx_src_id                        1 
_entity_src_gen.pdbx_alt_source_flag               sample 
_entity_src_gen.pdbx_seq_type                      ? 
_entity_src_gen.pdbx_beg_seq_num                   ? 
_entity_src_gen.pdbx_end_seq_num                   ? 
_entity_src_gen.gene_src_common_name               ? 
_entity_src_gen.gene_src_genus                     Thermotoga 
_entity_src_gen.pdbx_gene_src_gene                 ? 
_entity_src_gen.gene_src_species                   ? 
_entity_src_gen.gene_src_strain                    ? 
_entity_src_gen.gene_src_tissue                    ? 
_entity_src_gen.gene_src_tissue_fraction           ? 
_entity_src_gen.gene_src_details                   ? 
_entity_src_gen.pdbx_gene_src_fragment             ? 
_entity_src_gen.pdbx_gene_src_scientific_name      'Thermotoga maritima' 
_entity_src_gen.pdbx_gene_src_ncbi_taxonomy_id     2336 
_entity_src_gen.pdbx_gene_src_variant              ? 
_entity_src_gen.pdbx_gene_src_cell_line            ? 
_entity_src_gen.pdbx_gene_src_atcc                 ? 
_entity_src_gen.pdbx_gene_src_organ                ? 
_entity_src_gen.pdbx_gene_src_organelle            ? 
_entity_src_gen.pdbx_gene_src_cell                 ? 
_entity_src_gen.pdbx_gene_src_cellular_location    ? 
_entity_src_gen.host_org_common_name               ? 
_entity_src_gen.pdbx_host_org_scientific_name      'Escherichia coli BL21(DE3)' 
_entity_src_gen.pdbx_host_org_ncbi_taxonomy_id     469008 
_entity_src_gen.host_org_genus                     Escherichia 
_entity_src_gen.pdbx_host_org_gene                 ? 
_entity_src_gen.pdbx_host_org_organ                ? 
_entity_src_gen.host_org_species                   'Escherichia coli' 
_entity_src_gen.pdbx_host_org_tissue               ? 
_entity_src_gen.pdbx_host_org_tissue_fraction      ? 
_entity_src_gen.pdbx_host_org_strain               'BL21(DE3)' 
_entity_src_gen.pdbx_host_org_variant              ? 
_entity_src_gen.pdbx_host_org_cell_line            ? 
_entity_src_gen.pdbx_host_org_atcc                 ? 
_entity_src_gen.pdbx_host_org_culture_collection   ? 
_entity_src_gen.pdbx_host_org_cell                 ? 
_entity_src_gen.pdbx_host_org_organelle            ? 
_entity_src_gen.pdbx_host_org_cellular_location    ? 
_entity_src_gen.pdbx_host_org_vector_type          plasmid 
_entity_src_gen.pdbx_host_org_vector               ? 
_entity_src_gen.host_org_details                   ? 
_entity_src_gen.expression_system_id               ? 
_entity_src_gen.plasmid_name                       pET28a 
_entity_src_gen.plasmid_details                    ? 
_entity_src_gen.pdbx_description                   ? 
# 
loop_
_chem_comp.id 
_chem_comp.type 
_chem_comp.mon_nstd_flag 
_chem_comp.name 
_chem_comp.pdbx_synonyms 
_chem_comp.formula 
_chem_comp.formula_weight 
ALA 'L-peptide linking' y ALANINE         ? 'C3 H7 N O2'     89.093  
ARG 'L-peptide linking' y ARGININE        ? 'C6 H15 N4 O2 1' 175.209 
ASN 'L-peptide linking' y ASPARAGINE      ? 'C4 H8 N2 O3'    132.118 
ASP 'L-peptide linking' y 'ASPARTIC ACID' ? 'C4 H7 N O4'     133.103 
CYS 'L-peptide linking' y CYSTEINE        ? 'C3 H7 N O2 S'   121.158 
GLN 'L-peptide linking' y GLUTAMINE       ? 'C5 H10 N2 O3'   146.144 
GLU 'L-peptide linking' y 'GLUTAMIC ACID' ? 'C5 H9 N O4'     147.129 
GLY 'peptide linking'   y GLYCINE         ? 'C2 H5 N O2'     75.067  
HIS 'L-peptide linking' y HISTIDINE       ? 'C6 H10 N3 O2 1' 156.162 
HOH non-polymer         . WATER           ? 'H2 O'           18.015  
ILE 'L-peptide linking' y ISOLEUCINE      ? 'C6 H13 N O2'    131.173 
LEU 'L-peptide linking' y LEUCINE         ? 'C6 H13 N O2'    131.173 
LYS 'L-peptide linking' y LYSINE          ? 'C6 H15 N2 O2 1' 147.195 
MET 'L-peptide linking' y METHIONINE      ? 'C5 H11 N O2 S'  149.211 
PHE 'L-peptide linking' y PHENYLALANINE   ? 'C9 H11 N O2'    165.189 
PRO 'L-peptide linking' y PROLINE         ? 'C5 H9 N O2'     115.130 
SER 'L-peptide linking' y SERINE          ? 'C3 H7 N O3'     105.093 
THR 'L-peptide linking' y THREONINE       ? 'C4 H9 N O3'     119.119 
TRP 'L-peptide linking' y TRYPTOPHAN      ? 'C11 H12 N2 O2'  204.225 
TYR 'L-peptide linking' y TYROSINE        ? 'C9 H11 N O3'    181.189 
VAL 'L-peptide linking' y VALINE          ? 'C5 H11 N O2'    117.146 
# 
loop_
_pdbx_poly_seq_scheme.asym_id 
_pdbx_poly_seq_scheme.entity_id 
_pdbx_poly_seq_scheme.seq_id 
_pdbx_poly_seq_scheme.mon_id 
_pdbx_poly_seq_scheme.ndb_seq_num 
_pdbx_poly_seq_scheme.pdb_seq_num 
_pdbx_poly_seq_scheme.auth_seq_num 
_pdbx_poly_seq_scheme.pdb_mon_id 
_pdbx_poly_seq_scheme.auth_mon_id 
_pdbx_poly_seq_scheme.pdb_strand_id 
_pdbx_poly_seq_scheme.pdb_ins_code 
_pdbx_poly_seq_scheme.hetero 
A 1 1   PRO 1   44  44  PRO PRO A . n 
A 1 2   SER 2   45  45  SER SER A . n 
A 1 3   LYS 3   46  46  LYS LYS A . n 
A 1 4   PHE 4   47  47  PHE PHE A . n 
A 1 5   SER 5   48  48  SER SER A . n 
A 1 6   LYS 6   49  49  LYS LYS A . n 
A 1 7   GLU 7   50  50  GLU GLU A . n 
A 1 8   GLN 8   51  51  GLN GLN A . n 
A 1 9   LEU 9   52  52  LEU LEU A . n 
A 1 10  ARG 10  53  53  ARG ARG A . n 
A 1 11  THR 11  54  54  THR THR A . n 
A 1 12  PHE 12  55  55  PHE PHE A . n 
A 1 13  GLN 13  56  56  GLN GLN A . n 
A 1 14  MET 14  57  57  MET MET A . n 
A 1 15  ILE 15  58  58  ILE ILE A . n 
A 1 16  HIS 16  59  59  HIS HIS A . n 
A 1 17  GLU 17  60  60  GLU GLU A . n 
A 1 18  ASN 18  61  61  ASN ASN A . n 
A 1 19  PHE 19  62  62  PHE PHE A . n 
A 1 20  GLY 20  63  63  GLY GLY A . n 
A 1 21  ARG 21  64  64  ARG ARG A . n 
A 1 22  ALA 22  65  65  ALA ALA A . n 
A 1 23  LEU 23  66  66  LEU LEU A . n 
A 1 24  SER 24  67  67  SER SER A . n 
A 1 25  THR 25  68  68  THR THR A . n 
A 1 26  TYR 26  69  69  TYR TYR A . n 
A 1 27  LEU 27  70  70  LEU LEU A . n 
A 1 28  SER 28  71  71  SER SER A . n 
A 1 29  GLY 29  72  72  GLY GLY A . n 
A 1 30  ARG 30  73  73  ARG ARG A . n 
A 1 31  LEU 31  74  74  LEU LEU A . n 
A 1 32  ARG 32  75  75  ARG ARG A . n 
A 1 33  THR 33  76  76  THR THR A . n 
A 1 34  PHE 34  77  77  PHE PHE A . n 
A 1 35  VAL 35  78  78  VAL VAL A . n 
A 1 36  ASP 36  79  79  ASP ASP A . n 
A 1 37  VAL 37  80  80  VAL VAL A . n 
A 1 38  GLU 38  81  81  GLU GLU A . n 
A 1 39  ILE 39  82  82  ILE ILE A . n 
A 1 40  SER 40  83  83  SER SER A . n 
A 1 41  ILE 41  84  84  ILE ILE A . n 
A 1 42  ASP 42  85  85  ASP ASP A . n 
A 1 43  GLN 43  86  86  GLN GLN A . n 
A 1 44  LEU 44  87  87  LEU LEU A . n 
A 1 45  THR 45  88  88  THR THR A . n 
A 1 46  TYR 46  89  89  TYR TYR A . n 
A 1 47  GLU 47  90  90  GLU GLU A . n 
A 1 48  GLU 48  91  91  GLU GLU A . n 
A 1 49  PHE 49  92  92  PHE PHE A . n 
A 1 50  ILE 50  93  93  ILE ILE A . n 
A 1 51  ARG 51  94  94  ARG ARG A . n 
A 1 52  SER 52  95  95  SER SER A . n 
A 1 53  VAL 53  96  96  VAL VAL A . n 
A 1 54  MET 54  97  97  MET MET A . n 
A 1 55  ILE 55  98  98  ILE ILE A . n 
A 1 56  PRO 56  99  99  PRO PRO A . n 
A 1 57  SER 57  100 100 SER SER A . n 
A 1 58  PHE 58  101 101 PHE PHE A . n 
A 1 59  ILE 59  102 102 ILE ILE A . n 
A 1 60  VAL 60  103 103 VAL VAL A . n 
A 1 61  ILE 61  104 104 ILE ILE A . n 
A 1 62  PHE 62  105 105 PHE PHE A . n 
A 1 63  THR 63  106 106 THR THR A . n 
A 1 64  GLY 64  107 107 GLY GLY A . n 
A 1 65  ASP 65  108 108 ASP ASP A . n 
A 1 66  VAL 66  109 109 VAL VAL A . n 
A 1 67  PHE 67  110 110 PHE PHE A . n 
A 1 68  GLU 68  111 111 GLU GLU A . n 
A 1 69  GLY 69  112 112 GLY GLY A . n 
A 1 70  SER 70  113 113 SER SER A . n 
A 1 71  ALA 71  114 114 ALA ALA A . n 
A 1 72  ILE 72  115 115 ILE ILE A . n 
A 1 73  PHE 73  116 116 PHE PHE A . n 
A 1 74  GLU 74  117 117 GLU GLU A . n 
A 1 75  MET 75  118 118 MET MET A . n 
A 1 76  ARG 76  119 119 ARG ARG A . n 
A 1 77  LEU 77  120 120 LEU LEU A . n 
A 1 78  ASP 78  121 121 ASP ASP A . n 
A 1 79  LEU 79  122 122 LEU LEU A . n 
A 1 80  PHE 80  123 123 PHE PHE A . n 
A 1 81  TYR 81  124 124 TYR TYR A . n 
A 1 82  THR 82  125 125 THR THR A . n 
A 1 83  MET 83  126 126 MET MET A . n 
A 1 84  LEU 84  127 127 LEU LEU A . n 
A 1 85  ASP 85  128 128 ASP ASP A . n 
A 1 86  ILE 86  129 129 ILE ILE A . n 
A 1 87  ILE 87  130 130 ILE ILE A . n 
A 1 88  MET 88  131 131 MET MET A . n 
A 1 89  GLY 89  132 132 GLY GLY A . n 
A 1 90  GLY 90  133 133 GLY GLY A . n 
A 1 91  PRO 91  134 ?   ?   ?   A . n 
A 1 92  GLY 92  135 ?   ?   ?   A . n 
A 1 93  GLU 93  136 ?   ?   ?   A . n 
A 1 94  ASN 94  137 ?   ?   ?   A . n 
A 1 95  PRO 95  138 138 PRO PRO A . n 
A 1 96  PRO 96  139 139 PRO PRO A . n 
A 1 97  ASN 97  140 140 ASN ASN A . n 
A 1 98  ARG 98  141 141 ARG ARG A . n 
A 1 99  PRO 99  142 142 PRO PRO A . n 
A 1 100 PRO 100 143 143 PRO PRO A . n 
A 1 101 THR 101 144 144 THR THR A . n 
A 1 102 GLU 102 145 145 GLU GLU A . n 
A 1 103 ILE 103 146 146 ILE ILE A . n 
A 1 104 GLU 104 147 147 GLU GLU A . n 
A 1 105 THR 105 148 148 THR THR A . n 
A 1 106 SER 106 149 149 SER SER A . n 
A 1 107 ILE 107 150 150 ILE ILE A . n 
A 1 108 MET 108 151 151 MET MET A . n 
A 1 109 ARG 109 152 152 ARG ARG A . n 
A 1 110 LYS 110 153 153 LYS LYS A . n 
A 1 111 GLU 111 154 154 GLU GLU A . n 
A 1 112 VAL 112 155 155 VAL VAL A . n 
A 1 113 THR 113 156 156 THR THR A . n 
A 1 114 ASN 114 157 157 ASN ASN A . n 
A 1 115 MET 115 158 158 MET MET A . n 
A 1 116 LEU 116 159 159 LEU LEU A . n 
A 1 117 THR 117 160 160 THR THR A . n 
A 1 118 LEU 118 161 161 LEU LEU A . n 
A 1 119 LEU 119 162 162 LEU LEU A . n 
A 1 120 ALA 120 163 163 ALA ALA A . n 
A 1 121 GLN 121 164 164 GLN GLN A . n 
A 1 122 ALA 122 165 165 ALA ALA A . n 
A 1 123 TRP 123 166 166 TRP TRP A . n 
A 1 124 SER 124 167 167 SER SER A . n 
A 1 125 ASP 125 168 168 ASP ASP A . n 
A 1 126 PHE 126 169 169 PHE PHE A . n 
A 1 127 GLN 127 170 170 GLN GLN A . n 
A 1 128 TYR 128 171 171 TYR TYR A . n 
A 1 129 PHE 129 172 172 PHE PHE A . n 
A 1 130 ILE 130 173 173 ILE ILE A . n 
A 1 131 PRO 131 174 174 PRO PRO A . n 
A 1 132 SER 132 175 175 SER SER A . n 
A 1 133 ILE 133 176 176 ILE ILE A . n 
A 1 134 GLU 134 177 177 GLU GLU A . n 
A 1 135 ASN 135 178 178 ASN ASN A . n 
A 1 136 VAL 136 179 179 VAL VAL A . n 
A 1 137 GLU 137 180 180 GLU GLU A . n 
A 1 138 THR 138 181 181 THR THR A . n 
A 1 139 ASN 139 182 182 ASN ASN A . n 
A 1 140 PRO 140 183 183 PRO PRO A . n 
A 1 141 GLN 141 184 184 GLN GLN A . n 
A 1 142 PHE 142 185 185 PHE PHE A . n 
A 1 143 VAL 143 186 186 VAL VAL A . n 
A 1 144 GLN 144 187 187 GLN GLN A . n 
A 1 145 ILE 145 188 188 ILE ILE A . n 
A 1 146 VAL 146 189 189 VAL VAL A . n 
A 1 147 PRO 147 190 190 PRO PRO A . n 
A 1 148 PRO 148 191 191 PRO PRO A . n 
A 1 149 ASN 149 192 192 ASN ASN A . n 
A 1 150 GLU 150 193 193 GLU GLU A . n 
A 1 151 ILE 151 194 194 ILE ILE A . n 
A 1 152 VAL 152 195 195 VAL VAL A . n 
A 1 153 LEU 153 196 196 LEU LEU A . n 
A 1 154 LEU 154 197 197 LEU LEU A . n 
A 1 155 VAL 155 198 198 VAL VAL A . n 
A 1 156 THR 156 199 199 THR THR A . n 
A 1 157 ALA 157 200 200 ALA ALA A . n 
A 1 158 SER 158 201 201 SER SER A . n 
A 1 159 VAL 159 202 202 VAL VAL A . n 
A 1 160 SER 160 203 203 SER SER A . n 
A 1 161 TRP 161 204 204 TRP TRP A . n 
A 1 162 GLY 162 205 205 GLY GLY A . n 
A 1 163 GLU 163 206 206 GLU GLU A . n 
A 1 164 PHE 164 207 207 PHE PHE A . n 
A 1 165 THR 165 208 208 THR THR A . n 
A 1 166 SER 166 209 209 SER SER A . n 
A 1 167 PHE 167 210 210 PHE PHE A . n 
A 1 168 ILE 168 211 211 ILE ILE A . n 
A 1 169 ASN 169 212 212 ASN ASN A . n 
A 1 170 VAL 170 213 213 VAL VAL A . n 
A 1 171 CYS 171 214 214 CYS CYS A . n 
A 1 172 TRP 172 215 215 TRP TRP A . n 
A 1 173 PRO 173 216 216 PRO PRO A . n 
A 1 174 PHE 174 217 217 PHE PHE A . n 
A 1 175 SER 175 218 218 SER SER A . n 
A 1 176 LEU 176 219 219 LEU LEU A . n 
A 1 177 LEU 177 220 220 LEU LEU A . n 
A 1 178 GLU 178 221 221 GLU GLU A . n 
A 1 179 PRO 179 222 222 PRO PRO A . n 
A 1 180 LEU 180 223 223 LEU LEU A . n 
A 1 181 LEU 181 224 224 LEU LEU A . n 
A 1 182 GLU 182 225 225 GLU GLU A . n 
A 1 183 LYS 183 226 226 LYS LYS A . n 
# 
loop_
_pdbx_nonpoly_scheme.asym_id 
_pdbx_nonpoly_scheme.entity_id 
_pdbx_nonpoly_scheme.mon_id 
_pdbx_nonpoly_scheme.ndb_seq_num 
_pdbx_nonpoly_scheme.pdb_seq_num 
_pdbx_nonpoly_scheme.auth_seq_num 
_pdbx_nonpoly_scheme.pdb_mon_id 
_pdbx_nonpoly_scheme.auth_mon_id 
_pdbx_nonpoly_scheme.pdb_strand_id 
_pdbx_nonpoly_scheme.pdb_ins_code 
B 2 HOH 1   1000 1000 HOH HOH A . 
B 2 HOH 2   1001 1001 HOH HOH A . 
B 2 HOH 3   1002 1002 HOH HOH A . 
B 2 HOH 4   1003 1003 HOH HOH A . 
B 2 HOH 5   1004 1004 HOH HOH A . 
B 2 HOH 6   1005 1005 HOH HOH A . 
B 2 HOH 7   1006 1006 HOH HOH A . 
B 2 HOH 8   1007 1007 HOH HOH A . 
B 2 HOH 9   1008 1008 HOH HOH A . 
B 2 HOH 10  1009 1009 HOH HOH A . 
B 2 HOH 11  1010 1010 HOH HOH A . 
B 2 HOH 12  1011 1011 HOH HOH A . 
B 2 HOH 13  1012 1012 HOH HOH A . 
B 2 HOH 14  1013 1013 HOH HOH A . 
B 2 HOH 15  1014 1014 HOH HOH A . 
B 2 HOH 16  1015 1015 HOH HOH A . 
B 2 HOH 17  1016 1016 HOH HOH A . 
B 2 HOH 18  1017 1017 HOH HOH A . 
B 2 HOH 19  1018 1018 HOH HOH A . 
B 2 HOH 20  1019 1019 HOH HOH A . 
B 2 HOH 21  1020 1020 HOH HOH A . 
B 2 HOH 22  1021 1021 HOH HOH A . 
B 2 HOH 23  1022 1022 HOH HOH A . 
B 2 HOH 24  1023 1023 HOH HOH A . 
B 2 HOH 25  1024 1024 HOH HOH A . 
B 2 HOH 26  1025 1025 HOH HOH A . 
B 2 HOH 27  1026 1026 HOH HOH A . 
B 2 HOH 28  1027 1027 HOH HOH A . 
B 2 HOH 29  1028 1028 HOH HOH A . 
B 2 HOH 30  1029 1029 HOH HOH A . 
B 2 HOH 31  1030 1030 HOH HOH A . 
B 2 HOH 32  1031 1031 HOH HOH A . 
B 2 HOH 33  1032 1032 HOH HOH A . 
B 2 HOH 34  1033 1033 HOH HOH A . 
B 2 HOH 35  1034 1034 HOH HOH A . 
B 2 HOH 36  1035 1035 HOH HOH A . 
B 2 HOH 37  1036 1036 HOH HOH A . 
B 2 HOH 38  1037 1037 HOH HOH A . 
B 2 HOH 39  1038 1038 HOH HOH A . 
B 2 HOH 40  1039 1039 HOH HOH A . 
B 2 HOH 41  1040 1040 HOH HOH A . 
B 2 HOH 42  1041 1041 HOH HOH A . 
B 2 HOH 43  1042 1042 HOH HOH A . 
B 2 HOH 44  1043 1043 HOH HOH A . 
B 2 HOH 45  1044 1044 HOH HOH A . 
B 2 HOH 46  1045 1045 HOH HOH A . 
B 2 HOH 47  1046 1046 HOH HOH A . 
B 2 HOH 48  1047 1047 HOH HOH A . 
B 2 HOH 49  1048 1048 HOH HOH A . 
B 2 HOH 50  1049 1049 HOH HOH A . 
B 2 HOH 51  1050 1050 HOH HOH A . 
B 2 HOH 52  1051 1051 HOH HOH A . 
B 2 HOH 53  1052 1052 HOH HOH A . 
B 2 HOH 54  1053 1053 HOH HOH A . 
B 2 HOH 55  1054 1054 HOH HOH A . 
B 2 HOH 56  1055 1055 HOH HOH A . 
B 2 HOH 57  1056 1056 HOH HOH A . 
B 2 HOH 58  1057 1057 HOH HOH A . 
B 2 HOH 59  1058 1058 HOH HOH A . 
B 2 HOH 60  1059 1059 HOH HOH A . 
B 2 HOH 61  1060 1060 HOH HOH A . 
B 2 HOH 62  1061 1061 HOH HOH A . 
B 2 HOH 63  1062 1062 HOH HOH A . 
B 2 HOH 64  1063 1063 HOH HOH A . 
B 2 HOH 65  1064 1064 HOH HOH A . 
B 2 HOH 66  1065 1065 HOH HOH A . 
B 2 HOH 67  1066 1066 HOH HOH A . 
B 2 HOH 68  1067 1067 HOH HOH A . 
B 2 HOH 69  1068 1068 HOH HOH A . 
B 2 HOH 70  1069 1069 HOH HOH A . 
B 2 HOH 71  1070 1070 HOH HOH A . 
B 2 HOH 72  1071 1071 HOH HOH A . 
B 2 HOH 73  1072 1072 HOH HOH A . 
B 2 HOH 74  1073 1073 HOH HOH A . 
B 2 HOH 75  1074 1074 HOH HOH A . 
B 2 HOH 76  1075 1075 HOH HOH A . 
B 2 HOH 77  1076 1076 HOH HOH A . 
B 2 HOH 78  1077 1077 HOH HOH A . 
B 2 HOH 79  1078 1078 HOH HOH A . 
B 2 HOH 80  1079 1079 HOH HOH A . 
B 2 HOH 81  1080 1080 HOH HOH A . 
B 2 HOH 82  1081 1081 HOH HOH A . 
B 2 HOH 83  1082 1082 HOH HOH A . 
B 2 HOH 84  1083 1083 HOH HOH A . 
B 2 HOH 85  1084 1084 HOH HOH A . 
B 2 HOH 86  1085 1085 HOH HOH A . 
B 2 HOH 87  1086 1086 HOH HOH A . 
B 2 HOH 88  1087 1087 HOH HOH A . 
B 2 HOH 89  1088 1088 HOH HOH A . 
B 2 HOH 90  1089 1089 HOH HOH A . 
B 2 HOH 91  1090 1090 HOH HOH A . 
B 2 HOH 92  1091 1091 HOH HOH A . 
B 2 HOH 93  1092 1092 HOH HOH A . 
B 2 HOH 94  1093 1093 HOH HOH A . 
B 2 HOH 95  1094 1094 HOH HOH A . 
B 2 HOH 96  1095 1095 HOH HOH A . 
B 2 HOH 97  1096 1096 HOH HOH A . 
B 2 HOH 98  1097 1097 HOH HOH A . 
B 2 HOH 99  1098 1098 HOH HOH A . 
B 2 HOH 100 1099 1099 HOH HOH A . 
B 2 HOH 101 1100 1100 HOH HOH A . 
B 2 HOH 102 1101 1101 HOH HOH A . 
B 2 HOH 103 1102 1102 HOH HOH A . 
B 2 HOH 104 1103 1103 HOH HOH A . 
B 2 HOH 105 1104 1104 HOH HOH A . 
B 2 HOH 106 1105 1105 HOH HOH A . 
B 2 HOH 107 1106 1106 HOH HOH A . 
B 2 HOH 108 1107 1107 HOH HOH A . 
B 2 HOH 109 1108 1108 HOH HOH A . 
B 2 HOH 110 1109 1109 HOH HOH A . 
B 2 HOH 111 1110 1110 HOH HOH A . 
B 2 HOH 112 1111 1111 HOH HOH A . 
B 2 HOH 113 1112 1112 HOH HOH A . 
B 2 HOH 114 1113 1113 HOH HOH A . 
B 2 HOH 115 1114 1114 HOH HOH A . 
B 2 HOH 116 1115 1115 HOH HOH A . 
B 2 HOH 117 1116 1116 HOH HOH A . 
B 2 HOH 118 1117 1117 HOH HOH A . 
B 2 HOH 119 1118 1118 HOH HOH A . 
B 2 HOH 120 1119 1119 HOH HOH A . 
B 2 HOH 121 1120 1120 HOH HOH A . 
B 2 HOH 122 1121 1121 HOH HOH A . 
B 2 HOH 123 1122 1122 HOH HOH A . 
B 2 HOH 124 1123 1123 HOH HOH A . 
B 2 HOH 125 1124 1124 HOH HOH A . 
B 2 HOH 126 1125 1125 HOH HOH A . 
B 2 HOH 127 1126 1126 HOH HOH A . 
B 2 HOH 128 1127 1127 HOH HOH A . 
B 2 HOH 129 1128 1128 HOH HOH A . 
B 2 HOH 130 1129 1129 HOH HOH A . 
B 2 HOH 131 1130 1130 HOH HOH A . 
B 2 HOH 132 1131 1131 HOH HOH A . 
B 2 HOH 133 1132 1132 HOH HOH A . 
B 2 HOH 134 1133 1133 HOH HOH A . 
B 2 HOH 135 1134 1134 HOH HOH A . 
B 2 HOH 136 1135 1135 HOH HOH A . 
B 2 HOH 137 1136 1136 HOH HOH A . 
B 2 HOH 138 1137 1137 HOH HOH A . 
B 2 HOH 139 1138 1138 HOH HOH A . 
B 2 HOH 140 1139 1139 HOH HOH A . 
B 2 HOH 141 1140 1140 HOH HOH A . 
B 2 HOH 142 1141 1141 HOH HOH A . 
B 2 HOH 143 1142 1142 HOH HOH A . 
B 2 HOH 144 1143 1143 HOH HOH A . 
B 2 HOH 145 1144 1144 HOH HOH A . 
B 2 HOH 146 1145 1145 HOH HOH A . 
B 2 HOH 147 1146 1146 HOH HOH A . 
B 2 HOH 148 1147 1147 HOH HOH A . 
B 2 HOH 149 1148 1148 HOH HOH A . 
B 2 HOH 150 1149 1149 HOH HOH A . 
B 2 HOH 151 1150 1150 HOH HOH A . 
B 2 HOH 152 1151 1151 HOH HOH A . 
B 2 HOH 153 1152 1152 HOH HOH A . 
B 2 HOH 154 1153 1153 HOH HOH A . 
B 2 HOH 155 1154 1154 HOH HOH A . 
B 2 HOH 156 1155 1155 HOH HOH A . 
B 2 HOH 157 1156 1156 HOH HOH A . 
B 2 HOH 158 1157 1157 HOH HOH A . 
B 2 HOH 159 1158 1158 HOH HOH A . 
B 2 HOH 160 1159 1159 HOH HOH A . 
B 2 HOH 161 1160 1160 HOH HOH A . 
B 2 HOH 162 1161 1161 HOH HOH A . 
B 2 HOH 163 1162 1162 HOH HOH A . 
B 2 HOH 164 1163 1163 HOH HOH A . 
B 2 HOH 165 1164 1164 HOH HOH A . 
B 2 HOH 166 1165 1165 HOH HOH A . 
B 2 HOH 167 1166 1166 HOH HOH A . 
B 2 HOH 168 1167 1167 HOH HOH A . 
B 2 HOH 169 1168 1168 HOH HOH A . 
B 2 HOH 170 1169 1169 HOH HOH A . 
B 2 HOH 171 1170 1170 HOH HOH A . 
B 2 HOH 172 1171 1171 HOH HOH A . 
B 2 HOH 173 1172 1172 HOH HOH A . 
B 2 HOH 174 1173 1173 HOH HOH A . 
B 2 HOH 175 1174 1174 HOH HOH A . 
B 2 HOH 176 1175 1175 HOH HOH A . 
B 2 HOH 177 1176 1176 HOH HOH A . 
B 2 HOH 178 1177 1177 HOH HOH A . 
B 2 HOH 179 1178 1178 HOH HOH A . 
B 2 HOH 180 1179 1179 HOH HOH A . 
B 2 HOH 181 1180 1180 HOH HOH A . 
B 2 HOH 182 1181 1181 HOH HOH A . 
B 2 HOH 183 1182 1182 HOH HOH A . 
B 2 HOH 184 1183 1183 HOH HOH A . 
B 2 HOH 185 1184 1184 HOH HOH A . 
B 2 HOH 186 1185 1185 HOH HOH A . 
B 2 HOH 187 1186 1186 HOH HOH A . 
B 2 HOH 188 1187 1187 HOH HOH A . 
B 2 HOH 189 1188 1188 HOH HOH A . 
B 2 HOH 190 1189 1189 HOH HOH A . 
# 
loop_
_software.name 
_software.classification 
_software.version 
_software.citation_id 
_software.pdbx_ordinal 
SOLVE    phasing          . ? 1 
CNS      refinement       . ? 2 
HKL-2000 'data reduction' . ? 3 
HKL-2000 'data scaling'   . ? 4 
# 
_cell.entry_id           2HP7 
_cell.length_a           53.367 
_cell.length_b           53.367 
_cell.length_c           130.028 
_cell.angle_alpha        90.00 
_cell.angle_beta         90.00 
_cell.angle_gamma        90.00 
_cell.Z_PDB              8 
_cell.pdbx_unique_axis   ? 
_cell.length_a_esd       ? 
_cell.length_b_esd       ? 
_cell.length_c_esd       ? 
_cell.angle_alpha_esd    ? 
_cell.angle_beta_esd     ? 
_cell.angle_gamma_esd    ? 
# 
_symmetry.entry_id                         2HP7 
_symmetry.space_group_name_H-M             'P 43 21 2' 
_symmetry.pdbx_full_space_group_name_H-M   ? 
_symmetry.cell_setting                     ? 
_symmetry.Int_Tables_number                96 
_symmetry.space_group_name_Hall            ? 
# 
_exptl.entry_id          2HP7 
_exptl.method            'X-RAY DIFFRACTION' 
_exptl.crystals_number   3 
# 
loop_
_exptl_crystal.id 
_exptl_crystal.density_meas 
_exptl_crystal.density_Matthews 
_exptl_crystal.density_percent_sol 
_exptl_crystal.description 
_exptl_crystal.F_000 
_exptl_crystal.preparation 
1 ? 2.20 44.05 ? ? ? 
2 ? ?    ?     ? ? ? 
# 
loop_
_exptl_crystal_grow.crystal_id 
_exptl_crystal_grow.method 
_exptl_crystal_grow.temp 
_exptl_crystal_grow.temp_details 
_exptl_crystal_grow.pH 
_exptl_crystal_grow.pdbx_details 
_exptl_crystal_grow.pdbx_pH_range 
1 'VAPOR DIFFUSION, HANGING DROP' 298 ? 8.5 
'30-40% PEG 4K, 0.1M TrisHCL pH 8.5, 0.2 M sodium acetate, VAPOR DIFFUSION, HANGING DROP, temperature 298K' . 
2 'VAPOR DIFFUSION, HANGING DROP' 298 ? 7.5 
'0.8 M Na K tartrate, 0.1M HEPES, pH 7.5, VAPOR DIFFUSION, HANGING DROP, temperature 298K'                  . 
# 
loop_
_diffrn.id 
_diffrn.ambient_temp 
_diffrn.ambient_temp_details 
_diffrn.crystal_id 
1 100 ? 1 
2 ?   ? 1 
# 
loop_
_diffrn_detector.diffrn_id 
_diffrn_detector.detector 
_diffrn_detector.type 
_diffrn_detector.pdbx_collection_date 
_diffrn_detector.details 
1 CCD 'ADSC QUANTUM 4'   2005-05-20 ? 
2 CCD 'ADSC QUANTUM 315' 2005-01-29 ? 
# 
_diffrn_radiation.diffrn_id                        1 
_diffrn_radiation.wavelength_id                    1 
_diffrn_radiation.pdbx_monochromatic_or_laue_m_l   M 
_diffrn_radiation.monochromator                    ? 
_diffrn_radiation.pdbx_diffrn_protocol             MAD 
_diffrn_radiation.pdbx_scattering_type             x-ray 
# 
loop_
_diffrn_radiation_wavelength.id 
_diffrn_radiation_wavelength.wavelength 
_diffrn_radiation_wavelength.wt 
1 0.9795  1.0 
2 1.0062  1.0 
3 1.00936 1.0 
4 0.9686  1.0 
# 
loop_
_diffrn_source.diffrn_id 
_diffrn_source.source 
_diffrn_source.type 
_diffrn_source.pdbx_synchrotron_site 
_diffrn_source.pdbx_synchrotron_beamline 
_diffrn_source.pdbx_wavelength 
_diffrn_source.pdbx_wavelength_list 
1 SYNCHROTRON 'CHESS BEAMLINE F2' CHESS F2  ? 0.9795                    
2 SYNCHROTRON 'NSLS BEAMLINE X25' NSLS  X25 ? '1.0062, 1.00936, 0.9686' 
# 
_reflns.entry_id                     2HP7 
_reflns.observed_criterion_sigma_I   2.000 
_reflns.observed_criterion_sigma_F   ? 
_reflns.d_resolution_low             30.000 
_reflns.d_resolution_high            2.000 
_reflns.number_obs                   12473 
_reflns.number_all                   ? 
_reflns.percent_possible_obs         98.0 
_reflns.pdbx_Rmerge_I_obs            0.077 
_reflns.pdbx_Rsym_value              ? 
_reflns.pdbx_netI_over_sigmaI        31.0000 
_reflns.B_iso_Wilson_estimate        25.00 
_reflns.pdbx_redundancy              11.7 
_reflns.R_free_details               ? 
_reflns.limit_h_max                  ? 
_reflns.limit_h_min                  ? 
_reflns.limit_k_max                  ? 
_reflns.limit_k_min                  ? 
_reflns.limit_l_max                  ? 
_reflns.limit_l_min                  ? 
_reflns.observed_criterion_F_max     ? 
_reflns.observed_criterion_F_min     ? 
_reflns.pdbx_chi_squared             ? 
_reflns.pdbx_scaling_rejects         ? 
_reflns.pdbx_diffrn_id               1 
_reflns.pdbx_ordinal                 1 
# 
_reflns_shell.d_res_high             2.00 
_reflns_shell.d_res_low              2.07 
_reflns_shell.percent_possible_all   96.3 
_reflns_shell.Rmerge_I_obs           0.436 
_reflns_shell.pdbx_Rsym_value        ? 
_reflns_shell.meanI_over_sigI_obs    11.000 
_reflns_shell.pdbx_redundancy        9.8 
_reflns_shell.percent_possible_obs   ? 
_reflns_shell.number_unique_all      ? 
_reflns_shell.number_measured_all    ? 
_reflns_shell.number_measured_obs    ? 
_reflns_shell.number_unique_obs      ? 
_reflns_shell.pdbx_chi_squared       ? 
_reflns_shell.pdbx_diffrn_id         ? 
_reflns_shell.pdbx_ordinal           1 
# 
_refine.entry_id                                 2HP7 
_refine.ls_number_reflns_obs                     12473 
_refine.ls_number_reflns_all                     12473 
_refine.pdbx_ls_sigma_I                          ? 
_refine.pdbx_ls_sigma_F                          2.000 
_refine.pdbx_data_cutoff_high_absF               ? 
_refine.pdbx_data_cutoff_low_absF                ? 
_refine.pdbx_data_cutoff_high_rms_absF           ? 
_refine.ls_d_res_low                             30.00 
_refine.ls_d_res_high                            2.00 
_refine.ls_percent_reflns_obs                    97.7 
_refine.ls_R_factor_obs                          0.224 
_refine.ls_R_factor_all                          ? 
_refine.ls_R_factor_R_work                       0.224 
_refine.ls_R_factor_R_free                       0.249 
_refine.ls_R_factor_R_free_error                 ? 
_refine.ls_R_factor_R_free_error_details         ? 
_refine.ls_percent_reflns_R_free                 10 
_refine.ls_number_reflns_R_free                  1283 
_refine.ls_number_parameters                     ? 
_refine.ls_number_restraints                     ? 
_refine.occupancy_min                            ? 
_refine.occupancy_max                            ? 
_refine.correlation_coeff_Fo_to_Fc               ? 
_refine.correlation_coeff_Fo_to_Fc_free          ? 
_refine.B_iso_mean                               32 
_refine.aniso_B[1][1]                            -0.061 
_refine.aniso_B[2][2]                            -0.061 
_refine.aniso_B[3][3]                            0.121 
_refine.aniso_B[1][2]                            0.0 
_refine.aniso_B[1][3]                            0.0 
_refine.aniso_B[2][3]                            0.0 
_refine.solvent_model_details                    ? 
_refine.solvent_model_param_ksol                 ? 
_refine.solvent_model_param_bsol                 ? 
_refine.pdbx_solvent_vdw_probe_radii             ? 
_refine.pdbx_solvent_ion_probe_radii             ? 
_refine.pdbx_solvent_shrinkage_radii             ? 
_refine.pdbx_ls_cross_valid_method               ? 
_refine.details                                  ? 
_refine.pdbx_starting_model                      ? 
_refine.pdbx_method_to_determine_struct          MAD 
_refine.pdbx_isotropic_thermal_model             ? 
_refine.pdbx_stereochemistry_target_values       ? 
_refine.pdbx_stereochem_target_val_spec_case     ? 
_refine.pdbx_R_Free_selection_details            ? 
_refine.pdbx_overall_ESU_R                       ? 
_refine.pdbx_overall_ESU_R_Free                  ? 
_refine.overall_SU_ML                            ? 
_refine.overall_SU_B                             ? 
_refine.ls_redundancy_reflns_obs                 ? 
_refine.B_iso_min                                ? 
_refine.B_iso_max                                ? 
_refine.overall_SU_R_Cruickshank_DPI             ? 
_refine.overall_SU_R_free                        ? 
_refine.ls_wR_factor_R_free                      ? 
_refine.ls_wR_factor_R_work                      ? 
_refine.overall_FOM_free_R_set                   ? 
_refine.overall_FOM_work_R_set                   ? 
_refine.pdbx_refine_id                           'X-RAY DIFFRACTION' 
_refine.pdbx_diffrn_id                           1 
_refine.pdbx_TLS_residual_ADP_flag               ? 
_refine.pdbx_overall_phase_error                 ? 
_refine.pdbx_overall_SU_R_free_Cruickshank_DPI   ? 
_refine.pdbx_overall_SU_R_Blow_DPI               ? 
_refine.pdbx_overall_SU_R_free_Blow_DPI          ? 
# 
_refine_hist.pdbx_refine_id                   'X-RAY DIFFRACTION' 
_refine_hist.cycle_id                         LAST 
_refine_hist.pdbx_number_atoms_protein        1455 
_refine_hist.pdbx_number_atoms_nucleic_acid   0 
_refine_hist.pdbx_number_atoms_ligand         0 
_refine_hist.number_atoms_solvent             190 
_refine_hist.number_atoms_total               1645 
_refine_hist.d_res_high                       2.00 
_refine_hist.d_res_low                        30.00 
# 
loop_
_refine_ls_restr.type 
_refine_ls_restr.dev_ideal 
_refine_ls_restr.dev_ideal_target 
_refine_ls_restr.weight 
_refine_ls_restr.number 
_refine_ls_restr.pdbx_refine_id 
_refine_ls_restr.pdbx_restraint_function 
c_bond_d                0.007 ? ? ? 'X-RAY DIFFRACTION' ? 
c_bond_d_na             ?     ? ? ? 'X-RAY DIFFRACTION' ? 
c_bond_d_prot           ?     ? ? ? 'X-RAY DIFFRACTION' ? 
c_angle_d               ?     ? ? ? 'X-RAY DIFFRACTION' ? 
c_angle_d_na            ?     ? ? ? 'X-RAY DIFFRACTION' ? 
c_angle_d_prot          ?     ? ? ? 'X-RAY DIFFRACTION' ? 
c_angle_deg             1.40  ? ? ? 'X-RAY DIFFRACTION' ? 
c_angle_deg_na          ?     ? ? ? 'X-RAY DIFFRACTION' ? 
c_angle_deg_prot        ?     ? ? ? 'X-RAY DIFFRACTION' ? 
c_dihedral_angle_d      ?     ? ? ? 'X-RAY DIFFRACTION' ? 
c_dihedral_angle_d_na   ?     ? ? ? 'X-RAY DIFFRACTION' ? 
c_dihedral_angle_d_prot ?     ? ? ? 'X-RAY DIFFRACTION' ? 
c_improper_angle_d      ?     ? ? ? 'X-RAY DIFFRACTION' ? 
c_improper_angle_d_na   ?     ? ? ? 'X-RAY DIFFRACTION' ? 
c_improper_angle_d_prot ?     ? ? ? 'X-RAY DIFFRACTION' ? 
c_mcbond_it             ?     ? ? ? 'X-RAY DIFFRACTION' ? 
c_mcangle_it            ?     ? ? ? 'X-RAY DIFFRACTION' ? 
c_scbond_it             ?     ? ? ? 'X-RAY DIFFRACTION' ? 
c_scangle_it            ?     ? ? ? 'X-RAY DIFFRACTION' ? 
# 
_struct.entry_id                  2HP7 
_struct.title                     
'Structure of FliM provides insight into assembly of the switch complex in the bacterial flagella motor' 
_struct.pdbx_model_details        ? 
_struct.pdbx_CASP_flag            ? 
_struct.pdbx_model_type_details   ? 
# 
_struct_keywords.entry_id        2HP7 
_struct_keywords.pdbx_keywords   'SIGNALING PROTEIN' 
_struct_keywords.text            'bacterial chemotaxis, flagellar switch complex, Signaling Protein' 
# 
loop_
_struct_asym.id 
_struct_asym.pdbx_blank_PDB_chainid_flag 
_struct_asym.pdbx_modified 
_struct_asym.entity_id 
_struct_asym.details 
A N N 1 ? 
B N N 2 ? 
# 
_struct_ref.id                         1 
_struct_ref.db_name                    UNP 
_struct_ref.db_code                    Q9WZE6_THEMA 
_struct_ref.pdbx_db_accession          Q9WZE6 
_struct_ref.entity_id                  1 
_struct_ref.pdbx_seq_one_letter_code   
;PSKFSKEQLRTFQMIHENFGRALSTYLSGRLRTFVDVEISIDQLTYEEFIRSVMIPSFIVIFTGDVFEGSAIFEMRLDLF
YTMLDIIMGGPGENPPNRPPTEIETSIMRKEVTNMLTLLAQAWSDFQYFIPSIENVETNPQFVQIVPPNEIVLLVTASVS
WGEFTSFINVCWPFSLLEPLLEK
;
_struct_ref.pdbx_align_begin           44 
_struct_ref.pdbx_db_isoform            ? 
# 
_struct_ref_seq.align_id                      1 
_struct_ref_seq.ref_id                        1 
_struct_ref_seq.pdbx_PDB_id_code              2HP7 
_struct_ref_seq.pdbx_strand_id                A 
_struct_ref_seq.seq_align_beg                 1 
_struct_ref_seq.pdbx_seq_align_beg_ins_code   ? 
_struct_ref_seq.seq_align_end                 183 
_struct_ref_seq.pdbx_seq_align_end_ins_code   ? 
_struct_ref_seq.pdbx_db_accession             Q9WZE6 
_struct_ref_seq.db_align_beg                  44 
_struct_ref_seq.pdbx_db_align_beg_ins_code    ? 
_struct_ref_seq.db_align_end                  226 
_struct_ref_seq.pdbx_db_align_end_ins_code    ? 
_struct_ref_seq.pdbx_auth_seq_align_beg       44 
_struct_ref_seq.pdbx_auth_seq_align_end       226 
# 
_pdbx_struct_assembly.id                   1 
_pdbx_struct_assembly.details              author_defined_assembly 
_pdbx_struct_assembly.method_details       ? 
_pdbx_struct_assembly.oligomeric_details   monomeric 
_pdbx_struct_assembly.oligomeric_count     1 
# 
_pdbx_struct_assembly_gen.assembly_id       1 
_pdbx_struct_assembly_gen.oper_expression   1 
_pdbx_struct_assembly_gen.asym_id_list      A,B 
# 
_pdbx_struct_oper_list.id                   1 
_pdbx_struct_oper_list.type                 'identity operation' 
_pdbx_struct_oper_list.name                 1_555 
_pdbx_struct_oper_list.symmetry_operation   x,y,z 
_pdbx_struct_oper_list.matrix[1][1]         1.0000000000 
_pdbx_struct_oper_list.matrix[1][2]         0.0000000000 
_pdbx_struct_oper_list.matrix[1][3]         0.0000000000 
_pdbx_struct_oper_list.vector[1]            0.0000000000 
_pdbx_struct_oper_list.matrix[2][1]         0.0000000000 
_pdbx_struct_oper_list.matrix[2][2]         1.0000000000 
_pdbx_struct_oper_list.matrix[2][3]         0.0000000000 
_pdbx_struct_oper_list.vector[2]            0.0000000000 
_pdbx_struct_oper_list.matrix[3][1]         0.0000000000 
_pdbx_struct_oper_list.matrix[3][2]         0.0000000000 
_pdbx_struct_oper_list.matrix[3][3]         1.0000000000 
_pdbx_struct_oper_list.vector[3]            0.0000000000 
# 
_struct_biol.id                    1 
_struct_biol.details               'biological assembly not known. One molecule per AU' 
_struct_biol.pdbx_parent_biol_id   ? 
# 
loop_
_struct_conf.conf_type_id 
_struct_conf.id 
_struct_conf.pdbx_PDB_helix_id 
_struct_conf.beg_label_comp_id 
_struct_conf.beg_label_asym_id 
_struct_conf.beg_label_seq_id 
_struct_conf.pdbx_beg_PDB_ins_code 
_struct_conf.end_label_comp_id 
_struct_conf.end_label_asym_id 
_struct_conf.end_label_seq_id 
_struct_conf.pdbx_end_PDB_ins_code 
_struct_conf.beg_auth_comp_id 
_struct_conf.beg_auth_asym_id 
_struct_conf.beg_auth_seq_id 
_struct_conf.end_auth_comp_id 
_struct_conf.end_auth_asym_id 
_struct_conf.end_auth_seq_id 
_struct_conf.pdbx_PDB_helix_class 
_struct_conf.details 
_struct_conf.pdbx_PDB_helix_length 
HELX_P HELX_P1 1 SER A 5   ? ARG A 32  ? SER A 48  ARG A 75  1 ? 28 
HELX_P HELX_P2 2 TYR A 46  ? VAL A 53  ? TYR A 89  VAL A 96  1 ? 8  
HELX_P HELX_P3 3 ARG A 76  ? GLY A 89  ? ARG A 119 GLY A 132 1 ? 14 
HELX_P HELX_P4 4 THR A 101 ? TRP A 123 ? THR A 144 TRP A 166 1 ? 23 
HELX_P HELX_P5 5 TRP A 123 ? TYR A 128 ? TRP A 166 TYR A 171 1 ? 6  
HELX_P HELX_P6 6 ASN A 139 ? VAL A 143 ? ASN A 182 VAL A 186 5 ? 5  
HELX_P HELX_P7 7 PHE A 174 ? LYS A 183 ? PHE A 217 LYS A 226 1 ? 10 
# 
_struct_conf_type.id          HELX_P 
_struct_conf_type.criteria    ? 
_struct_conf_type.reference   ? 
# 
_struct_mon_prot_cis.pdbx_id                1 
_struct_mon_prot_cis.label_comp_id          ILE 
_struct_mon_prot_cis.label_seq_id           55 
_struct_mon_prot_cis.label_asym_id          A 
_struct_mon_prot_cis.label_alt_id           . 
_struct_mon_prot_cis.pdbx_PDB_ins_code      ? 
_struct_mon_prot_cis.auth_comp_id           ILE 
_struct_mon_prot_cis.auth_seq_id            98 
_struct_mon_prot_cis.auth_asym_id           A 
_struct_mon_prot_cis.pdbx_label_comp_id_2   PRO 
_struct_mon_prot_cis.pdbx_label_seq_id_2    56 
_struct_mon_prot_cis.pdbx_label_asym_id_2   A 
_struct_mon_prot_cis.pdbx_PDB_ins_code_2    ? 
_struct_mon_prot_cis.pdbx_auth_comp_id_2    PRO 
_struct_mon_prot_cis.pdbx_auth_seq_id_2     99 
_struct_mon_prot_cis.pdbx_auth_asym_id_2    A 
_struct_mon_prot_cis.pdbx_PDB_model_num     1 
_struct_mon_prot_cis.pdbx_omega_angle       0.19 
# 
_struct_sheet.id               A 
_struct_sheet.type             ? 
_struct_sheet.number_strands   6 
_struct_sheet.details          ? 
# 
loop_
_struct_sheet_order.sheet_id 
_struct_sheet_order.range_id_1 
_struct_sheet_order.range_id_2 
_struct_sheet_order.offset 
_struct_sheet_order.sense 
A 1 2 ? anti-parallel 
A 2 3 ? anti-parallel 
A 3 4 ? anti-parallel 
A 4 5 ? anti-parallel 
A 5 6 ? anti-parallel 
# 
loop_
_struct_sheet_range.sheet_id 
_struct_sheet_range.id 
_struct_sheet_range.beg_label_comp_id 
_struct_sheet_range.beg_label_asym_id 
_struct_sheet_range.beg_label_seq_id 
_struct_sheet_range.pdbx_beg_PDB_ins_code 
_struct_sheet_range.end_label_comp_id 
_struct_sheet_range.end_label_asym_id 
_struct_sheet_range.end_label_seq_id 
_struct_sheet_range.pdbx_end_PDB_ins_code 
_struct_sheet_range.beg_auth_comp_id 
_struct_sheet_range.beg_auth_asym_id 
_struct_sheet_range.beg_auth_seq_id 
_struct_sheet_range.end_auth_comp_id 
_struct_sheet_range.end_auth_asym_id 
_struct_sheet_range.end_auth_seq_id 
A 1 ASP A 36  ? THR A 45  ? ASP A 79  THR A 88  
A 2 ILE A 151 ? TRP A 161 ? ILE A 194 TRP A 204 
A 3 PHE A 164 ? PRO A 173 ? PHE A 207 PRO A 216 
A 4 ALA A 71  ? MET A 75  ? ALA A 114 MET A 118 
A 5 PHE A 58  ? GLY A 64  ? PHE A 101 GLY A 107 
A 6 PRO A 131 ? GLU A 137 ? PRO A 174 GLU A 180 
# 
loop_
_pdbx_struct_sheet_hbond.sheet_id 
_pdbx_struct_sheet_hbond.range_id_1 
_pdbx_struct_sheet_hbond.range_id_2 
_pdbx_struct_sheet_hbond.range_1_label_atom_id 
_pdbx_struct_sheet_hbond.range_1_label_comp_id 
_pdbx_struct_sheet_hbond.range_1_label_asym_id 
_pdbx_struct_sheet_hbond.range_1_label_seq_id 
_pdbx_struct_sheet_hbond.range_1_PDB_ins_code 
_pdbx_struct_sheet_hbond.range_1_auth_atom_id 
_pdbx_struct_sheet_hbond.range_1_auth_comp_id 
_pdbx_struct_sheet_hbond.range_1_auth_asym_id 
_pdbx_struct_sheet_hbond.range_1_auth_seq_id 
_pdbx_struct_sheet_hbond.range_2_label_atom_id 
_pdbx_struct_sheet_hbond.range_2_label_comp_id 
_pdbx_struct_sheet_hbond.range_2_label_asym_id 
_pdbx_struct_sheet_hbond.range_2_label_seq_id 
_pdbx_struct_sheet_hbond.range_2_PDB_ins_code 
_pdbx_struct_sheet_hbond.range_2_auth_atom_id 
_pdbx_struct_sheet_hbond.range_2_auth_comp_id 
_pdbx_struct_sheet_hbond.range_2_auth_asym_id 
_pdbx_struct_sheet_hbond.range_2_auth_seq_id 
A 1 2 N ASP A 36  ? N ASP A 79  O SER A 160 ? O SER A 203 
A 2 3 N LEU A 153 ? N LEU A 196 O TRP A 172 ? O TRP A 215 
A 3 4 O ASN A 169 ? O ASN A 212 N GLU A 74  ? N GLU A 117 
A 4 5 O PHE A 73  ? O PHE A 116 N VAL A 60  ? N VAL A 103 
A 5 6 N ILE A 61  ? N ILE A 104 O ASN A 135 ? O ASN A 178 
# 
_pdbx_validate_symm_contact.id                1 
_pdbx_validate_symm_contact.PDB_model_num     1 
_pdbx_validate_symm_contact.auth_atom_id_1    O 
_pdbx_validate_symm_contact.auth_asym_id_1    A 
_pdbx_validate_symm_contact.auth_comp_id_1    HOH 
_pdbx_validate_symm_contact.auth_seq_id_1     1048 
_pdbx_validate_symm_contact.PDB_ins_code_1    ? 
_pdbx_validate_symm_contact.label_alt_id_1    ? 
_pdbx_validate_symm_contact.site_symmetry_1   1_555 
_pdbx_validate_symm_contact.auth_atom_id_2    O 
_pdbx_validate_symm_contact.auth_asym_id_2    A 
_pdbx_validate_symm_contact.auth_comp_id_2    HOH 
_pdbx_validate_symm_contact.auth_seq_id_2     1106 
_pdbx_validate_symm_contact.PDB_ins_code_2    ? 
_pdbx_validate_symm_contact.label_alt_id_2    ? 
_pdbx_validate_symm_contact.site_symmetry_2   4_455 
_pdbx_validate_symm_contact.dist              2.19 
# 
loop_
_pdbx_validate_torsion.id 
_pdbx_validate_torsion.PDB_model_num 
_pdbx_validate_torsion.auth_comp_id 
_pdbx_validate_torsion.auth_asym_id 
_pdbx_validate_torsion.auth_seq_id 
_pdbx_validate_torsion.PDB_ins_code 
_pdbx_validate_torsion.label_alt_id 
_pdbx_validate_torsion.phi 
_pdbx_validate_torsion.psi 
1 1 ASN A 140 ? ? 50.38   -27.96 
2 1 GLN A 170 ? ? -164.45 82.26  
# 
_pdbx_database_remark.id     300 
_pdbx_database_remark.text   
;Author states that biological unit
for the protein is not yet known
;
# 
loop_
_pdbx_unobs_or_zero_occ_residues.id 
_pdbx_unobs_or_zero_occ_residues.PDB_model_num 
_pdbx_unobs_or_zero_occ_residues.polymer_flag 
_pdbx_unobs_or_zero_occ_residues.occupancy_flag 
_pdbx_unobs_or_zero_occ_residues.auth_asym_id 
_pdbx_unobs_or_zero_occ_residues.auth_comp_id 
_pdbx_unobs_or_zero_occ_residues.auth_seq_id 
_pdbx_unobs_or_zero_occ_residues.PDB_ins_code 
_pdbx_unobs_or_zero_occ_residues.label_asym_id 
_pdbx_unobs_or_zero_occ_residues.label_comp_id 
_pdbx_unobs_or_zero_occ_residues.label_seq_id 
1 1 Y 1 A PRO 134 ? A PRO 91 
2 1 Y 1 A GLY 135 ? A GLY 92 
3 1 Y 1 A GLU 136 ? A GLU 93 
4 1 Y 1 A ASN 137 ? A ASN 94 
# 
loop_
_chem_comp_atom.comp_id 
_chem_comp_atom.atom_id 
_chem_comp_atom.type_symbol 
_chem_comp_atom.pdbx_aromatic_flag 
_chem_comp_atom.pdbx_stereo_config 
_chem_comp_atom.pdbx_ordinal 
ALA N    N N N 1   
ALA CA   C N S 2   
ALA C    C N N 3   
ALA O    O N N 4   
ALA CB   C N N 5   
ALA OXT  O N N 6   
ALA H    H N N 7   
ALA H2   H N N 8   
ALA HA   H N N 9   
ALA HB1  H N N 10  
ALA HB2  H N N 11  
ALA HB3  H N N 12  
ALA HXT  H N N 13  
ARG N    N N N 14  
ARG CA   C N S 15  
ARG C    C N N 16  
ARG O    O N N 17  
ARG CB   C N N 18  
ARG CG   C N N 19  
ARG CD   C N N 20  
ARG NE   N N N 21  
ARG CZ   C N N 22  
ARG NH1  N N N 23  
ARG NH2  N N N 24  
ARG OXT  O N N 25  
ARG H    H N N 26  
ARG H2   H N N 27  
ARG HA   H N N 28  
ARG HB2  H N N 29  
ARG HB3  H N N 30  
ARG HG2  H N N 31  
ARG HG3  H N N 32  
ARG HD2  H N N 33  
ARG HD3  H N N 34  
ARG HE   H N N 35  
ARG HH11 H N N 36  
ARG HH12 H N N 37  
ARG HH21 H N N 38  
ARG HH22 H N N 39  
ARG HXT  H N N 40  
ASN N    N N N 41  
ASN CA   C N S 42  
ASN C    C N N 43  
ASN O    O N N 44  
ASN CB   C N N 45  
ASN CG   C N N 46  
ASN OD1  O N N 47  
ASN ND2  N N N 48  
ASN OXT  O N N 49  
ASN H    H N N 50  
ASN H2   H N N 51  
ASN HA   H N N 52  
ASN HB2  H N N 53  
ASN HB3  H N N 54  
ASN HD21 H N N 55  
ASN HD22 H N N 56  
ASN HXT  H N N 57  
ASP N    N N N 58  
ASP CA   C N S 59  
ASP C    C N N 60  
ASP O    O N N 61  
ASP CB   C N N 62  
ASP CG   C N N 63  
ASP OD1  O N N 64  
ASP OD2  O N N 65  
ASP OXT  O N N 66  
ASP H    H N N 67  
ASP H2   H N N 68  
ASP HA   H N N 69  
ASP HB2  H N N 70  
ASP HB3  H N N 71  
ASP HD2  H N N 72  
ASP HXT  H N N 73  
CYS N    N N N 74  
CYS CA   C N R 75  
CYS C    C N N 76  
CYS O    O N N 77  
CYS CB   C N N 78  
CYS SG   S N N 79  
CYS OXT  O N N 80  
CYS H    H N N 81  
CYS H2   H N N 82  
CYS HA   H N N 83  
CYS HB2  H N N 84  
CYS HB3  H N N 85  
CYS HG   H N N 86  
CYS HXT  H N N 87  
GLN N    N N N 88  
GLN CA   C N S 89  
GLN C    C N N 90  
GLN O    O N N 91  
GLN CB   C N N 92  
GLN CG   C N N 93  
GLN CD   C N N 94  
GLN OE1  O N N 95  
GLN NE2  N N N 96  
GLN OXT  O N N 97  
GLN H    H N N 98  
GLN H2   H N N 99  
GLN HA   H N N 100 
GLN HB2  H N N 101 
GLN HB3  H N N 102 
GLN HG2  H N N 103 
GLN HG3  H N N 104 
GLN HE21 H N N 105 
GLN HE22 H N N 106 
GLN HXT  H N N 107 
GLU N    N N N 108 
GLU CA   C N S 109 
GLU C    C N N 110 
GLU O    O N N 111 
GLU CB   C N N 112 
GLU CG   C N N 113 
GLU CD   C N N 114 
GLU OE1  O N N 115 
GLU OE2  O N N 116 
GLU OXT  O N N 117 
GLU H    H N N 118 
GLU H2   H N N 119 
GLU HA   H N N 120 
GLU HB2  H N N 121 
GLU HB3  H N N 122 
GLU HG2  H N N 123 
GLU HG3  H N N 124 
GLU HE2  H N N 125 
GLU HXT  H N N 126 
GLY N    N N N 127 
GLY CA   C N N 128 
GLY C    C N N 129 
GLY O    O N N 130 
GLY OXT  O N N 131 
GLY H    H N N 132 
GLY H2   H N N 133 
GLY HA2  H N N 134 
GLY HA3  H N N 135 
GLY HXT  H N N 136 
HIS N    N N N 137 
HIS CA   C N S 138 
HIS C    C N N 139 
HIS O    O N N 140 
HIS CB   C N N 141 
HIS CG   C Y N 142 
HIS ND1  N Y N 143 
HIS CD2  C Y N 144 
HIS CE1  C Y N 145 
HIS NE2  N Y N 146 
HIS OXT  O N N 147 
HIS H    H N N 148 
HIS H2   H N N 149 
HIS HA   H N N 150 
HIS HB2  H N N 151 
HIS HB3  H N N 152 
HIS HD1  H N N 153 
HIS HD2  H N N 154 
HIS HE1  H N N 155 
HIS HE2  H N N 156 
HIS HXT  H N N 157 
HOH O    O N N 158 
HOH H1   H N N 159 
HOH H2   H N N 160 
ILE N    N N N 161 
ILE CA   C N S 162 
ILE C    C N N 163 
ILE O    O N N 164 
ILE CB   C N S 165 
ILE CG1  C N N 166 
ILE CG2  C N N 167 
ILE CD1  C N N 168 
ILE OXT  O N N 169 
ILE H    H N N 170 
ILE H2   H N N 171 
ILE HA   H N N 172 
ILE HB   H N N 173 
ILE HG12 H N N 174 
ILE HG13 H N N 175 
ILE HG21 H N N 176 
ILE HG22 H N N 177 
ILE HG23 H N N 178 
ILE HD11 H N N 179 
ILE HD12 H N N 180 
ILE HD13 H N N 181 
ILE HXT  H N N 182 
LEU N    N N N 183 
LEU CA   C N S 184 
LEU C    C N N 185 
LEU O    O N N 186 
LEU CB   C N N 187 
LEU CG   C N N 188 
LEU CD1  C N N 189 
LEU CD2  C N N 190 
LEU OXT  O N N 191 
LEU H    H N N 192 
LEU H2   H N N 193 
LEU HA   H N N 194 
LEU HB2  H N N 195 
LEU HB3  H N N 196 
LEU HG   H N N 197 
LEU HD11 H N N 198 
LEU HD12 H N N 199 
LEU HD13 H N N 200 
LEU HD21 H N N 201 
LEU HD22 H N N 202 
LEU HD23 H N N 203 
LEU HXT  H N N 204 
LYS N    N N N 205 
LYS CA   C N S 206 
LYS C    C N N 207 
LYS O    O N N 208 
LYS CB   C N N 209 
LYS CG   C N N 210 
LYS CD   C N N 211 
LYS CE   C N N 212 
LYS NZ   N N N 213 
LYS OXT  O N N 214 
LYS H    H N N 215 
LYS H2   H N N 216 
LYS HA   H N N 217 
LYS HB2  H N N 218 
LYS HB3  H N N 219 
LYS HG2  H N N 220 
LYS HG3  H N N 221 
LYS HD2  H N N 222 
LYS HD3  H N N 223 
LYS HE2  H N N 224 
LYS HE3  H N N 225 
LYS HZ1  H N N 226 
LYS HZ2  H N N 227 
LYS HZ3  H N N 228 
LYS HXT  H N N 229 
MET N    N N N 230 
MET CA   C N S 231 
MET C    C N N 232 
MET O    O N N 233 
MET CB   C N N 234 
MET CG   C N N 235 
MET SD   S N N 236 
MET CE   C N N 237 
MET OXT  O N N 238 
MET H    H N N 239 
MET H2   H N N 240 
MET HA   H N N 241 
MET HB2  H N N 242 
MET HB3  H N N 243 
MET HG2  H N N 244 
MET HG3  H N N 245 
MET HE1  H N N 246 
MET HE2  H N N 247 
MET HE3  H N N 248 
MET HXT  H N N 249 
PHE N    N N N 250 
PHE CA   C N S 251 
PHE C    C N N 252 
PHE O    O N N 253 
PHE CB   C N N 254 
PHE CG   C Y N 255 
PHE CD1  C Y N 256 
PHE CD2  C Y N 257 
PHE CE1  C Y N 258 
PHE CE2  C Y N 259 
PHE CZ   C Y N 260 
PHE OXT  O N N 261 
PHE H    H N N 262 
PHE H2   H N N 263 
PHE HA   H N N 264 
PHE HB2  H N N 265 
PHE HB3  H N N 266 
PHE HD1  H N N 267 
PHE HD2  H N N 268 
PHE HE1  H N N 269 
PHE HE2  H N N 270 
PHE HZ   H N N 271 
PHE HXT  H N N 272 
PRO N    N N N 273 
PRO CA   C N S 274 
PRO C    C N N 275 
PRO O    O N N 276 
PRO CB   C N N 277 
PRO CG   C N N 278 
PRO CD   C N N 279 
PRO OXT  O N N 280 
PRO H    H N N 281 
PRO HA   H N N 282 
PRO HB2  H N N 283 
PRO HB3  H N N 284 
PRO HG2  H N N 285 
PRO HG3  H N N 286 
PRO HD2  H N N 287 
PRO HD3  H N N 288 
PRO HXT  H N N 289 
SER N    N N N 290 
SER CA   C N S 291 
SER C    C N N 292 
SER O    O N N 293 
SER CB   C N N 294 
SER OG   O N N 295 
SER OXT  O N N 296 
SER H    H N N 297 
SER H2   H N N 298 
SER HA   H N N 299 
SER HB2  H N N 300 
SER HB3  H N N 301 
SER HG   H N N 302 
SER HXT  H N N 303 
THR N    N N N 304 
THR CA   C N S 305 
THR C    C N N 306 
THR O    O N N 307 
THR CB   C N R 308 
THR OG1  O N N 309 
THR CG2  C N N 310 
THR OXT  O N N 311 
THR H    H N N 312 
THR H2   H N N 313 
THR HA   H N N 314 
THR HB   H N N 315 
THR HG1  H N N 316 
THR HG21 H N N 317 
THR HG22 H N N 318 
THR HG23 H N N 319 
THR HXT  H N N 320 
TRP N    N N N 321 
TRP CA   C N S 322 
TRP C    C N N 323 
TRP O    O N N 324 
TRP CB   C N N 325 
TRP CG   C Y N 326 
TRP CD1  C Y N 327 
TRP CD2  C Y N 328 
TRP NE1  N Y N 329 
TRP CE2  C Y N 330 
TRP CE3  C Y N 331 
TRP CZ2  C Y N 332 
TRP CZ3  C Y N 333 
TRP CH2  C Y N 334 
TRP OXT  O N N 335 
TRP H    H N N 336 
TRP H2   H N N 337 
TRP HA   H N N 338 
TRP HB2  H N N 339 
TRP HB3  H N N 340 
TRP HD1  H N N 341 
TRP HE1  H N N 342 
TRP HE3  H N N 343 
TRP HZ2  H N N 344 
TRP HZ3  H N N 345 
TRP HH2  H N N 346 
TRP HXT  H N N 347 
TYR N    N N N 348 
TYR CA   C N S 349 
TYR C    C N N 350 
TYR O    O N N 351 
TYR CB   C N N 352 
TYR CG   C Y N 353 
TYR CD1  C Y N 354 
TYR CD2  C Y N 355 
TYR CE1  C Y N 356 
TYR CE2  C Y N 357 
TYR CZ   C Y N 358 
TYR OH   O N N 359 
TYR OXT  O N N 360 
TYR H    H N N 361 
TYR H2   H N N 362 
TYR HA   H N N 363 
TYR HB2  H N N 364 
TYR HB3  H N N 365 
TYR HD1  H N N 366 
TYR HD2  H N N 367 
TYR HE1  H N N 368 
TYR HE2  H N N 369 
TYR HH   H N N 370 
TYR HXT  H N N 371 
VAL N    N N N 372 
VAL CA   C N S 373 
VAL C    C N N 374 
VAL O    O N N 375 
VAL CB   C N N 376 
VAL CG1  C N N 377 
VAL CG2  C N N 378 
VAL OXT  O N N 379 
VAL H    H N N 380 
VAL H2   H N N 381 
VAL HA   H N N 382 
VAL HB   H N N 383 
VAL HG11 H N N 384 
VAL HG12 H N N 385 
VAL HG13 H N N 386 
VAL HG21 H N N 387 
VAL HG22 H N N 388 
VAL HG23 H N N 389 
VAL HXT  H N N 390 
# 
loop_
_chem_comp_bond.comp_id 
_chem_comp_bond.atom_id_1 
_chem_comp_bond.atom_id_2 
_chem_comp_bond.value_order 
_chem_comp_bond.pdbx_aromatic_flag 
_chem_comp_bond.pdbx_stereo_config 
_chem_comp_bond.pdbx_ordinal 
ALA N   CA   sing N N 1   
ALA N   H    sing N N 2   
ALA N   H2   sing N N 3   
ALA CA  C    sing N N 4   
ALA CA  CB   sing N N 5   
ALA CA  HA   sing N N 6   
ALA C   O    doub N N 7   
ALA C   OXT  sing N N 8   
ALA CB  HB1  sing N N 9   
ALA CB  HB2  sing N N 10  
ALA CB  HB3  sing N N 11  
ALA OXT HXT  sing N N 12  
ARG N   CA   sing N N 13  
ARG N   H    sing N N 14  
ARG N   H2   sing N N 15  
ARG CA  C    sing N N 16  
ARG CA  CB   sing N N 17  
ARG CA  HA   sing N N 18  
ARG C   O    doub N N 19  
ARG C   OXT  sing N N 20  
ARG CB  CG   sing N N 21  
ARG CB  HB2  sing N N 22  
ARG CB  HB3  sing N N 23  
ARG CG  CD   sing N N 24  
ARG CG  HG2  sing N N 25  
ARG CG  HG3  sing N N 26  
ARG CD  NE   sing N N 27  
ARG CD  HD2  sing N N 28  
ARG CD  HD3  sing N N 29  
ARG NE  CZ   sing N N 30  
ARG NE  HE   sing N N 31  
ARG CZ  NH1  sing N N 32  
ARG CZ  NH2  doub N N 33  
ARG NH1 HH11 sing N N 34  
ARG NH1 HH12 sing N N 35  
ARG NH2 HH21 sing N N 36  
ARG NH2 HH22 sing N N 37  
ARG OXT HXT  sing N N 38  
ASN N   CA   sing N N 39  
ASN N   H    sing N N 40  
ASN N   H2   sing N N 41  
ASN CA  C    sing N N 42  
ASN CA  CB   sing N N 43  
ASN CA  HA   sing N N 44  
ASN C   O    doub N N 45  
ASN C   OXT  sing N N 46  
ASN CB  CG   sing N N 47  
ASN CB  HB2  sing N N 48  
ASN CB  HB3  sing N N 49  
ASN CG  OD1  doub N N 50  
ASN CG  ND2  sing N N 51  
ASN ND2 HD21 sing N N 52  
ASN ND2 HD22 sing N N 53  
ASN OXT HXT  sing N N 54  
ASP N   CA   sing N N 55  
ASP N   H    sing N N 56  
ASP N   H2   sing N N 57  
ASP CA  C    sing N N 58  
ASP CA  CB   sing N N 59  
ASP CA  HA   sing N N 60  
ASP C   O    doub N N 61  
ASP C   OXT  sing N N 62  
ASP CB  CG   sing N N 63  
ASP CB  HB2  sing N N 64  
ASP CB  HB3  sing N N 65  
ASP CG  OD1  doub N N 66  
ASP CG  OD2  sing N N 67  
ASP OD2 HD2  sing N N 68  
ASP OXT HXT  sing N N 69  
CYS N   CA   sing N N 70  
CYS N   H    sing N N 71  
CYS N   H2   sing N N 72  
CYS CA  C    sing N N 73  
CYS CA  CB   sing N N 74  
CYS CA  HA   sing N N 75  
CYS C   O    doub N N 76  
CYS C   OXT  sing N N 77  
CYS CB  SG   sing N N 78  
CYS CB  HB2  sing N N 79  
CYS CB  HB3  sing N N 80  
CYS SG  HG   sing N N 81  
CYS OXT HXT  sing N N 82  
GLN N   CA   sing N N 83  
GLN N   H    sing N N 84  
GLN N   H2   sing N N 85  
GLN CA  C    sing N N 86  
GLN CA  CB   sing N N 87  
GLN CA  HA   sing N N 88  
GLN C   O    doub N N 89  
GLN C   OXT  sing N N 90  
GLN CB  CG   sing N N 91  
GLN CB  HB2  sing N N 92  
GLN CB  HB3  sing N N 93  
GLN CG  CD   sing N N 94  
GLN CG  HG2  sing N N 95  
GLN CG  HG3  sing N N 96  
GLN CD  OE1  doub N N 97  
GLN CD  NE2  sing N N 98  
GLN NE2 HE21 sing N N 99  
GLN NE2 HE22 sing N N 100 
GLN OXT HXT  sing N N 101 
GLU N   CA   sing N N 102 
GLU N   H    sing N N 103 
GLU N   H2   sing N N 104 
GLU CA  C    sing N N 105 
GLU CA  CB   sing N N 106 
GLU CA  HA   sing N N 107 
GLU C   O    doub N N 108 
GLU C   OXT  sing N N 109 
GLU CB  CG   sing N N 110 
GLU CB  HB2  sing N N 111 
GLU CB  HB3  sing N N 112 
GLU CG  CD   sing N N 113 
GLU CG  HG2  sing N N 114 
GLU CG  HG3  sing N N 115 
GLU CD  OE1  doub N N 116 
GLU CD  OE2  sing N N 117 
GLU OE2 HE2  sing N N 118 
GLU OXT HXT  sing N N 119 
GLY N   CA   sing N N 120 
GLY N   H    sing N N 121 
GLY N   H2   sing N N 122 
GLY CA  C    sing N N 123 
GLY CA  HA2  sing N N 124 
GLY CA  HA3  sing N N 125 
GLY C   O    doub N N 126 
GLY C   OXT  sing N N 127 
GLY OXT HXT  sing N N 128 
HIS N   CA   sing N N 129 
HIS N   H    sing N N 130 
HIS N   H2   sing N N 131 
HIS CA  C    sing N N 132 
HIS CA  CB   sing N N 133 
HIS CA  HA   sing N N 134 
HIS C   O    doub N N 135 
HIS C   OXT  sing N N 136 
HIS CB  CG   sing N N 137 
HIS CB  HB2  sing N N 138 
HIS CB  HB3  sing N N 139 
HIS CG  ND1  sing Y N 140 
HIS CG  CD2  doub Y N 141 
HIS ND1 CE1  doub Y N 142 
HIS ND1 HD1  sing N N 143 
HIS CD2 NE2  sing Y N 144 
HIS CD2 HD2  sing N N 145 
HIS CE1 NE2  sing Y N 146 
HIS CE1 HE1  sing N N 147 
HIS NE2 HE2  sing N N 148 
HIS OXT HXT  sing N N 149 
HOH O   H1   sing N N 150 
HOH O   H2   sing N N 151 
ILE N   CA   sing N N 152 
ILE N   H    sing N N 153 
ILE N   H2   sing N N 154 
ILE CA  C    sing N N 155 
ILE CA  CB   sing N N 156 
ILE CA  HA   sing N N 157 
ILE C   O    doub N N 158 
ILE C   OXT  sing N N 159 
ILE CB  CG1  sing N N 160 
ILE CB  CG2  sing N N 161 
ILE CB  HB   sing N N 162 
ILE CG1 CD1  sing N N 163 
ILE CG1 HG12 sing N N 164 
ILE CG1 HG13 sing N N 165 
ILE CG2 HG21 sing N N 166 
ILE CG2 HG22 sing N N 167 
ILE CG2 HG23 sing N N 168 
ILE CD1 HD11 sing N N 169 
ILE CD1 HD12 sing N N 170 
ILE CD1 HD13 sing N N 171 
ILE OXT HXT  sing N N 172 
LEU N   CA   sing N N 173 
LEU N   H    sing N N 174 
LEU N   H2   sing N N 175 
LEU CA  C    sing N N 176 
LEU CA  CB   sing N N 177 
LEU CA  HA   sing N N 178 
LEU C   O    doub N N 179 
LEU C   OXT  sing N N 180 
LEU CB  CG   sing N N 181 
LEU CB  HB2  sing N N 182 
LEU CB  HB3  sing N N 183 
LEU CG  CD1  sing N N 184 
LEU CG  CD2  sing N N 185 
LEU CG  HG   sing N N 186 
LEU CD1 HD11 sing N N 187 
LEU CD1 HD12 sing N N 188 
LEU CD1 HD13 sing N N 189 
LEU CD2 HD21 sing N N 190 
LEU CD2 HD22 sing N N 191 
LEU CD2 HD23 sing N N 192 
LEU OXT HXT  sing N N 193 
LYS N   CA   sing N N 194 
LYS N   H    sing N N 195 
LYS N   H2   sing N N 196 
LYS CA  C    sing N N 197 
LYS CA  CB   sing N N 198 
LYS CA  HA   sing N N 199 
LYS C   O    doub N N 200 
LYS C   OXT  sing N N 201 
LYS CB  CG   sing N N 202 
LYS CB  HB2  sing N N 203 
LYS CB  HB3  sing N N 204 
LYS CG  CD   sing N N 205 
LYS CG  HG2  sing N N 206 
LYS CG  HG3  sing N N 207 
LYS CD  CE   sing N N 208 
LYS CD  HD2  sing N N 209 
LYS CD  HD3  sing N N 210 
LYS CE  NZ   sing N N 211 
LYS CE  HE2  sing N N 212 
LYS CE  HE3  sing N N 213 
LYS NZ  HZ1  sing N N 214 
LYS NZ  HZ2  sing N N 215 
LYS NZ  HZ3  sing N N 216 
LYS OXT HXT  sing N N 217 
MET N   CA   sing N N 218 
MET N   H    sing N N 219 
MET N   H2   sing N N 220 
MET CA  C    sing N N 221 
MET CA  CB   sing N N 222 
MET CA  HA   sing N N 223 
MET C   O    doub N N 224 
MET C   OXT  sing N N 225 
MET CB  CG   sing N N 226 
MET CB  HB2  sing N N 227 
MET CB  HB3  sing N N 228 
MET CG  SD   sing N N 229 
MET CG  HG2  sing N N 230 
MET CG  HG3  sing N N 231 
MET SD  CE   sing N N 232 
MET CE  HE1  sing N N 233 
MET CE  HE2  sing N N 234 
MET CE  HE3  sing N N 235 
MET OXT HXT  sing N N 236 
PHE N   CA   sing N N 237 
PHE N   H    sing N N 238 
PHE N   H2   sing N N 239 
PHE CA  C    sing N N 240 
PHE CA  CB   sing N N 241 
PHE CA  HA   sing N N 242 
PHE C   O    doub N N 243 
PHE C   OXT  sing N N 244 
PHE CB  CG   sing N N 245 
PHE CB  HB2  sing N N 246 
PHE CB  HB3  sing N N 247 
PHE CG  CD1  doub Y N 248 
PHE CG  CD2  sing Y N 249 
PHE CD1 CE1  sing Y N 250 
PHE CD1 HD1  sing N N 251 
PHE CD2 CE2  doub Y N 252 
PHE CD2 HD2  sing N N 253 
PHE CE1 CZ   doub Y N 254 
PHE CE1 HE1  sing N N 255 
PHE CE2 CZ   sing Y N 256 
PHE CE2 HE2  sing N N 257 
PHE CZ  HZ   sing N N 258 
PHE OXT HXT  sing N N 259 
PRO N   CA   sing N N 260 
PRO N   CD   sing N N 261 
PRO N   H    sing N N 262 
PRO CA  C    sing N N 263 
PRO CA  CB   sing N N 264 
PRO CA  HA   sing N N 265 
PRO C   O    doub N N 266 
PRO C   OXT  sing N N 267 
PRO CB  CG   sing N N 268 
PRO CB  HB2  sing N N 269 
PRO CB  HB3  sing N N 270 
PRO CG  CD   sing N N 271 
PRO CG  HG2  sing N N 272 
PRO CG  HG3  sing N N 273 
PRO CD  HD2  sing N N 274 
PRO CD  HD3  sing N N 275 
PRO OXT HXT  sing N N 276 
SER N   CA   sing N N 277 
SER N   H    sing N N 278 
SER N   H2   sing N N 279 
SER CA  C    sing N N 280 
SER CA  CB   sing N N 281 
SER CA  HA   sing N N 282 
SER C   O    doub N N 283 
SER C   OXT  sing N N 284 
SER CB  OG   sing N N 285 
SER CB  HB2  sing N N 286 
SER CB  HB3  sing N N 287 
SER OG  HG   sing N N 288 
SER OXT HXT  sing N N 289 
THR N   CA   sing N N 290 
THR N   H    sing N N 291 
THR N   H2   sing N N 292 
THR CA  C    sing N N 293 
THR CA  CB   sing N N 294 
THR CA  HA   sing N N 295 
THR C   O    doub N N 296 
THR C   OXT  sing N N 297 
THR CB  OG1  sing N N 298 
THR CB  CG2  sing N N 299 
THR CB  HB   sing N N 300 
THR OG1 HG1  sing N N 301 
THR CG2 HG21 sing N N 302 
THR CG2 HG22 sing N N 303 
THR CG2 HG23 sing N N 304 
THR OXT HXT  sing N N 305 
TRP N   CA   sing N N 306 
TRP N   H    sing N N 307 
TRP N   H2   sing N N 308 
TRP CA  C    sing N N 309 
TRP CA  CB   sing N N 310 
TRP CA  HA   sing N N 311 
TRP C   O    doub N N 312 
TRP C   OXT  sing N N 313 
TRP CB  CG   sing N N 314 
TRP CB  HB2  sing N N 315 
TRP CB  HB3  sing N N 316 
TRP CG  CD1  doub Y N 317 
TRP CG  CD2  sing Y N 318 
TRP CD1 NE1  sing Y N 319 
TRP CD1 HD1  sing N N 320 
TRP CD2 CE2  doub Y N 321 
TRP CD2 CE3  sing Y N 322 
TRP NE1 CE2  sing Y N 323 
TRP NE1 HE1  sing N N 324 
TRP CE2 CZ2  sing Y N 325 
TRP CE3 CZ3  doub Y N 326 
TRP CE3 HE3  sing N N 327 
TRP CZ2 CH2  doub Y N 328 
TRP CZ2 HZ2  sing N N 329 
TRP CZ3 CH2  sing Y N 330 
TRP CZ3 HZ3  sing N N 331 
TRP CH2 HH2  sing N N 332 
TRP OXT HXT  sing N N 333 
TYR N   CA   sing N N 334 
TYR N   H    sing N N 335 
TYR N   H2   sing N N 336 
TYR CA  C    sing N N 337 
TYR CA  CB   sing N N 338 
TYR CA  HA   sing N N 339 
TYR C   O    doub N N 340 
TYR C   OXT  sing N N 341 
TYR CB  CG   sing N N 342 
TYR CB  HB2  sing N N 343 
TYR CB  HB3  sing N N 344 
TYR CG  CD1  doub Y N 345 
TYR CG  CD2  sing Y N 346 
TYR CD1 CE1  sing Y N 347 
TYR CD1 HD1  sing N N 348 
TYR CD2 CE2  doub Y N 349 
TYR CD2 HD2  sing N N 350 
TYR CE1 CZ   doub Y N 351 
TYR CE1 HE1  sing N N 352 
TYR CE2 CZ   sing Y N 353 
TYR CE2 HE2  sing N N 354 
TYR CZ  OH   sing N N 355 
TYR OH  HH   sing N N 356 
TYR OXT HXT  sing N N 357 
VAL N   CA   sing N N 358 
VAL N   H    sing N N 359 
VAL N   H2   sing N N 360 
VAL CA  C    sing N N 361 
VAL CA  CB   sing N N 362 
VAL CA  HA   sing N N 363 
VAL C   O    doub N N 364 
VAL C   OXT  sing N N 365 
VAL CB  CG1  sing N N 366 
VAL CB  CG2  sing N N 367 
VAL CB  HB   sing N N 368 
VAL CG1 HG11 sing N N 369 
VAL CG1 HG12 sing N N 370 
VAL CG1 HG13 sing N N 371 
VAL CG2 HG21 sing N N 372 
VAL CG2 HG22 sing N N 373 
VAL CG2 HG23 sing N N 374 
VAL OXT HXT  sing N N 375 
# 
_atom_sites.entry_id                    2HP7 
_atom_sites.fract_transf_matrix[1][1]   -0.01842943 
_atom_sites.fract_transf_matrix[1][2]   0.00304121 
_atom_sites.fract_transf_matrix[1][3]   -0.00148996 
_atom_sites.fract_transf_matrix[2][1]   -0.00065019 
_atom_sites.fract_transf_matrix[2][2]   0.00491319 
_atom_sites.fract_transf_matrix[2][3]   0.01807071 
_atom_sites.fract_transf_matrix[3][1]   0.00136416 
_atom_sites.fract_transf_matrix[3][2]   0.00731619 
_atom_sites.fract_transf_matrix[3][3]   -0.00194009 
_atom_sites.fract_transf_vector[1]      0.126036 
_atom_sites.fract_transf_vector[2]      0.232114 
_atom_sites.fract_transf_vector[3]      0.201447 
# 
loop_
_atom_type.symbol 
C 
N 
O 
S 
# 
loop_
_atom_site.group_PDB 
_atom_site.id 
_atom_site.type_symbol 
_atom_site.label_atom_id 
_atom_site.label_alt_id 
_atom_site.label_comp_id 
_atom_site.label_asym_id 
_atom_site.label_entity_id 
_atom_site.label_seq_id 
_atom_site.pdbx_PDB_ins_code 
_atom_site.Cartn_x 
_atom_site.Cartn_y 
_atom_site.Cartn_z 
_atom_site.occupancy 
_atom_site.B_iso_or_equiv 
_atom_site.pdbx_formal_charge 
_atom_site.auth_seq_id 
_atom_site.auth_comp_id 
_atom_site.auth_asym_id 
_atom_site.auth_atom_id 
_atom_site.pdbx_PDB_model_num 
ATOM   1    N N   . PRO A 1 1   ? -5.404  21.663  11.171  1.00 68.27 ? 44   PRO A N   1 
ATOM   2    C CA  . PRO A 1 1   ? -6.702  20.962  11.018  1.00 67.46 ? 44   PRO A CA  1 
ATOM   3    C C   . PRO A 1 1   ? -6.467  19.456  11.053  1.00 65.60 ? 44   PRO A C   1 
ATOM   4    O O   . PRO A 1 1   ? -5.387  19.003  10.710  1.00 66.70 ? 44   PRO A O   1 
ATOM   5    C CB  . PRO A 1 1   ? -7.267  21.386  9.671   1.00 68.54 ? 44   PRO A CB  1 
ATOM   6    C CG  . PRO A 1 1   ? -5.990  21.701  8.892   1.00 69.12 ? 44   PRO A CG  1 
ATOM   7    C CD  . PRO A 1 1   ? -5.059  22.365  9.921   1.00 68.70 ? 44   PRO A CD  1 
ATOM   8    N N   . SER A 1 2   ? -7.474  18.690  11.464  1.00 63.90 ? 45   SER A N   1 
ATOM   9    C CA  . SER A 1 2   ? -7.351  17.231  11.551  1.00 61.19 ? 45   SER A CA  1 
ATOM   10   C C   . SER A 1 2   ? -7.689  16.458  10.267  1.00 59.65 ? 45   SER A C   1 
ATOM   11   O O   . SER A 1 2   ? -7.502  15.243  10.208  1.00 57.99 ? 45   SER A O   1 
ATOM   12   C CB  . SER A 1 2   ? -8.204  16.697  12.709  1.00 59.86 ? 45   SER A CB  1 
ATOM   13   O OG  . SER A 1 2   ? -9.579  16.993  12.521  1.00 57.84 ? 45   SER A OG  1 
ATOM   14   N N   . LYS A 1 3   ? -8.160  17.162  9.240   1.00 58.42 ? 46   LYS A N   1 
ATOM   15   C CA  . LYS A 1 3   ? -8.533  16.526  7.977   1.00 57.69 ? 46   LYS A CA  1 
ATOM   16   C C   . LYS A 1 3   ? -7.823  17.123  6.751   1.00 56.28 ? 46   LYS A C   1 
ATOM   17   O O   . LYS A 1 3   ? -7.306  18.240  6.806   1.00 54.76 ? 46   LYS A O   1 
ATOM   18   C CB  . LYS A 1 3   ? -10.067 16.568  7.816   1.00 59.41 ? 46   LYS A CB  1 
ATOM   19   C CG  . LYS A 1 3   ? -10.593 17.106  6.486   1.00 59.99 ? 46   LYS A CG  1 
ATOM   20   C CD  . LYS A 1 3   ? -11.424 18.368  6.673   1.00 62.36 ? 46   LYS A CD  1 
ATOM   21   C CE  . LYS A 1 3   ? -11.787 18.981  5.328   1.00 62.04 ? 46   LYS A CE  1 
ATOM   22   N NZ  . LYS A 1 3   ? -12.549 20.245  5.467   1.00 61.01 ? 46   LYS A NZ  1 
ATOM   23   N N   . PHE A 1 4   ? -7.773  16.349  5.666   1.00 53.56 ? 47   PHE A N   1 
ATOM   24   C CA  . PHE A 1 4   ? -7.148  16.777  4.414   1.00 51.98 ? 47   PHE A CA  1 
ATOM   25   C C   . PHE A 1 4   ? -8.109  17.659  3.614   1.00 50.83 ? 47   PHE A C   1 
ATOM   26   O O   . PHE A 1 4   ? -9.295  17.345  3.499   1.00 49.81 ? 47   PHE A O   1 
ATOM   27   C CB  . PHE A 1 4   ? -6.752  15.561  3.559   1.00 50.04 ? 47   PHE A CB  1 
ATOM   28   C CG  . PHE A 1 4   ? -5.588  14.778  4.103   1.00 49.13 ? 47   PHE A CG  1 
ATOM   29   C CD1 . PHE A 1 4   ? -4.301  15.304  4.066   1.00 50.18 ? 47   PHE A CD1 1 
ATOM   30   C CD2 . PHE A 1 4   ? -5.773  13.508  4.639   1.00 47.61 ? 47   PHE A CD2 1 
ATOM   31   C CE1 . PHE A 1 4   ? -3.215  14.577  4.555   1.00 50.81 ? 47   PHE A CE1 1 
ATOM   32   C CE2 . PHE A 1 4   ? -4.694  12.774  5.130   1.00 47.85 ? 47   PHE A CE2 1 
ATOM   33   C CZ  . PHE A 1 4   ? -3.414  13.311  5.087   1.00 50.59 ? 47   PHE A CZ  1 
ATOM   34   N N   . SER A 1 5   ? -7.598  18.757  3.058   1.00 50.06 ? 48   SER A N   1 
ATOM   35   C CA  . SER A 1 5   ? -8.432  19.658  2.268   1.00 50.09 ? 48   SER A CA  1 
ATOM   36   C C   . SER A 1 5   ? -8.770  19.041  0.912   1.00 49.90 ? 48   SER A C   1 
ATOM   37   O O   . SER A 1 5   ? -8.196  18.022  0.520   1.00 48.86 ? 48   SER A O   1 
ATOM   38   C CB  . SER A 1 5   ? -7.748  21.019  2.077   1.00 50.83 ? 48   SER A CB  1 
ATOM   39   O OG  . SER A 1 5   ? -6.763  20.979  1.058   1.00 52.17 ? 48   SER A OG  1 
ATOM   40   N N   . LYS A 1 6   ? -9.687  19.682  0.194   1.00 49.43 ? 49   LYS A N   1 
ATOM   41   C CA  . LYS A 1 6   ? -10.132 19.216  -1.116  1.00 49.23 ? 49   LYS A CA  1 
ATOM   42   C C   . LYS A 1 6   ? -8.997  19.240  -2.137  1.00 47.98 ? 49   LYS A C   1 
ATOM   43   O O   . LYS A 1 6   ? -8.739  18.243  -2.813  1.00 46.53 ? 49   LYS A O   1 
ATOM   44   C CB  . LYS A 1 6   ? -11.274 20.099  -1.617  1.00 51.24 ? 49   LYS A CB  1 
ATOM   45   C CG  . LYS A 1 6   ? -12.316 19.375  -2.447  1.00 52.83 ? 49   LYS A CG  1 
ATOM   46   C CD  . LYS A 1 6   ? -13.262 18.570  -1.563  1.00 55.67 ? 49   LYS A CD  1 
ATOM   47   C CE  . LYS A 1 6   ? -14.556 18.263  -2.297  1.00 56.69 ? 49   LYS A CE  1 
ATOM   48   N NZ  . LYS A 1 6   ? -15.219 19.517  -2.764  1.00 61.09 ? 49   LYS A NZ  1 
ATOM   49   N N   . GLU A 1 7   ? -8.340  20.390  -2.252  1.00 46.11 ? 50   GLU A N   1 
ATOM   50   C CA  . GLU A 1 7   ? -7.232  20.570  -3.185  1.00 44.03 ? 50   GLU A CA  1 
ATOM   51   C C   . GLU A 1 7   ? -6.054  19.653  -2.849  1.00 40.04 ? 50   GLU A C   1 
ATOM   52   O O   . GLU A 1 7   ? -5.341  19.204  -3.741  1.00 38.94 ? 50   GLU A O   1 
ATOM   53   C CB  . GLU A 1 7   ? -6.795  22.036  -3.203  1.00 47.20 ? 50   GLU A CB  1 
ATOM   54   C CG  . GLU A 1 7   ? -7.892  22.982  -3.672  1.00 53.81 ? 50   GLU A CG  1 
ATOM   55   C CD  . GLU A 1 7   ? -7.552  24.440  -3.431  1.00 59.35 ? 50   GLU A CD  1 
ATOM   56   O OE1 . GLU A 1 7   ? -7.677  24.893  -2.272  1.00 59.45 ? 50   GLU A OE1 1 
ATOM   57   O OE2 . GLU A 1 7   ? -7.164  25.133  -4.401  1.00 60.56 ? 50   GLU A OE2 1 
ATOM   58   N N   . GLN A 1 8   ? -5.859  19.380  -1.562  1.00 37.26 ? 51   GLN A N   1 
ATOM   59   C CA  . GLN A 1 8   ? -4.790  18.492  -1.125  1.00 35.51 ? 51   GLN A CA  1 
ATOM   60   C C   . GLN A 1 8   ? -5.103  17.068  -1.575  1.00 35.14 ? 51   GLN A C   1 
ATOM   61   O O   . GLN A 1 8   ? -4.202  16.321  -1.956  1.00 35.04 ? 51   GLN A O   1 
ATOM   62   C CB  . GLN A 1 8   ? -4.624  18.550  0.391   1.00 33.90 ? 51   GLN A CB  1 
ATOM   63   C CG  . GLN A 1 8   ? -3.959  19.829  0.888   1.00 35.71 ? 51   GLN A CG  1 
ATOM   64   C CD  . GLN A 1 8   ? -4.075  20.014  2.391   1.00 34.29 ? 51   GLN A CD  1 
ATOM   65   O OE1 . GLN A 1 8   ? -4.810  19.293  3.066   1.00 36.39 ? 51   GLN A OE1 1 
ATOM   66   N NE2 . GLN A 1 8   ? -3.345  20.983  2.923   1.00 36.50 ? 51   GLN A NE2 1 
ATOM   67   N N   . LEU A 1 9   ? -6.386  16.708  -1.555  1.00 33.95 ? 52   LEU A N   1 
ATOM   68   C CA  . LEU A 1 9   ? -6.813  15.379  -1.983  1.00 34.78 ? 52   LEU A CA  1 
ATOM   69   C C   . LEU A 1 9   ? -6.544  15.196  -3.472  1.00 34.23 ? 52   LEU A C   1 
ATOM   70   O O   . LEU A 1 9   ? -6.073  14.140  -3.897  1.00 32.74 ? 52   LEU A O   1 
ATOM   71   C CB  . LEU A 1 9   ? -8.301  15.152  -1.688  1.00 36.82 ? 52   LEU A CB  1 
ATOM   72   C CG  . LEU A 1 9   ? -8.723  14.955  -0.228  1.00 39.66 ? 52   LEU A CG  1 
ATOM   73   C CD1 . LEU A 1 9   ? -10.239 14.794  -0.146  1.00 36.34 ? 52   LEU A CD1 1 
ATOM   74   C CD2 . LEU A 1 9   ? -8.020  13.740  0.363   1.00 35.92 ? 52   LEU A CD2 1 
ATOM   75   N N   . ARG A 1 10  ? -6.808  16.239  -4.258  1.00 33.01 ? 53   ARG A N   1 
ATOM   76   C CA  . ARG A 1 10  ? -6.584  16.188  -5.702  1.00 31.74 ? 53   ARG A CA  1 
ATOM   77   C C   . ARG A 1 10  ? -5.103  15.980  -6.015  1.00 28.84 ? 53   ARG A C   1 
ATOM   78   O O   . ARG A 1 10  ? -4.758  15.261  -6.953  1.00 26.51 ? 53   ARG A O   1 
ATOM   79   C CB  . ARG A 1 10  ? -7.099  17.465  -6.374  1.00 38.84 ? 53   ARG A CB  1 
ATOM   80   C CG  . ARG A 1 10  ? -6.795  17.571  -7.877  1.00 44.84 ? 53   ARG A CG  1 
ATOM   81   C CD  . ARG A 1 10  ? -6.938  19.022  -8.330  1.00 52.08 ? 53   ARG A CD  1 
ATOM   82   N NE  . ARG A 1 10  ? -6.033  19.444  -9.408  1.00 58.48 ? 53   ARG A NE  1 
ATOM   83   C CZ  . ARG A 1 10  ? -6.330  19.577  -10.705 1.00 62.89 ? 53   ARG A CZ  1 
ATOM   84   N NH1 . ARG A 1 10  ? -7.529  19.306  -11.197 1.00 65.33 ? 53   ARG A NH1 1 
ATOM   85   N NH2 . ARG A 1 10  ? -5.428  20.101  -11.518 1.00 65.63 ? 53   ARG A NH2 1 
ATOM   86   N N   . THR A 1 11  ? -4.237  16.623  -5.234  1.00 26.33 ? 54   THR A N   1 
ATOM   87   C CA  . THR A 1 11  ? -2.793  16.483  -5.408  1.00 27.84 ? 54   THR A CA  1 
ATOM   88   C C   . THR A 1 11  ? -2.412  15.021  -5.155  1.00 27.13 ? 54   THR A C   1 
ATOM   89   O O   . THR A 1 11  ? -1.649  14.427  -5.918  1.00 23.98 ? 54   THR A O   1 
ATOM   90   C CB  . THR A 1 11  ? -2.013  17.395  -4.428  1.00 28.56 ? 54   THR A CB  1 
ATOM   91   O OG1 . THR A 1 11  ? -2.208  18.768  -4.791  1.00 30.68 ? 54   THR A OG1 1 
ATOM   92   C CG2 . THR A 1 11  ? -0.521  17.074  -4.458  1.00 27.97 ? 54   THR A CG2 1 
ATOM   93   N N   . PHE A 1 12  ? -2.961  14.440  -4.091  1.00 23.94 ? 55   PHE A N   1 
ATOM   94   C CA  . PHE A 1 12  ? -2.679  13.045  -3.769  1.00 25.27 ? 55   PHE A CA  1 
ATOM   95   C C   . PHE A 1 12  ? -3.290  12.092  -4.793  1.00 23.18 ? 55   PHE A C   1 
ATOM   96   O O   . PHE A 1 12  ? -2.745  11.019  -5.043  1.00 23.16 ? 55   PHE A O   1 
ATOM   97   C CB  . PHE A 1 12  ? -3.165  12.698  -2.360  1.00 23.15 ? 55   PHE A CB  1 
ATOM   98   C CG  . PHE A 1 12  ? -2.356  13.340  -1.271  1.00 26.91 ? 55   PHE A CG  1 
ATOM   99   C CD1 . PHE A 1 12  ? -0.973  13.231  -1.263  1.00 23.72 ? 55   PHE A CD1 1 
ATOM   100  C CD2 . PHE A 1 12  ? -2.977  14.072  -0.266  1.00 28.61 ? 55   PHE A CD2 1 
ATOM   101  C CE1 . PHE A 1 12  ? -0.218  13.846  -0.272  1.00 29.00 ? 55   PHE A CE1 1 
ATOM   102  C CE2 . PHE A 1 12  ? -2.231  14.690  0.728   1.00 30.65 ? 55   PHE A CE2 1 
ATOM   103  C CZ  . PHE A 1 12  ? -0.849  14.577  0.726   1.00 30.90 ? 55   PHE A CZ  1 
ATOM   104  N N   . GLN A 1 13  ? -4.416  12.486  -5.389  1.00 23.40 ? 56   GLN A N   1 
ATOM   105  C CA  . GLN A 1 13  ? -5.074  11.654  -6.398  1.00 24.34 ? 56   GLN A CA  1 
ATOM   106  C C   . GLN A 1 13  ? -4.202  11.546  -7.647  1.00 24.41 ? 56   GLN A C   1 
ATOM   107  O O   . GLN A 1 13  ? -4.103  10.484  -8.259  1.00 20.02 ? 56   GLN A O   1 
ATOM   108  C CB  . GLN A 1 13  ? -6.432  12.242  -6.801  1.00 25.52 ? 56   GLN A CB  1 
ATOM   109  C CG  . GLN A 1 13  ? -7.145  11.475  -7.921  1.00 27.26 ? 56   GLN A CG  1 
ATOM   110  C CD  . GLN A 1 13  ? -7.710  10.134  -7.463  1.00 35.70 ? 56   GLN A CD  1 
ATOM   111  O OE1 . GLN A 1 13  ? -8.044  9.962   -6.291  1.00 39.18 ? 56   GLN A OE1 1 
ATOM   112  N NE2 . GLN A 1 13  ? -7.832  9.183   -8.394  1.00 34.50 ? 56   GLN A NE2 1 
ATOM   113  N N   . MET A 1 14  ? -3.604  12.665  -8.038  1.00 22.78 ? 57   MET A N   1 
ATOM   114  C CA  . MET A 1 14  ? -2.764  12.692  -9.223  1.00 25.91 ? 57   MET A CA  1 
ATOM   115  C C   . MET A 1 14  ? -1.454  11.951  -8.974  1.00 19.39 ? 57   MET A C   1 
ATOM   116  O O   . MET A 1 14  ? -0.975  11.220  -9.841  1.00 19.03 ? 57   MET A O   1 
ATOM   117  C CB  . MET A 1 14  ? -2.531  14.137  -9.678  1.00 31.33 ? 57   MET A CB  1 
ATOM   118  C CG  . MET A 1 14  ? -3.824  14.850  -10.092 1.00 40.55 ? 57   MET A CG  1 
ATOM   119  S SD  . MET A 1 14  ? -4.793  13.894  -11.300 1.00 55.14 ? 57   MET A SD  1 
ATOM   120  C CE  . MET A 1 14  ? -5.679  15.223  -12.173 1.00 54.09 ? 57   MET A CE  1 
ATOM   121  N N   . ILE A 1 15  ? -0.902  12.116  -7.775  1.00 20.19 ? 58   ILE A N   1 
ATOM   122  C CA  . ILE A 1 15  ? 0.338   11.439  -7.397  1.00 17.47 ? 58   ILE A CA  1 
ATOM   123  C C   . ILE A 1 15  ? 0.147   9.924   -7.450  1.00 18.86 ? 58   ILE A C   1 
ATOM   124  O O   . ILE A 1 15  ? 0.929   9.202   -8.080  1.00 17.43 ? 58   ILE A O   1 
ATOM   125  C CB  . ILE A 1 15  ? 0.770   11.825  -5.964  1.00 18.23 ? 58   ILE A CB  1 
ATOM   126  C CG1 . ILE A 1 15  ? 1.298   13.258  -5.939  1.00 17.94 ? 58   ILE A CG1 1 
ATOM   127  C CG2 . ILE A 1 15  ? 1.822   10.843  -5.430  1.00 19.85 ? 58   ILE A CG2 1 
ATOM   128  C CD1 . ILE A 1 15  ? 1.602   13.779  -4.537  1.00 20.15 ? 58   ILE A CD1 1 
ATOM   129  N N   . HIS A 1 16  ? -0.915  9.448   -6.806  1.00 17.64 ? 59   HIS A N   1 
ATOM   130  C CA  . HIS A 1 16  ? -1.178  8.024   -6.755  1.00 16.06 ? 59   HIS A CA  1 
ATOM   131  C C   . HIS A 1 16  ? -1.681  7.422   -8.054  1.00 17.84 ? 59   HIS A C   1 
ATOM   132  O O   . HIS A 1 16  ? -1.539  6.219   -8.275  1.00 18.62 ? 59   HIS A O   1 
ATOM   133  C CB  . HIS A 1 16  ? -2.032  7.687   -5.530  1.00 11.40 ? 59   HIS A CB  1 
ATOM   134  C CG  . HIS A 1 16  ? -1.351  8.034   -4.242  1.00 11.18 ? 59   HIS A CG  1 
ATOM   135  N ND1 . HIS A 1 16  ? -0.479  7.173   -3.606  1.00 15.99 ? 59   HIS A ND1 1 
ATOM   136  C CD2 . HIS A 1 16  ? -1.332  9.182   -3.524  1.00 12.68 ? 59   HIS A CD2 1 
ATOM   137  C CE1 . HIS A 1 16  ? 0.049   7.780   -2.558  1.00 11.23 ? 59   HIS A CE1 1 
ATOM   138  N NE2 . HIS A 1 16  ? -0.450  8.998   -2.484  1.00 13.79 ? 59   HIS A NE2 1 
ATOM   139  N N   . GLU A 1 17  ? -2.231  8.258   -8.937  1.00 19.38 ? 60   GLU A N   1 
ATOM   140  C CA  . GLU A 1 17  ? -2.663  7.766   -10.236 1.00 18.92 ? 60   GLU A CA  1 
ATOM   141  C C   . GLU A 1 17  ? -1.394  7.470   -11.047 1.00 18.92 ? 60   GLU A C   1 
ATOM   142  O O   . GLU A 1 17  ? -1.374  6.537   -11.843 1.00 19.09 ? 60   GLU A O   1 
ATOM   143  C CB  . GLU A 1 17  ? -3.577  8.769   -10.949 1.00 23.99 ? 60   GLU A CB  1 
ATOM   144  C CG  . GLU A 1 17  ? -5.045  8.631   -10.531 1.00 26.08 ? 60   GLU A CG  1 
ATOM   145  C CD  . GLU A 1 17  ? -5.962  9.669   -11.165 1.00 31.29 ? 60   GLU A CD  1 
ATOM   146  O OE1 . GLU A 1 17  ? -5.460  10.669  -11.719 1.00 31.48 ? 60   GLU A OE1 1 
ATOM   147  O OE2 . GLU A 1 17  ? -7.196  9.489   -11.091 1.00 33.26 ? 60   GLU A OE2 1 
ATOM   148  N N   . ASN A 1 18  ? -0.336  8.251   -10.818 1.00 20.77 ? 61   ASN A N   1 
ATOM   149  C CA  . ASN A 1 18  ? 0.957   8.029   -11.478 1.00 20.98 ? 61   ASN A CA  1 
ATOM   150  C C   . ASN A 1 18  ? 1.467   6.691   -10.939 1.00 19.81 ? 61   ASN A C   1 
ATOM   151  O O   . ASN A 1 18  ? 1.920   5.837   -11.696 1.00 18.25 ? 61   ASN A O   1 
ATOM   152  C CB  . ASN A 1 18  ? 1.961   9.128   -11.108 1.00 22.58 ? 61   ASN A CB  1 
ATOM   153  C CG  . ASN A 1 18  ? 3.360   8.892   -11.701 1.00 32.19 ? 61   ASN A CG  1 
ATOM   154  O OD1 . ASN A 1 18  ? 4.214   8.248   -11.067 1.00 27.86 ? 61   ASN A OD1 1 
ATOM   155  N ND2 . ASN A 1 18  ? 3.600   9.402   -12.906 1.00 32.83 ? 61   ASN A ND2 1 
ATOM   156  N N   . PHE A 1 19  ? 1.380   6.523   -9.620  1.00 18.46 ? 62   PHE A N   1 
ATOM   157  C CA  . PHE A 1 19  ? 1.796   5.284   -8.972  1.00 17.24 ? 62   PHE A CA  1 
ATOM   158  C C   . PHE A 1 19  ? 1.045   4.119   -9.612  1.00 15.65 ? 62   PHE A C   1 
ATOM   159  O O   . PHE A 1 19  ? 1.652   3.113   -9.975  1.00 14.81 ? 62   PHE A O   1 
ATOM   160  C CB  . PHE A 1 19  ? 1.493   5.346   -7.469  1.00 14.00 ? 62   PHE A CB  1 
ATOM   161  C CG  . PHE A 1 19  ? 1.621   4.019   -6.766  1.00 15.49 ? 62   PHE A CG  1 
ATOM   162  C CD1 . PHE A 1 19  ? 2.802   3.280   -6.842  1.00 16.97 ? 62   PHE A CD1 1 
ATOM   163  C CD2 . PHE A 1 19  ? 0.555   3.500   -6.041  1.00 14.70 ? 62   PHE A CD2 1 
ATOM   164  C CE1 . PHE A 1 19  ? 2.915   2.048   -6.212  1.00 14.05 ? 62   PHE A CE1 1 
ATOM   165  C CE2 . PHE A 1 19  ? 0.661   2.259   -5.402  1.00 17.06 ? 62   PHE A CE2 1 
ATOM   166  C CZ  . PHE A 1 19  ? 1.844   1.536   -5.490  1.00 14.76 ? 62   PHE A CZ  1 
ATOM   167  N N   . GLY A 1 20  ? -0.273  4.276   -9.755  1.00 14.45 ? 63   GLY A N   1 
ATOM   168  C CA  . GLY A 1 20  ? -1.102  3.245   -10.362 1.00 12.15 ? 63   GLY A CA  1 
ATOM   169  C C   . GLY A 1 20  ? -0.620  2.787   -11.727 1.00 17.02 ? 63   GLY A C   1 
ATOM   170  O O   . GLY A 1 20  ? -0.620  1.591   -12.020 1.00 15.99 ? 63   GLY A O   1 
ATOM   171  N N   . ARG A 1 21  ? -0.222  3.735   -12.571 1.00 13.50 ? 64   ARG A N   1 
ATOM   172  C CA  . ARG A 1 21  ? 0.267   3.404   -13.905 1.00 16.59 ? 64   ARG A CA  1 
ATOM   173  C C   . ARG A 1 21  ? 1.586   2.626   -13.831 1.00 16.23 ? 64   ARG A C   1 
ATOM   174  O O   . ARG A 1 21  ? 1.753   1.629   -14.531 1.00 16.75 ? 64   ARG A O   1 
ATOM   175  C CB  . ARG A 1 21  ? 0.413   4.679   -14.753 1.00 17.36 ? 64   ARG A CB  1 
ATOM   176  C CG  . ARG A 1 21  ? -0.943  5.304   -15.128 1.00 20.22 ? 64   ARG A CG  1 
ATOM   177  C CD  . ARG A 1 21  ? -0.808  6.496   -16.082 1.00 22.05 ? 64   ARG A CD  1 
ATOM   178  N NE  . ARG A 1 21  ? -0.118  7.629   -15.469 1.00 28.50 ? 64   ARG A NE  1 
ATOM   179  C CZ  . ARG A 1 21  ? -0.728  8.646   -14.864 1.00 31.30 ? 64   ARG A CZ  1 
ATOM   180  N NH1 . ARG A 1 21  ? -2.051  8.688   -14.792 1.00 30.68 ? 64   ARG A NH1 1 
ATOM   181  N NH2 . ARG A 1 21  ? -0.013  9.615   -14.308 1.00 33.56 ? 64   ARG A NH2 1 
ATOM   182  N N   . ALA A 1 22  ? 2.504   3.066   -12.968 1.00 14.17 ? 65   ALA A N   1 
ATOM   183  C CA  . ALA A 1 22  ? 3.790   2.380   -12.799 1.00 16.44 ? 65   ALA A CA  1 
ATOM   184  C C   . ALA A 1 22  ? 3.568   0.972   -12.245 1.00 17.47 ? 65   ALA A C   1 
ATOM   185  O O   . ALA A 1 22  ? 4.251   0.025   -12.645 1.00 18.30 ? 65   ALA A O   1 
ATOM   186  C CB  . ALA A 1 22  ? 4.707   3.175   -11.867 1.00 17.50 ? 65   ALA A CB  1 
ATOM   187  N N   . LEU A 1 23  ? 2.605   0.845   -11.331 1.00 16.34 ? 66   LEU A N   1 
ATOM   188  C CA  . LEU A 1 23  ? 2.271   -0.437  -10.718 1.00 15.89 ? 66   LEU A CA  1 
ATOM   189  C C   . LEU A 1 23  ? 1.684   -1.410  -11.737 1.00 16.94 ? 66   LEU A C   1 
ATOM   190  O O   . LEU A 1 23  ? 1.958   -2.608  -11.682 1.00 14.79 ? 66   LEU A O   1 
ATOM   191  C CB  . LEU A 1 23  ? 1.277   -0.243  -9.564  1.00 14.30 ? 66   LEU A CB  1 
ATOM   192  C CG  . LEU A 1 23  ? 0.873   -1.513  -8.800  1.00 12.37 ? 66   LEU A CG  1 
ATOM   193  C CD1 . LEU A 1 23  ? 2.097   -2.159  -8.134  1.00 13.40 ? 66   LEU A CD1 1 
ATOM   194  C CD2 . LEU A 1 23  ? -0.172  -1.164  -7.753  1.00 13.62 ? 66   LEU A CD2 1 
ATOM   195  N N   . SER A 1 24  ? 0.840   -0.896  -12.633 1.00 15.36 ? 67   SER A N   1 
ATOM   196  C CA  . SER A 1 24  ? 0.232   -1.724  -13.669 1.00 17.59 ? 67   SER A CA  1 
ATOM   197  C C   . SER A 1 24  ? 1.333   -2.337  -14.529 1.00 16.75 ? 67   SER A C   1 
ATOM   198  O O   . SER A 1 24  ? 1.344   -3.541  -14.776 1.00 17.10 ? 67   SER A O   1 
ATOM   199  C CB  . SER A 1 24  ? -0.695  -0.880  -14.549 1.00 19.25 ? 67   SER A CB  1 
ATOM   200  O OG  . SER A 1 24  ? -1.220  -1.646  -15.619 1.00 23.33 ? 67   SER A OG  1 
ATOM   201  N N   . THR A 1 25  ? 2.266   -1.496  -14.968 1.00 17.29 ? 68   THR A N   1 
ATOM   202  C CA  . THR A 1 25  ? 3.376   -1.941  -15.803 1.00 18.40 ? 68   THR A CA  1 
ATOM   203  C C   . THR A 1 25  ? 4.261   -2.900  -15.020 1.00 18.70 ? 68   THR A C   1 
ATOM   204  O O   . THR A 1 25  ? 4.720   -3.912  -15.560 1.00 18.25 ? 68   THR A O   1 
ATOM   205  C CB  . THR A 1 25  ? 4.201   -0.741  -16.314 1.00 16.57 ? 68   THR A CB  1 
ATOM   206  O OG1 . THR A 1 25  ? 3.358   0.088   -17.117 1.00 20.20 ? 68   THR A OG1 1 
ATOM   207  C CG2 . THR A 1 25  ? 5.409   -1.204  -17.150 1.00 14.59 ? 68   THR A CG2 1 
ATOM   208  N N   . TYR A 1 26  ? 4.462   -2.603  -13.738 1.00 14.37 ? 69   TYR A N   1 
ATOM   209  C CA  . TYR A 1 26  ? 5.285   -3.455  -12.891 1.00 18.77 ? 69   TYR A CA  1 
ATOM   210  C C   . TYR A 1 26  ? 4.702   -4.866  -12.724 1.00 19.90 ? 69   TYR A C   1 
ATOM   211  O O   . TYR A 1 26  ? 5.389   -5.863  -12.948 1.00 21.34 ? 69   TYR A O   1 
ATOM   212  C CB  . TYR A 1 26  ? 5.485   -2.826  -11.505 1.00 13.68 ? 69   TYR A CB  1 
ATOM   213  C CG  . TYR A 1 26  ? 6.320   -3.705  -10.599 1.00 16.75 ? 69   TYR A CG  1 
ATOM   214  C CD1 . TYR A 1 26  ? 7.716   -3.708  -10.698 1.00 16.78 ? 69   TYR A CD1 1 
ATOM   215  C CD2 . TYR A 1 26  ? 5.719   -4.587  -9.701  1.00 13.58 ? 69   TYR A CD2 1 
ATOM   216  C CE1 . TYR A 1 26  ? 8.496   -4.571  -9.930  1.00 19.56 ? 69   TYR A CE1 1 
ATOM   217  C CE2 . TYR A 1 26  ? 6.494   -5.465  -8.924  1.00 17.92 ? 69   TYR A CE2 1 
ATOM   218  C CZ  . TYR A 1 26  ? 7.877   -5.449  -9.048  1.00 18.14 ? 69   TYR A CZ  1 
ATOM   219  O OH  . TYR A 1 26  ? 8.653   -6.313  -8.316  1.00 16.32 ? 69   TYR A OH  1 
ATOM   220  N N   . LEU A 1 27  ? 3.442   -4.933  -12.302 1.00 17.59 ? 70   LEU A N   1 
ATOM   221  C CA  . LEU A 1 27  ? 2.768   -6.205  -12.078 1.00 20.07 ? 70   LEU A CA  1 
ATOM   222  C C   . LEU A 1 27  ? 2.545   -6.995  -13.364 1.00 21.36 ? 70   LEU A C   1 
ATOM   223  O O   . LEU A 1 27  ? 2.503   -8.226  -13.337 1.00 21.28 ? 70   LEU A O   1 
ATOM   224  C CB  . LEU A 1 27  ? 1.438   -5.982  -11.351 1.00 17.55 ? 70   LEU A CB  1 
ATOM   225  C CG  . LEU A 1 27  ? 1.546   -5.441  -9.919  1.00 17.33 ? 70   LEU A CG  1 
ATOM   226  C CD1 . LEU A 1 27  ? 0.148   -5.183  -9.329  1.00 16.20 ? 70   LEU A CD1 1 
ATOM   227  C CD2 . LEU A 1 27  ? 2.320   -6.430  -9.054  1.00 17.84 ? 70   LEU A CD2 1 
ATOM   228  N N   . SER A 1 28  ? 2.377   -6.287  -14.479 1.00 19.57 ? 71   SER A N   1 
ATOM   229  C CA  . SER A 1 28  ? 2.178   -6.935  -15.772 1.00 18.86 ? 71   SER A CA  1 
ATOM   230  C C   . SER A 1 28  ? 3.454   -7.681  -16.142 1.00 22.11 ? 71   SER A C   1 
ATOM   231  O O   . SER A 1 28  ? 3.400   -8.802  -16.642 1.00 23.24 ? 71   SER A O   1 
ATOM   232  C CB  . SER A 1 28  ? 1.849   -5.905  -16.860 1.00 18.24 ? 71   SER A CB  1 
ATOM   233  O OG  . SER A 1 28  ? 0.603   -5.279  -16.615 1.00 22.49 ? 71   SER A OG  1 
ATOM   234  N N   . GLY A 1 29  ? 4.595   -7.059  -15.858 1.00 22.71 ? 72   GLY A N   1 
ATOM   235  C CA  . GLY A 1 29  ? 5.884   -7.665  -16.154 1.00 26.10 ? 72   GLY A CA  1 
ATOM   236  C C   . GLY A 1 29  ? 6.237   -8.813  -15.228 1.00 28.16 ? 72   GLY A C   1 
ATOM   237  O O   . GLY A 1 29  ? 6.880   -9.774  -15.652 1.00 29.99 ? 72   GLY A O   1 
ATOM   238  N N   . ARG A 1 30  ? 5.841   -8.710  -13.961 1.00 26.27 ? 73   ARG A N   1 
ATOM   239  C CA  . ARG A 1 30  ? 6.118   -9.757  -12.984 1.00 27.27 ? 73   ARG A CA  1 
ATOM   240  C C   . ARG A 1 30  ? 5.234   -10.971 -13.221 1.00 28.59 ? 73   ARG A C   1 
ATOM   241  O O   . ARG A 1 30  ? 5.680   -12.115 -13.107 1.00 27.41 ? 73   ARG A O   1 
ATOM   242  C CB  . ARG A 1 30  ? 5.891   -9.249  -11.553 1.00 28.44 ? 73   ARG A CB  1 
ATOM   243  C CG  . ARG A 1 30  ? 6.877   -8.189  -11.097 1.00 27.18 ? 73   ARG A CG  1 
ATOM   244  C CD  . ARG A 1 30  ? 8.316   -8.639  -11.257 1.00 26.24 ? 73   ARG A CD  1 
ATOM   245  N NE  . ARG A 1 30  ? 8.741   -9.616  -10.255 1.00 26.47 ? 73   ARG A NE  1 
ATOM   246  C CZ  . ARG A 1 30  ? 9.680   -10.536 -10.466 1.00 28.52 ? 73   ARG A CZ  1 
ATOM   247  N NH1 . ARG A 1 30  ? 10.284  -10.610 -11.645 1.00 25.40 ? 73   ARG A NH1 1 
ATOM   248  N NH2 . ARG A 1 30  ? 10.050  -11.352 -9.486  1.00 24.87 ? 73   ARG A NH2 1 
ATOM   249  N N   . LEU A 1 31  ? 3.979   -10.716 -13.572 1.00 29.22 ? 74   LEU A N   1 
ATOM   250  C CA  . LEU A 1 31  ? 3.026   -11.792 -13.805 1.00 31.24 ? 74   LEU A CA  1 
ATOM   251  C C   . LEU A 1 31  ? 2.929   -12.210 -15.266 1.00 31.79 ? 74   LEU A C   1 
ATOM   252  O O   . LEU A 1 31  ? 2.194   -13.136 -15.592 1.00 32.43 ? 74   LEU A O   1 
ATOM   253  C CB  . LEU A 1 31  ? 1.647   -11.389 -13.287 1.00 28.30 ? 74   LEU A CB  1 
ATOM   254  C CG  . LEU A 1 31  ? 1.618   -10.860 -11.853 1.00 29.24 ? 74   LEU A CG  1 
ATOM   255  C CD1 . LEU A 1 31  ? 0.177   -10.693 -11.419 1.00 27.73 ? 74   LEU A CD1 1 
ATOM   256  C CD2 . LEU A 1 31  ? 2.351   -11.808 -10.926 1.00 28.66 ? 74   LEU A CD2 1 
ATOM   257  N N   . ARG A 1 32  ? 3.709   -11.543 -16.118 1.00 33.80 ? 75   ARG A N   1 
ATOM   258  C CA  . ARG A 1 32  ? 3.751   -11.773 -17.567 1.00 35.89 ? 75   ARG A CA  1 
ATOM   259  C C   . ARG A 1 32  ? 2.362   -11.898 -18.212 1.00 34.79 ? 75   ARG A C   1 
ATOM   260  O O   . ARG A 1 32  ? 2.069   -12.838 -18.960 1.00 35.76 ? 75   ARG A O   1 
ATOM   261  C CB  . ARG A 1 32  ? 4.688   -12.943 -17.932 1.00 38.28 ? 75   ARG A CB  1 
ATOM   262  C CG  . ARG A 1 32  ? 4.192   -14.341 -17.605 1.00 45.11 ? 75   ARG A CG  1 
ATOM   263  C CD  . ARG A 1 32  ? 5.291   -15.381 -17.818 1.00 48.92 ? 75   ARG A CD  1 
ATOM   264  N NE  . ARG A 1 32  ? 6.191   -15.469 -16.671 1.00 50.46 ? 75   ARG A NE  1 
ATOM   265  C CZ  . ARG A 1 32  ? 5.922   -16.158 -15.565 1.00 51.88 ? 75   ARG A CZ  1 
ATOM   266  N NH1 . ARG A 1 32  ? 4.776   -16.823 -15.456 1.00 53.39 ? 75   ARG A NH1 1 
ATOM   267  N NH2 . ARG A 1 32  ? 6.790   -16.171 -14.562 1.00 50.15 ? 75   ARG A NH2 1 
ATOM   268  N N   . THR A 1 33  ? 1.518   -10.921 -17.896 1.00 32.90 ? 76   THR A N   1 
ATOM   269  C CA  . THR A 1 33  ? 0.155   -10.837 -18.399 1.00 33.84 ? 76   THR A CA  1 
ATOM   270  C C   . THR A 1 33  ? -0.318  -9.424  -18.081 1.00 34.75 ? 76   THR A C   1 
ATOM   271  O O   . THR A 1 33  ? 0.188   -8.799  -17.150 1.00 34.97 ? 76   THR A O   1 
ATOM   272  C CB  . THR A 1 33  ? -0.769  -11.879 -17.721 1.00 34.89 ? 76   THR A CB  1 
ATOM   273  O OG1 . THR A 1 33  ? -1.954  -12.044 -18.509 1.00 36.55 ? 76   THR A OG1 1 
ATOM   274  C CG2 . THR A 1 33  ? -1.171  -11.437 -16.311 1.00 33.47 ? 76   THR A CG2 1 
ATOM   275  N N   . PHE A 1 34  ? -1.271  -8.910  -18.854 1.00 34.30 ? 77   PHE A N   1 
ATOM   276  C CA  . PHE A 1 34  ? -1.768  -7.554  -18.628 1.00 33.18 ? 77   PHE A CA  1 
ATOM   277  C C   . PHE A 1 34  ? -2.543  -7.413  -17.318 1.00 31.06 ? 77   PHE A C   1 
ATOM   278  O O   . PHE A 1 34  ? -3.606  -8.008  -17.144 1.00 28.26 ? 77   PHE A O   1 
ATOM   279  C CB  . PHE A 1 34  ? -2.629  -7.089  -19.810 1.00 38.09 ? 77   PHE A CB  1 
ATOM   280  C CG  . PHE A 1 34  ? -3.280  -5.746  -19.601 1.00 41.10 ? 77   PHE A CG  1 
ATOM   281  C CD1 . PHE A 1 34  ? -2.530  -4.644  -19.192 1.00 43.39 ? 77   PHE A CD1 1 
ATOM   282  C CD2 . PHE A 1 34  ? -4.645  -5.589  -19.801 1.00 44.99 ? 77   PHE A CD2 1 
ATOM   283  C CE1 . PHE A 1 34  ? -3.133  -3.404  -18.983 1.00 44.21 ? 77   PHE A CE1 1 
ATOM   284  C CE2 . PHE A 1 34  ? -5.257  -4.358  -19.597 1.00 46.19 ? 77   PHE A CE2 1 
ATOM   285  C CZ  . PHE A 1 34  ? -4.502  -3.261  -19.186 1.00 47.99 ? 77   PHE A CZ  1 
ATOM   286  N N   . VAL A 1 35  ? -1.984  -6.644  -16.390 1.00 26.54 ? 78   VAL A N   1 
ATOM   287  C CA  . VAL A 1 35  ? -2.628  -6.412  -15.101 1.00 24.47 ? 78   VAL A CA  1 
ATOM   288  C C   . VAL A 1 35  ? -3.100  -4.964  -15.072 1.00 24.38 ? 78   VAL A C   1 
ATOM   289  O O   . VAL A 1 35  ? -2.294  -4.051  -15.266 1.00 25.07 ? 78   VAL A O   1 
ATOM   290  C CB  . VAL A 1 35  ? -1.639  -6.648  -13.919 1.00 23.13 ? 78   VAL A CB  1 
ATOM   291  C CG1 . VAL A 1 35  ? -2.291  -6.279  -12.598 1.00 20.38 ? 78   VAL A CG1 1 
ATOM   292  C CG2 . VAL A 1 35  ? -1.180  -8.108  -13.888 1.00 23.84 ? 78   VAL A CG2 1 
ATOM   293  N N   . ASP A 1 36  ? -4.395  -4.735  -14.881 1.00 24.12 ? 79   ASP A N   1 
ATOM   294  C CA  . ASP A 1 36  ? -4.914  -3.364  -14.819 1.00 27.52 ? 79   ASP A CA  1 
ATOM   295  C C   . ASP A 1 36  ? -5.013  -2.882  -13.398 1.00 25.00 ? 79   ASP A C   1 
ATOM   296  O O   . ASP A 1 36  ? -5.309  -3.656  -12.488 1.00 26.85 ? 79   ASP A O   1 
ATOM   297  C CB  . ASP A 1 36  ? -6.332  -3.314  -15.346 1.00 32.28 ? 79   ASP A CB  1 
ATOM   298  C CG  . ASP A 1 36  ? -6.784  -1.899  -15.695 1.00 40.65 ? 79   ASP A CG  1 
ATOM   299  O OD1 . ASP A 1 36  ? -6.018  -1.101  -16.285 1.00 45.83 ? 79   ASP A OD1 1 
ATOM   300  O OD2 . ASP A 1 36  ? -7.957  -1.601  -15.394 1.00 45.75 ? 79   ASP A OD2 1 
ATOM   301  N N   . VAL A 1 37  ? -4.812  -1.586  -13.228 1.00 23.47 ? 80   VAL A N   1 
ATOM   302  C CA  . VAL A 1 37  ? -4.884  -0.966  -11.915 1.00 21.62 ? 80   VAL A CA  1 
ATOM   303  C C   . VAL A 1 37  ? -5.744  0.284   -11.945 1.00 19.31 ? 80   VAL A C   1 
ATOM   304  O O   . VAL A 1 37  ? -5.575  1.132   -12.814 1.00 24.42 ? 80   VAL A O   1 
ATOM   305  C CB  . VAL A 1 37  ? -3.476  -0.551  -11.392 1.00 20.56 ? 80   VAL A CB  1 
ATOM   306  C CG1 . VAL A 1 37  ? -3.604  0.171   -10.054 1.00 18.20 ? 80   VAL A CG1 1 
ATOM   307  C CG2 . VAL A 1 37  ? -2.564  -1.761  -11.260 1.00 21.04 ? 80   VAL A CG2 1 
ATOM   308  N N   . GLU A 1 38  ? -6.659  0.395   -10.990 1.00 18.93 ? 81   GLU A N   1 
ATOM   309  C CA  . GLU A 1 38  ? -7.518  1.568   -10.866 1.00 19.84 ? 81   GLU A CA  1 
ATOM   310  C C   . GLU A 1 38  ? -7.334  2.151   -9.466  1.00 19.50 ? 81   GLU A C   1 
ATOM   311  O O   . GLU A 1 38  ? -7.542  1.461   -8.459  1.00 19.01 ? 81   GLU A O   1 
ATOM   312  C CB  . GLU A 1 38  ? -8.990  1.220   -11.116 1.00 23.31 ? 81   GLU A CB  1 
ATOM   313  C CG  . GLU A 1 38  ? -9.395  1.228   -12.592 1.00 37.59 ? 81   GLU A CG  1 
ATOM   314  C CD  . GLU A 1 38  ? -9.240  2.597   -13.267 1.00 42.30 ? 81   GLU A CD  1 
ATOM   315  O OE1 . GLU A 1 38  ? -8.959  3.604   -12.580 1.00 48.70 ? 81   GLU A OE1 1 
ATOM   316  O OE2 . GLU A 1 38  ? -9.408  2.670   -14.503 1.00 48.73 ? 81   GLU A OE2 1 
ATOM   317  N N   . ILE A 1 39  ? -6.910  3.410   -9.411  1.00 20.53 ? 82   ILE A N   1 
ATOM   318  C CA  . ILE A 1 39  ? -6.657  4.096   -8.146  1.00 20.15 ? 82   ILE A CA  1 
ATOM   319  C C   . ILE A 1 39  ? -7.839  4.946   -7.702  1.00 23.40 ? 82   ILE A C   1 
ATOM   320  O O   . ILE A 1 39  ? -8.467  5.622   -8.513  1.00 26.98 ? 82   ILE A O   1 
ATOM   321  C CB  . ILE A 1 39  ? -5.404  5.024   -8.261  1.00 19.21 ? 82   ILE A CB  1 
ATOM   322  C CG1 . ILE A 1 39  ? -4.116  4.192   -8.386  1.00 20.96 ? 82   ILE A CG1 1 
ATOM   323  C CG2 . ILE A 1 39  ? -5.312  5.966   -7.073  1.00 19.81 ? 82   ILE A CG2 1 
ATOM   324  C CD1 . ILE A 1 39  ? -3.748  3.398   -7.138  1.00 16.34 ? 82   ILE A CD1 1 
ATOM   325  N N   . SER A 1 40  ? -8.136  4.895   -6.409  1.00 23.45 ? 83   SER A N   1 
ATOM   326  C CA  . SER A 1 40  ? -9.200  5.694   -5.821  1.00 26.13 ? 83   SER A CA  1 
ATOM   327  C C   . SER A 1 40  ? -8.713  6.053   -4.421  1.00 24.24 ? 83   SER A C   1 
ATOM   328  O O   . SER A 1 40  ? -8.044  5.251   -3.772  1.00 25.02 ? 83   SER A O   1 
ATOM   329  C CB  . SER A 1 40  ? -10.528 4.919   -5.774  1.00 25.37 ? 83   SER A CB  1 
ATOM   330  O OG  . SER A 1 40  ? -10.499 3.878   -4.818  1.00 35.41 ? 83   SER A OG  1 
ATOM   331  N N   . ILE A 1 41  ? -8.952  7.288   -3.995  1.00 22.75 ? 84   ILE A N   1 
ATOM   332  C CA  . ILE A 1 41  ? -8.518  7.705   -2.671  1.00 24.73 ? 84   ILE A CA  1 
ATOM   333  C C   . ILE A 1 41  ? -9.693  8.131   -1.812  1.00 25.95 ? 84   ILE A C   1 
ATOM   334  O O   . ILE A 1 41  ? -10.755 8.503   -2.317  1.00 25.50 ? 84   ILE A O   1 
ATOM   335  C CB  . ILE A 1 41  ? -7.477  8.857   -2.712  1.00 26.89 ? 84   ILE A CB  1 
ATOM   336  C CG1 . ILE A 1 41  ? -8.127  10.148  -3.213  1.00 28.63 ? 84   ILE A CG1 1 
ATOM   337  C CG2 . ILE A 1 41  ? -6.289  8.476   -3.603  1.00 26.82 ? 84   ILE A CG2 1 
ATOM   338  C CD1 . ILE A 1 41  ? -7.235  11.362  -3.092  1.00 27.46 ? 84   ILE A CD1 1 
ATOM   339  N N   . ASP A 1 42  ? -9.479  8.098   -0.506  1.00 26.58 ? 85   ASP A N   1 
ATOM   340  C CA  . ASP A 1 42  ? -10.509 8.471   0.447   1.00 28.76 ? 85   ASP A CA  1 
ATOM   341  C C   . ASP A 1 42  ? -9.799  8.760   1.757   1.00 29.03 ? 85   ASP A C   1 
ATOM   342  O O   . ASP A 1 42  ? -8.634  8.399   1.935   1.00 27.63 ? 85   ASP A O   1 
ATOM   343  C CB  . ASP A 1 42  ? -11.485 7.298   0.627   1.00 29.88 ? 85   ASP A CB  1 
ATOM   344  C CG  . ASP A 1 42  ? -12.840 7.724   1.197   1.00 37.27 ? 85   ASP A CG  1 
ATOM   345  O OD1 . ASP A 1 42  ? -13.079 8.937   1.400   1.00 40.61 ? 85   ASP A OD1 1 
ATOM   346  O OD2 . ASP A 1 42  ? -13.678 6.832   1.442   1.00 37.78 ? 85   ASP A OD2 1 
ATOM   347  N N   . GLN A 1 43  ? -10.468 9.487   2.642   1.00 29.44 ? 86   GLN A N   1 
ATOM   348  C CA  . GLN A 1 43  ? -9.904  9.773   3.950   1.00 31.94 ? 86   GLN A CA  1 
ATOM   349  C C   . GLN A 1 43  ? -10.917 9.298   4.975   1.00 31.07 ? 86   GLN A C   1 
ATOM   350  O O   . GLN A 1 43  ? -12.122 9.487   4.806   1.00 35.09 ? 86   GLN A O   1 
ATOM   351  C CB  . GLN A 1 43  ? -9.546  11.260  4.122   1.00 35.63 ? 86   GLN A CB  1 
ATOM   352  C CG  . GLN A 1 43  ? -10.702 12.248  4.045   1.00 38.17 ? 86   GLN A CG  1 
ATOM   353  C CD  . GLN A 1 43  ? -10.232 13.692  4.138   1.00 40.71 ? 86   GLN A CD  1 
ATOM   354  O OE1 . GLN A 1 43  ? -9.275  14.005  4.852   1.00 40.92 ? 86   GLN A OE1 1 
ATOM   355  N NE2 . GLN A 1 43  ? -10.898 14.579  3.402   1.00 38.96 ? 86   GLN A NE2 1 
ATOM   356  N N   . LEU A 1 44  ? -10.426 8.575   5.971   1.00 28.50 ? 87   LEU A N   1 
ATOM   357  C CA  . LEU A 1 44  ? -11.261 8.027   7.029   1.00 29.45 ? 87   LEU A CA  1 
ATOM   358  C C   . LEU A 1 44  ? -10.410 7.811   8.266   1.00 28.27 ? 87   LEU A C   1 
ATOM   359  O O   . LEU A 1 44  ? -9.215  8.117   8.259   1.00 27.66 ? 87   LEU A O   1 
ATOM   360  C CB  . LEU A 1 44  ? -11.890 6.699   6.586   1.00 30.70 ? 87   LEU A CB  1 
ATOM   361  C CG  . LEU A 1 44  ? -11.114 5.673   5.741   1.00 34.86 ? 87   LEU A CG  1 
ATOM   362  C CD1 . LEU A 1 44  ? -9.742  5.350   6.300   1.00 35.14 ? 87   LEU A CD1 1 
ATOM   363  C CD2 . LEU A 1 44  ? -11.946 4.411   5.655   1.00 34.20 ? 87   LEU A CD2 1 
ATOM   364  N N   . THR A 1 45  ? -11.016 7.278   9.321   1.00 26.29 ? 88   THR A N   1 
ATOM   365  C CA  . THR A 1 45  ? -10.280 7.018   10.550  1.00 25.42 ? 88   THR A CA  1 
ATOM   366  C C   . THR A 1 45  ? -9.447  5.757   10.388  1.00 24.93 ? 88   THR A C   1 
ATOM   367  O O   . THR A 1 45  ? -9.794  4.863   9.611   1.00 23.88 ? 88   THR A O   1 
ATOM   368  C CB  . THR A 1 45  ? -11.215 6.834   11.771  1.00 26.35 ? 88   THR A CB  1 
ATOM   369  O OG1 . THR A 1 45  ? -12.132 5.766   11.515  1.00 27.71 ? 88   THR A OG1 1 
ATOM   370  C CG2 . THR A 1 45  ? -11.982 8.121   12.068  1.00 24.54 ? 88   THR A CG2 1 
ATOM   371  N N   . TYR A 1 46  ? -8.338  5.706   11.116  1.00 23.66 ? 89   TYR A N   1 
ATOM   372  C CA  . TYR A 1 46  ? -7.439  4.560   11.091  1.00 24.93 ? 89   TYR A CA  1 
ATOM   373  C C   . TYR A 1 46  ? -8.197  3.305   11.518  1.00 27.18 ? 89   TYR A C   1 
ATOM   374  O O   . TYR A 1 46  ? -7.991  2.226   10.962  1.00 25.20 ? 89   TYR A O   1 
ATOM   375  C CB  . TYR A 1 46  ? -6.261  4.804   12.035  1.00 24.96 ? 89   TYR A CB  1 
ATOM   376  C CG  . TYR A 1 46  ? -5.300  3.644   12.126  1.00 27.33 ? 89   TYR A CG  1 
ATOM   377  C CD1 . TYR A 1 46  ? -4.417  3.361   11.080  1.00 25.40 ? 89   TYR A CD1 1 
ATOM   378  C CD2 . TYR A 1 46  ? -5.268  2.828   13.257  1.00 27.55 ? 89   TYR A CD2 1 
ATOM   379  C CE1 . TYR A 1 46  ? -3.530  2.296   11.157  1.00 26.05 ? 89   TYR A CE1 1 
ATOM   380  C CE2 . TYR A 1 46  ? -4.384  1.758   13.347  1.00 24.35 ? 89   TYR A CE2 1 
ATOM   381  C CZ  . TYR A 1 46  ? -3.516  1.500   12.294  1.00 29.89 ? 89   TYR A CZ  1 
ATOM   382  O OH  . TYR A 1 46  ? -2.621  0.458   12.378  1.00 30.53 ? 89   TYR A OH  1 
ATOM   383  N N   . GLU A 1 47  ? -9.076  3.459   12.508  1.00 28.88 ? 90   GLU A N   1 
ATOM   384  C CA  . GLU A 1 47  ? -9.881  2.350   13.015  1.00 30.87 ? 90   GLU A CA  1 
ATOM   385  C C   . GLU A 1 47  ? -10.702 1.706   11.902  1.00 27.33 ? 90   GLU A C   1 
ATOM   386  O O   . GLU A 1 47  ? -10.739 0.483   11.779  1.00 27.82 ? 90   GLU A O   1 
ATOM   387  C CB  . GLU A 1 47  ? -10.811 2.837   14.132  1.00 34.05 ? 90   GLU A CB  1 
ATOM   388  C CG  . GLU A 1 47  ? -11.733 1.770   14.707  1.00 39.08 ? 90   GLU A CG  1 
ATOM   389  C CD  . GLU A 1 47  ? -11.004 0.694   15.502  1.00 47.73 ? 90   GLU A CD  1 
ATOM   390  O OE1 . GLU A 1 47  ? -9.776  0.820   15.726  1.00 48.70 ? 90   GLU A OE1 1 
ATOM   391  O OE2 . GLU A 1 47  ? -11.669 -0.282  15.915  1.00 51.43 ? 90   GLU A OE2 1 
ATOM   392  N N   . GLU A 1 48  ? -11.361 2.537   11.100  1.00 27.75 ? 91   GLU A N   1 
ATOM   393  C CA  . GLU A 1 48  ? -12.168 2.062   9.981   1.00 28.01 ? 91   GLU A CA  1 
ATOM   394  C C   . GLU A 1 48  ? -11.328 1.232   9.016   1.00 28.67 ? 91   GLU A C   1 
ATOM   395  O O   . GLU A 1 48  ? -11.751 0.156   8.585   1.00 26.50 ? 91   GLU A O   1 
ATOM   396  C CB  . GLU A 1 48  ? -12.777 3.236   9.215   1.00 32.54 ? 91   GLU A CB  1 
ATOM   397  C CG  . GLU A 1 48  ? -13.932 3.939   9.902   1.00 39.30 ? 91   GLU A CG  1 
ATOM   398  C CD  . GLU A 1 48  ? -14.444 5.111   9.086   1.00 38.39 ? 91   GLU A CD  1 
ATOM   399  O OE1 . GLU A 1 48  ? -14.053 6.259   9.390   1.00 40.19 ? 91   GLU A OE1 1 
ATOM   400  O OE2 . GLU A 1 48  ? -15.220 4.880   8.131   1.00 38.87 ? 91   GLU A OE2 1 
ATOM   401  N N   . PHE A 1 49  ? -10.142 1.737   8.674   1.00 25.54 ? 92   PHE A N   1 
ATOM   402  C CA  . PHE A 1 49  ? -9.258  1.023   7.755   1.00 26.74 ? 92   PHE A CA  1 
ATOM   403  C C   . PHE A 1 49  ? -8.780  -0.312  8.308   1.00 24.10 ? 92   PHE A C   1 
ATOM   404  O O   . PHE A 1 49  ? -8.901  -1.335  7.641   1.00 26.60 ? 92   PHE A O   1 
ATOM   405  C CB  . PHE A 1 49  ? -8.031  1.863   7.369   1.00 24.13 ? 92   PHE A CB  1 
ATOM   406  C CG  . PHE A 1 49  ? -6.927  1.050   6.736   1.00 21.32 ? 92   PHE A CG  1 
ATOM   407  C CD1 . PHE A 1 49  ? -7.141  0.378   5.537   1.00 24.28 ? 92   PHE A CD1 1 
ATOM   408  C CD2 . PHE A 1 49  ? -5.698  0.904   7.370   1.00 24.94 ? 92   PHE A CD2 1 
ATOM   409  C CE1 . PHE A 1 49  ? -6.139  -0.439  4.981   1.00 20.71 ? 92   PHE A CE1 1 
ATOM   410  C CE2 . PHE A 1 49  ? -4.699  0.093   6.823   1.00 23.25 ? 92   PHE A CE2 1 
ATOM   411  C CZ  . PHE A 1 49  ? -4.924  -0.577  5.631   1.00 18.81 ? 92   PHE A CZ  1 
ATOM   412  N N   . ILE A 1 50  ? -8.211  -0.291  9.509   1.00 26.33 ? 93   ILE A N   1 
ATOM   413  C CA  . ILE A 1 50  ? -7.687  -1.506  10.117  1.00 27.74 ? 93   ILE A CA  1 
ATOM   414  C C   . ILE A 1 50  ? -8.758  -2.576  10.340  1.00 26.98 ? 93   ILE A C   1 
ATOM   415  O O   . ILE A 1 50  ? -8.493  -3.777  10.204  1.00 22.99 ? 93   ILE A O   1 
ATOM   416  C CB  . ILE A 1 50  ? -6.902  -1.184  11.417  1.00 29.82 ? 93   ILE A CB  1 
ATOM   417  C CG1 . ILE A 1 50  ? -5.660  -2.069  11.495  1.00 32.56 ? 93   ILE A CG1 1 
ATOM   418  C CG2 . ILE A 1 50  ? -7.769  -1.363  12.655  1.00 35.50 ? 93   ILE A CG2 1 
ATOM   419  C CD1 . ILE A 1 50  ? -4.721  -1.884  10.319  1.00 29.55 ? 93   ILE A CD1 1 
ATOM   420  N N   . ARG A 1 51  ? -9.981  -2.138  10.619  1.00 25.65 ? 94   ARG A N   1 
ATOM   421  C CA  . ARG A 1 51  ? -11.073 -3.073  10.834  1.00 27.87 ? 94   ARG A CA  1 
ATOM   422  C C   . ARG A 1 51  ? -11.527 -3.696  9.507   1.00 26.01 ? 94   ARG A C   1 
ATOM   423  O O   . ARG A 1 51  ? -12.072 -4.801  9.484   1.00 28.10 ? 94   ARG A O   1 
ATOM   424  C CB  . ARG A 1 51  ? -12.238 -2.390  11.555  1.00 28.24 ? 94   ARG A CB  1 
ATOM   425  C CG  . ARG A 1 51  ? -13.282 -3.367  12.037  1.00 39.47 ? 94   ARG A CG  1 
ATOM   426  C CD  . ARG A 1 51  ? -14.411 -2.704  12.809  1.00 46.12 ? 94   ARG A CD  1 
ATOM   427  N NE  . ARG A 1 51  ? -13.984 -2.153  14.092  1.00 49.91 ? 94   ARG A NE  1 
ATOM   428  C CZ  . ARG A 1 51  ? -14.373 -2.624  15.274  1.00 53.28 ? 94   ARG A CZ  1 
ATOM   429  N NH1 . ARG A 1 51  ? -15.194 -3.664  15.345  1.00 54.44 ? 94   ARG A NH1 1 
ATOM   430  N NH2 . ARG A 1 51  ? -13.970 -2.031  16.389  1.00 56.79 ? 94   ARG A NH2 1 
ATOM   431  N N   . SER A 1 52  ? -11.239 -3.020  8.398   1.00 21.63 ? 95   SER A N   1 
ATOM   432  C CA  . SER A 1 52  ? -11.626 -3.530  7.088   1.00 22.71 ? 95   SER A CA  1 
ATOM   433  C C   . SER A 1 52  ? -10.636 -4.561  6.547   1.00 20.64 ? 95   SER A C   1 
ATOM   434  O O   . SER A 1 52  ? -10.972 -5.319  5.646   1.00 23.67 ? 95   SER A O   1 
ATOM   435  C CB  . SER A 1 52  ? -11.782 -2.386  6.077   1.00 21.92 ? 95   SER A CB  1 
ATOM   436  O OG  . SER A 1 52  ? -10.518 -1.901  5.645   1.00 19.44 ? 95   SER A OG  1 
ATOM   437  N N   . VAL A 1 53  ? -9.420  -4.581  7.091   1.00 21.97 ? 96   VAL A N   1 
ATOM   438  C CA  . VAL A 1 53  ? -8.395  -5.523  6.630   1.00 21.34 ? 96   VAL A CA  1 
ATOM   439  C C   . VAL A 1 53  ? -8.709  -6.959  7.055   1.00 22.48 ? 96   VAL A C   1 
ATOM   440  O O   . VAL A 1 53  ? -9.016  -7.228  8.219   1.00 20.19 ? 96   VAL A O   1 
ATOM   441  C CB  . VAL A 1 53  ? -6.980  -5.125  7.136   1.00 22.81 ? 96   VAL A CB  1 
ATOM   442  C CG1 . VAL A 1 53  ? -5.932  -6.131  6.658   1.00 20.63 ? 96   VAL A CG1 1 
ATOM   443  C CG2 . VAL A 1 53  ? -6.618  -3.732  6.650   1.00 21.93 ? 96   VAL A CG2 1 
ATOM   444  N N   . MET A 1 54  ? -8.630  -7.880  6.103   1.00 20.82 ? 97   MET A N   1 
ATOM   445  C CA  . MET A 1 54  ? -8.902  -9.285  6.379   1.00 26.56 ? 97   MET A CA  1 
ATOM   446  C C   . MET A 1 54  ? -7.884  -9.909  7.337   1.00 27.52 ? 97   MET A C   1 
ATOM   447  O O   . MET A 1 54  ? -6.750  -9.437  7.463   1.00 25.14 ? 97   MET A O   1 
ATOM   448  C CB  . MET A 1 54  ? -8.950  -10.076 5.075   1.00 28.97 ? 97   MET A CB  1 
ATOM   449  C CG  . MET A 1 54  ? -10.062 -9.629  4.147   1.00 32.07 ? 97   MET A CG  1 
ATOM   450  S SD  . MET A 1 54  ? -9.954  -10.435 2.567   1.00 39.90 ? 97   MET A SD  1 
ATOM   451  C CE  . MET A 1 54  ? -11.677 -10.478 2.103   1.00 43.37 ? 97   MET A CE  1 
ATOM   452  N N   . ILE A 1 55  ? -8.322  -10.949 8.039   1.00 24.78 ? 98   ILE A N   1 
ATOM   453  C CA  . ILE A 1 55  ? -7.478  -11.657 8.991   1.00 23.47 ? 98   ILE A CA  1 
ATOM   454  C C   . ILE A 1 55  ? -7.391  -13.119 8.567   1.00 22.28 ? 98   ILE A C   1 
ATOM   455  O O   . ILE A 1 55  ? -8.360  -13.864 8.676   1.00 25.70 ? 98   ILE A O   1 
ATOM   456  C CB  . ILE A 1 55  ? -8.060  -11.586 10.419  1.00 25.48 ? 98   ILE A CB  1 
ATOM   457  C CG1 . ILE A 1 55  ? -8.358  -10.130 10.795  1.00 20.41 ? 98   ILE A CG1 1 
ATOM   458  C CG2 . ILE A 1 55  ? -7.076  -12.202 11.419  1.00 23.53 ? 98   ILE A CG2 1 
ATOM   459  C CD1 . ILE A 1 55  ? -9.167  -9.982  12.069  1.00 22.37 ? 98   ILE A CD1 1 
ATOM   460  N N   . PRO A 1 56  ? -6.198  -13.569 8.154   1.00 24.21 ? 99   PRO A N   1 
ATOM   461  C CA  . PRO A 1 56  ? -4.973  -12.771 8.080   1.00 24.70 ? 99   PRO A CA  1 
ATOM   462  C C   . PRO A 1 56  ? -4.802  -12.001 6.767   1.00 23.08 ? 99   PRO A C   1 
ATOM   463  O O   . PRO A 1 56  ? -5.606  -12.131 5.838   1.00 20.87 ? 99   PRO A O   1 
ATOM   464  C CB  . PRO A 1 56  ? -3.888  -13.832 8.263   1.00 23.17 ? 99   PRO A CB  1 
ATOM   465  C CG  . PRO A 1 56  ? -4.452  -14.987 7.511   1.00 24.90 ? 99   PRO A CG  1 
ATOM   466  C CD  . PRO A 1 56  ? -5.924  -14.990 7.863   1.00 22.99 ? 99   PRO A CD  1 
ATOM   467  N N   . SER A 1 57  ? -3.757  -11.182 6.716   1.00 23.16 ? 100  SER A N   1 
ATOM   468  C CA  . SER A 1 57  ? -3.432  -10.396 5.535   1.00 23.29 ? 100  SER A CA  1 
ATOM   469  C C   . SER A 1 57  ? -1.920  -10.167 5.505   1.00 22.99 ? 100  SER A C   1 
ATOM   470  O O   . SER A 1 57  ? -1.188  -10.688 6.352   1.00 23.74 ? 100  SER A O   1 
ATOM   471  C CB  . SER A 1 57  ? -4.163  -9.054  5.572   1.00 28.14 ? 100  SER A CB  1 
ATOM   472  O OG  . SER A 1 57  ? -4.077  -8.393  4.316   1.00 31.19 ? 100  SER A OG  1 
ATOM   473  N N   . PHE A 1 58  ? -1.451  -9.443  4.496   1.00 19.20 ? 101  PHE A N   1 
ATOM   474  C CA  . PHE A 1 58  ? -0.034  -9.132  4.378   1.00 17.58 ? 101  PHE A CA  1 
ATOM   475  C C   . PHE A 1 58  ? 0.088   -7.627  4.582   1.00 19.50 ? 101  PHE A C   1 
ATOM   476  O O   . PHE A 1 58  ? -0.208  -6.840  3.686   1.00 18.75 ? 101  PHE A O   1 
ATOM   477  C CB  . PHE A 1 58  ? 0.513   -9.539  3.007   1.00 17.61 ? 101  PHE A CB  1 
ATOM   478  C CG  . PHE A 1 58  ? 2.012   -9.473  2.913   1.00 17.85 ? 101  PHE A CG  1 
ATOM   479  C CD1 . PHE A 1 58  ? 2.810   -10.200 3.796   1.00 20.29 ? 101  PHE A CD1 1 
ATOM   480  C CD2 . PHE A 1 58  ? 2.627   -8.679  1.957   1.00 20.34 ? 101  PHE A CD2 1 
ATOM   481  C CE1 . PHE A 1 58  ? 4.197   -10.132 3.721   1.00 21.36 ? 101  PHE A CE1 1 
ATOM   482  C CE2 . PHE A 1 58  ? 4.016   -8.607  1.878   1.00 18.99 ? 101  PHE A CE2 1 
ATOM   483  C CZ  . PHE A 1 58  ? 4.800   -9.334  2.759   1.00 18.23 ? 101  PHE A CZ  1 
ATOM   484  N N   . ILE A 1 59  ? 0.495   -7.241  5.786   1.00 16.47 ? 102  ILE A N   1 
ATOM   485  C CA  . ILE A 1 59  ? 0.625   -5.843  6.148   1.00 16.49 ? 102  ILE A CA  1 
ATOM   486  C C   . ILE A 1 59  ? 2.080   -5.427  6.302   1.00 19.14 ? 102  ILE A C   1 
ATOM   487  O O   . ILE A 1 59  ? 2.788   -5.916  7.184   1.00 21.33 ? 102  ILE A O   1 
ATOM   488  C CB  . ILE A 1 59  ? -0.155  -5.565  7.450   1.00 18.23 ? 102  ILE A CB  1 
ATOM   489  C CG1 . ILE A 1 59  ? -1.625  -5.954  7.248   1.00 19.58 ? 102  ILE A CG1 1 
ATOM   490  C CG2 . ILE A 1 59  ? -0.040  -4.104  7.842   1.00 22.89 ? 102  ILE A CG2 1 
ATOM   491  C CD1 . ILE A 1 59  ? -2.396  -6.165  8.526   1.00 23.35 ? 102  ILE A CD1 1 
ATOM   492  N N   . VAL A 1 60  ? 2.524   -4.531  5.426   1.00 18.42 ? 103  VAL A N   1 
ATOM   493  C CA  . VAL A 1 60  ? 3.897   -4.037  5.468   1.00 16.96 ? 103  VAL A CA  1 
ATOM   494  C C   . VAL A 1 60  ? 3.940   -2.629  6.060   1.00 16.09 ? 103  VAL A C   1 
ATOM   495  O O   . VAL A 1 60  ? 3.364   -1.700  5.504   1.00 17.51 ? 103  VAL A O   1 
ATOM   496  C CB  . VAL A 1 60  ? 4.538   -4.028  4.054   1.00 18.74 ? 103  VAL A CB  1 
ATOM   497  C CG1 . VAL A 1 60  ? 5.882   -3.274  4.067   1.00 20.38 ? 103  VAL A CG1 1 
ATOM   498  C CG2 . VAL A 1 60  ? 4.747   -5.449  3.570   1.00 20.58 ? 103  VAL A CG2 1 
ATOM   499  N N   . ILE A 1 61  ? 4.596   -2.484  7.207   1.00 17.22 ? 104  ILE A N   1 
ATOM   500  C CA  . ILE A 1 61  ? 4.723   -1.182  7.849   1.00 19.64 ? 104  ILE A CA  1 
ATOM   501  C C   . ILE A 1 61  ? 6.040   -0.565  7.381   1.00 20.29 ? 104  ILE A C   1 
ATOM   502  O O   . ILE A 1 61  ? 7.115   -1.136  7.594   1.00 19.16 ? 104  ILE A O   1 
ATOM   503  C CB  . ILE A 1 61  ? 4.710   -1.287  9.398   1.00 22.58 ? 104  ILE A CB  1 
ATOM   504  C CG1 . ILE A 1 61  ? 3.401   -1.916  9.884   1.00 23.28 ? 104  ILE A CG1 1 
ATOM   505  C CG2 . ILE A 1 61  ? 4.848   0.096   10.024  1.00 22.68 ? 104  ILE A CG2 1 
ATOM   506  C CD1 . ILE A 1 61  ? 3.395   -3.432  9.849   1.00 24.45 ? 104  ILE A CD1 1 
ATOM   507  N N   . PHE A 1 62  ? 5.951   0.599   6.745   1.00 20.47 ? 105  PHE A N   1 
ATOM   508  C CA  . PHE A 1 62  ? 7.136   1.267   6.221   1.00 19.40 ? 105  PHE A CA  1 
ATOM   509  C C   . PHE A 1 62  ? 7.220   2.745   6.577   1.00 21.46 ? 105  PHE A C   1 
ATOM   510  O O   . PHE A 1 62  ? 6.239   3.369   6.982   1.00 19.68 ? 105  PHE A O   1 
ATOM   511  C CB  . PHE A 1 62  ? 7.199   1.106   4.689   1.00 18.00 ? 105  PHE A CB  1 
ATOM   512  C CG  . PHE A 1 62  ? 6.182   1.937   3.940   1.00 18.94 ? 105  PHE A CG  1 
ATOM   513  C CD1 . PHE A 1 62  ? 6.544   3.162   3.375   1.00 19.32 ? 105  PHE A CD1 1 
ATOM   514  C CD2 . PHE A 1 62  ? 4.868   1.498   3.803   1.00 18.77 ? 105  PHE A CD2 1 
ATOM   515  C CE1 . PHE A 1 62  ? 5.611   3.945   2.681   1.00 15.44 ? 105  PHE A CE1 1 
ATOM   516  C CE2 . PHE A 1 62  ? 3.923   2.267   3.115   1.00 19.13 ? 105  PHE A CE2 1 
ATOM   517  C CZ  . PHE A 1 62  ? 4.297   3.497   2.554   1.00 19.05 ? 105  PHE A CZ  1 
ATOM   518  N N   . THR A 1 63  ? 8.408   3.299   6.375   1.00 21.70 ? 106  THR A N   1 
ATOM   519  C CA  . THR A 1 63  ? 8.672   4.698   6.640   1.00 23.89 ? 106  THR A CA  1 
ATOM   520  C C   . THR A 1 63  ? 9.682   5.196   5.610   1.00 23.04 ? 106  THR A C   1 
ATOM   521  O O   . THR A 1 63  ? 10.033  4.486   4.664   1.00 21.18 ? 106  THR A O   1 
ATOM   522  C CB  . THR A 1 63  ? 9.255   4.899   8.066   1.00 22.47 ? 106  THR A CB  1 
ATOM   523  O OG1 . THR A 1 63  ? 9.374   6.300   8.351   1.00 25.55 ? 106  THR A OG1 1 
ATOM   524  C CG2 . THR A 1 63  ? 10.632  4.256   8.178   1.00 24.05 ? 106  THR A CG2 1 
ATOM   525  N N   . GLY A 1 64  ? 10.117  6.433   5.801   1.00 26.94 ? 107  GLY A N   1 
ATOM   526  C CA  . GLY A 1 64  ? 11.097  7.050   4.932   1.00 31.49 ? 107  GLY A CA  1 
ATOM   527  C C   . GLY A 1 64  ? 11.857  8.032   5.797   1.00 35.30 ? 107  GLY A C   1 
ATOM   528  O O   . GLY A 1 64  ? 11.313  8.534   6.785   1.00 33.48 ? 107  GLY A O   1 
ATOM   529  N N   . ASP A 1 65  ? 13.123  8.269   5.467   1.00 39.30 ? 108  ASP A N   1 
ATOM   530  C CA  . ASP A 1 65  ? 13.966  9.207   6.211   1.00 43.87 ? 108  ASP A CA  1 
ATOM   531  C C   . ASP A 1 65  ? 13.240  10.518  6.467   1.00 43.67 ? 108  ASP A C   1 
ATOM   532  O O   . ASP A 1 65  ? 13.147  11.007  7.596   1.00 44.25 ? 108  ASP A O   1 
ATOM   533  C CB  . ASP A 1 65  ? 15.254  9.523   5.432   1.00 48.07 ? 108  ASP A CB  1 
ATOM   534  C CG  . ASP A 1 65  ? 15.209  9.078   3.957   1.00 54.23 ? 108  ASP A CG  1 
ATOM   535  O OD1 . ASP A 1 65  ? 14.139  9.093   3.296   1.00 53.16 ? 108  ASP A OD1 1 
ATOM   536  O OD2 . ASP A 1 65  ? 16.290  8.722   3.445   1.00 58.51 ? 108  ASP A OD2 1 
ATOM   537  N N   . VAL A 1 66  ? 12.699  11.042  5.378   1.00 43.64 ? 109  VAL A N   1 
ATOM   538  C CA  . VAL A 1 66  ? 11.985  12.300  5.341   1.00 43.96 ? 109  VAL A CA  1 
ATOM   539  C C   . VAL A 1 66  ? 10.606  12.325  6.013   1.00 44.45 ? 109  VAL A C   1 
ATOM   540  O O   . VAL A 1 66  ? 9.960   13.371  6.059   1.00 47.13 ? 109  VAL A O   1 
ATOM   541  C CB  . VAL A 1 66  ? 11.922  12.793  3.885   1.00 44.03 ? 109  VAL A CB  1 
ATOM   542  C CG1 . VAL A 1 66  ? 13.341  13.048  3.374   1.00 44.42 ? 109  VAL A CG1 1 
ATOM   543  C CG2 . VAL A 1 66  ? 11.270  11.746  3.009   1.00 45.89 ? 109  VAL A CG2 1 
ATOM   544  N N   . PHE A 1 67  ? 10.164  11.178  6.525   1.00 44.42 ? 110  PHE A N   1 
ATOM   545  C CA  . PHE A 1 67  ? 8.888   11.080  7.239   1.00 43.72 ? 110  PHE A CA  1 
ATOM   546  C C   . PHE A 1 67  ? 9.185   10.865  8.702   1.00 43.22 ? 110  PHE A C   1 
ATOM   547  O O   . PHE A 1 67  ? 10.275  10.436  9.072   1.00 43.72 ? 110  PHE A O   1 
ATOM   548  C CB  . PHE A 1 67  ? 8.097   9.836   6.847   1.00 41.68 ? 110  PHE A CB  1 
ATOM   549  C CG  . PHE A 1 67  ? 7.584   9.838   5.461   1.00 40.16 ? 110  PHE A CG  1 
ATOM   550  C CD1 . PHE A 1 67  ? 7.557   8.653   4.751   1.00 40.27 ? 110  PHE A CD1 1 
ATOM   551  C CD2 . PHE A 1 67  ? 7.118   11.000  4.857   1.00 39.16 ? 110  PHE A CD2 1 
ATOM   552  C CE1 . PHE A 1 67  ? 7.083   8.611   3.465   1.00 41.49 ? 110  PHE A CE1 1 
ATOM   553  C CE2 . PHE A 1 67  ? 6.636   10.970  3.557   1.00 39.33 ? 110  PHE A CE2 1 
ATOM   554  C CZ  . PHE A 1 67  ? 6.620   9.771   2.859   1.00 37.33 ? 110  PHE A CZ  1 
ATOM   555  N N   . GLU A 1 68  ? 8.161   11.054  9.519   1.00 45.20 ? 111  GLU A N   1 
ATOM   556  C CA  . GLU A 1 68  ? 8.282   10.821  10.940  1.00 46.16 ? 111  GLU A CA  1 
ATOM   557  C C   . GLU A 1 68  ? 7.034   10.050  11.318  1.00 45.77 ? 111  GLU A C   1 
ATOM   558  O O   . GLU A 1 68  ? 5.946   10.609  11.481  1.00 49.68 ? 111  GLU A O   1 
ATOM   559  C CB  . GLU A 1 68  ? 8.394   12.117  11.727  1.00 49.17 ? 111  GLU A CB  1 
ATOM   560  C CG  . GLU A 1 68  ? 9.440   12.025  12.822  1.00 53.80 ? 111  GLU A CG  1 
ATOM   561  C CD  . GLU A 1 68  ? 10.790  12.565  12.387  1.00 55.48 ? 111  GLU A CD  1 
ATOM   562  O OE1 . GLU A 1 68  ? 11.456  11.950  11.522  1.00 54.84 ? 111  GLU A OE1 1 
ATOM   563  O OE2 . GLU A 1 68  ? 11.181  13.624  12.919  1.00 59.91 ? 111  GLU A OE2 1 
ATOM   564  N N   . GLY A 1 69  ? 7.208   8.742   11.397  1.00 41.14 ? 112  GLY A N   1 
ATOM   565  C CA  . GLY A 1 69  ? 6.107   7.863   11.708  1.00 36.71 ? 112  GLY A CA  1 
ATOM   566  C C   . GLY A 1 69  ? 6.064   6.858   10.583  1.00 32.10 ? 112  GLY A C   1 
ATOM   567  O O   . GLY A 1 69  ? 6.830   6.952   9.615   1.00 30.52 ? 112  GLY A O   1 
ATOM   568  N N   . SER A 1 70  ? 5.134   5.919   10.687  1.00 28.69 ? 113  SER A N   1 
ATOM   569  C CA  . SER A 1 70  ? 5.000   4.871   9.697   1.00 24.72 ? 113  SER A CA  1 
ATOM   570  C C   . SER A 1 70  ? 3.743   4.967   8.859   1.00 21.87 ? 113  SER A C   1 
ATOM   571  O O   . SER A 1 70  ? 2.806   5.708   9.172   1.00 19.13 ? 113  SER A O   1 
ATOM   572  C CB  . SER A 1 70  ? 5.014   3.518   10.397  1.00 24.13 ? 113  SER A CB  1 
ATOM   573  O OG  . SER A 1 70  ? 6.160   3.387   11.211  1.00 27.84 ? 113  SER A OG  1 
ATOM   574  N N   . ALA A 1 71  ? 3.740   4.191   7.784   1.00 16.36 ? 114  ALA A N   1 
ATOM   575  C CA  . ALA A 1 71  ? 2.605   4.097   6.874   1.00 17.69 ? 114  ALA A CA  1 
ATOM   576  C C   . ALA A 1 71  ? 2.444   2.611   6.594   1.00 16.98 ? 114  ALA A C   1 
ATOM   577  O O   . ALA A 1 71  ? 3.329   1.812   6.903   1.00 17.99 ? 114  ALA A O   1 
ATOM   578  C CB  . ALA A 1 71  ? 2.867   4.864   5.584   1.00 16.02 ? 114  ALA A CB  1 
ATOM   579  N N   . ILE A 1 72  ? 1.324   2.244   5.993   1.00 17.37 ? 115  ILE A N   1 
ATOM   580  C CA  . ILE A 1 72  ? 1.032   0.855   5.711   1.00 17.73 ? 115  ILE A CA  1 
ATOM   581  C C   . ILE A 1 72  ? 0.775   0.565   4.237   1.00 17.67 ? 115  ILE A C   1 
ATOM   582  O O   . ILE A 1 72  ? 0.086   1.321   3.548   1.00 18.25 ? 115  ILE A O   1 
ATOM   583  C CB  . ILE A 1 72  ? -0.224  0.391   6.517   1.00 20.08 ? 115  ILE A CB  1 
ATOM   584  C CG1 . ILE A 1 72  ? 0.047   0.463   8.026   1.00 22.45 ? 115  ILE A CG1 1 
ATOM   585  C CG2 . ILE A 1 72  ? -0.623  -1.025  6.127   1.00 17.92 ? 115  ILE A CG2 1 
ATOM   586  C CD1 . ILE A 1 72  ? -1.190  0.237   8.880   1.00 20.10 ? 115  ILE A CD1 1 
ATOM   587  N N   . PHE A 1 73  ? 1.370   -0.529  3.775   1.00 17.25 ? 116  PHE A N   1 
ATOM   588  C CA  . PHE A 1 73  ? 1.205   -1.037  2.419   1.00 15.16 ? 116  PHE A CA  1 
ATOM   589  C C   . PHE A 1 73  ? 0.579   -2.407  2.702   1.00 16.70 ? 116  PHE A C   1 
ATOM   590  O O   . PHE A 1 73  ? 1.222   -3.295  3.265   1.00 15.61 ? 116  PHE A O   1 
ATOM   591  C CB  . PHE A 1 73  ? 2.566   -1.196  1.723   1.00 15.56 ? 116  PHE A CB  1 
ATOM   592  C CG  . PHE A 1 73  ? 2.482   -1.814  0.346   1.00 13.22 ? 116  PHE A CG  1 
ATOM   593  C CD1 . PHE A 1 73  ? 2.495   -1.015  -0.795  1.00 16.21 ? 116  PHE A CD1 1 
ATOM   594  C CD2 . PHE A 1 73  ? 2.388   -3.196  0.193   1.00 19.68 ? 116  PHE A CD2 1 
ATOM   595  C CE1 . PHE A 1 73  ? 2.414   -1.587  -2.068  1.00 15.34 ? 116  PHE A CE1 1 
ATOM   596  C CE2 . PHE A 1 73  ? 2.305   -3.780  -1.077  1.00 18.16 ? 116  PHE A CE2 1 
ATOM   597  C CZ  . PHE A 1 73  ? 2.319   -2.977  -2.206  1.00 15.53 ? 116  PHE A CZ  1 
ATOM   598  N N   . GLU A 1 74  ? -0.688  -2.562  2.352   1.00 16.40 ? 117  GLU A N   1 
ATOM   599  C CA  . GLU A 1 74  ? -1.384  -3.805  2.618   1.00 14.27 ? 117  GLU A CA  1 
ATOM   600  C C   . GLU A 1 74  ? -1.813  -4.472  1.324   1.00 15.65 ? 117  GLU A C   1 
ATOM   601  O O   . GLU A 1 74  ? -2.326  -3.821  0.418   1.00 16.50 ? 117  GLU A O   1 
ATOM   602  C CB  . GLU A 1 74  ? -2.582  -3.529  3.546   1.00 15.02 ? 117  GLU A CB  1 
ATOM   603  C CG  . GLU A 1 74  ? -3.402  -4.757  3.952   1.00 19.37 ? 117  GLU A CG  1 
ATOM   604  C CD  . GLU A 1 74  ? -4.684  -4.906  3.155   1.00 24.84 ? 117  GLU A CD  1 
ATOM   605  O OE1 . GLU A 1 74  ? -5.243  -3.876  2.727   1.00 25.13 ? 117  GLU A OE1 1 
ATOM   606  O OE2 . GLU A 1 74  ? -5.142  -6.056  2.966   1.00 27.02 ? 117  GLU A OE2 1 
ATOM   607  N N   . MET A 1 75  ? -1.580  -5.778  1.247   1.00 17.94 ? 118  MET A N   1 
ATOM   608  C CA  . MET A 1 75  ? -1.930  -6.567  0.071   1.00 20.99 ? 118  MET A CA  1 
ATOM   609  C C   . MET A 1 75  ? -2.785  -7.752  0.492   1.00 19.71 ? 118  MET A C   1 
ATOM   610  O O   . MET A 1 75  ? -2.423  -8.499  1.414   1.00 21.50 ? 118  MET A O   1 
ATOM   611  C CB  . MET A 1 75  ? -0.659  -7.078  -0.630  1.00 21.03 ? 118  MET A CB  1 
ATOM   612  C CG  . MET A 1 75  ? -0.925  -7.924  -1.876  1.00 25.23 ? 118  MET A CG  1 
ATOM   613  S SD  . MET A 1 75  ? 0.587   -8.599  -2.661  1.00 32.52 ? 118  MET A SD  1 
ATOM   614  C CE  . MET A 1 75  ? 1.850   -7.728  -1.741  1.00 17.97 ? 118  MET A CE  1 
ATOM   615  N N   . ARG A 1 76  ? -3.925  -7.913  -0.168  1.00 18.56 ? 119  ARG A N   1 
ATOM   616  C CA  . ARG A 1 76  ? -4.815  -9.028  0.118   1.00 21.02 ? 119  ARG A CA  1 
ATOM   617  C C   . ARG A 1 76  ? -4.079  -10.335 -0.165  1.00 21.03 ? 119  ARG A C   1 
ATOM   618  O O   . ARG A 1 76  ? -3.323  -10.436 -1.136  1.00 19.93 ? 119  ARG A O   1 
ATOM   619  C CB  . ARG A 1 76  ? -6.069  -8.938  -0.745  1.00 24.69 ? 119  ARG A CB  1 
ATOM   620  C CG  . ARG A 1 76  ? -6.940  -7.737  -0.438  1.00 30.64 ? 119  ARG A CG  1 
ATOM   621  C CD  . ARG A 1 76  ? -8.362  -8.166  -0.090  1.00 36.98 ? 119  ARG A CD  1 
ATOM   622  N NE  . ARG A 1 76  ? -9.195  -7.012  0.241   1.00 35.09 ? 119  ARG A NE  1 
ATOM   623  C CZ  . ARG A 1 76  ? -10.455 -6.837  -0.147  1.00 35.87 ? 119  ARG A CZ  1 
ATOM   624  N NH1 . ARG A 1 76  ? -11.067 -7.757  -0.885  1.00 30.71 ? 119  ARG A NH1 1 
ATOM   625  N NH2 . ARG A 1 76  ? -11.083 -5.703  0.145   1.00 29.94 ? 119  ARG A NH2 1 
ATOM   626  N N   . LEU A 1 77  ? -4.298  -11.333 0.685   1.00 22.26 ? 120  LEU A N   1 
ATOM   627  C CA  . LEU A 1 77  ? -3.639  -12.619 0.528   1.00 25.03 ? 120  LEU A CA  1 
ATOM   628  C C   . LEU A 1 77  ? -3.930  -13.351 -0.776  1.00 24.65 ? 120  LEU A C   1 
ATOM   629  O O   . LEU A 1 77  ? -3.066  -14.061 -1.278  1.00 25.66 ? 120  LEU A O   1 
ATOM   630  C CB  . LEU A 1 77  ? -3.903  -13.524 1.734   1.00 25.24 ? 120  LEU A CB  1 
ATOM   631  C CG  . LEU A 1 77  ? -3.159  -13.092 2.997   1.00 29.59 ? 120  LEU A CG  1 
ATOM   632  C CD1 . LEU A 1 77  ? -3.465  -14.048 4.135   1.00 30.71 ? 120  LEU A CD1 1 
ATOM   633  C CD2 . LEU A 1 77  ? -1.655  -13.050 2.723   1.00 27.51 ? 120  LEU A CD2 1 
ATOM   634  N N   . ASP A 1 78  ? -5.124  -13.177 -1.339  1.00 27.58 ? 121  ASP A N   1 
ATOM   635  C CA  . ASP A 1 78  ? -5.430  -13.847 -2.600  1.00 28.01 ? 121  ASP A CA  1 
ATOM   636  C C   . ASP A 1 78  ? -4.494  -13.363 -3.706  1.00 26.48 ? 121  ASP A C   1 
ATOM   637  O O   . ASP A 1 78  ? -4.041  -14.156 -4.531  1.00 25.94 ? 121  ASP A O   1 
ATOM   638  C CB  . ASP A 1 78  ? -6.914  -13.713 -2.990  1.00 31.80 ? 121  ASP A CB  1 
ATOM   639  C CG  . ASP A 1 78  ? -7.378  -12.269 -3.130  1.00 33.23 ? 121  ASP A CG  1 
ATOM   640  O OD1 . ASP A 1 78  ? -6.730  -11.345 -2.591  1.00 33.51 ? 121  ASP A OD1 1 
ATOM   641  O OD2 . ASP A 1 78  ? -8.424  -12.065 -3.769  1.00 31.94 ? 121  ASP A OD2 1 
ATOM   642  N N   . LEU A 1 79  ? -4.174  -12.069 -3.691  1.00 25.02 ? 122  LEU A N   1 
ATOM   643  C CA  . LEU A 1 79  ? -3.251  -11.487 -4.663  1.00 21.41 ? 122  LEU A CA  1 
ATOM   644  C C   . LEU A 1 79  ? -1.835  -11.915 -4.299  1.00 20.17 ? 122  LEU A C   1 
ATOM   645  O O   . LEU A 1 79  ? -1.038  -12.263 -5.172  1.00 20.17 ? 122  LEU A O   1 
ATOM   646  C CB  . LEU A 1 79  ? -3.325  -9.954  -4.640  1.00 20.29 ? 122  LEU A CB  1 
ATOM   647  C CG  . LEU A 1 79  ? -2.232  -9.204  -5.409  1.00 21.42 ? 122  LEU A CG  1 
ATOM   648  C CD1 . LEU A 1 79  ? -2.281  -9.532  -6.898  1.00 22.20 ? 122  LEU A CD1 1 
ATOM   649  C CD2 . LEU A 1 79  ? -2.392  -7.711  -5.198  1.00 24.70 ? 122  LEU A CD2 1 
ATOM   650  N N   . PHE A 1 80  ? -1.532  -11.847 -3.003  1.00 17.63 ? 123  PHE A N   1 
ATOM   651  C CA  . PHE A 1 80  ? -0.228  -12.207 -2.471  1.00 19.53 ? 123  PHE A CA  1 
ATOM   652  C C   . PHE A 1 80  ? 0.166   -13.610 -2.922  1.00 22.75 ? 123  PHE A C   1 
ATOM   653  O O   . PHE A 1 80  ? 1.228   -13.795 -3.512  1.00 20.79 ? 123  PHE A O   1 
ATOM   654  C CB  . PHE A 1 80  ? -0.246  -12.111 -0.941  1.00 20.93 ? 123  PHE A CB  1 
ATOM   655  C CG  . PHE A 1 80  ? 0.997   -12.636 -0.271  1.00 20.65 ? 123  PHE A CG  1 
ATOM   656  C CD1 . PHE A 1 80  ? 1.994   -11.767 0.160   1.00 17.18 ? 123  PHE A CD1 1 
ATOM   657  C CD2 . PHE A 1 80  ? 1.160   -14.006 -0.048  1.00 22.70 ? 123  PHE A CD2 1 
ATOM   658  C CE1 . PHE A 1 80  ? 3.138   -12.256 0.808   1.00 17.48 ? 123  PHE A CE1 1 
ATOM   659  C CE2 . PHE A 1 80  ? 2.293   -14.499 0.593   1.00 22.61 ? 123  PHE A CE2 1 
ATOM   660  C CZ  . PHE A 1 80  ? 3.284   -13.624 1.024   1.00 18.86 ? 123  PHE A CZ  1 
ATOM   661  N N   . TYR A 1 81  ? -0.692  -14.592 -2.654  1.00 20.64 ? 124  TYR A N   1 
ATOM   662  C CA  . TYR A 1 81  ? -0.388  -15.964 -3.042  1.00 22.87 ? 124  TYR A CA  1 
ATOM   663  C C   . TYR A 1 81  ? -0.413  -16.203 -4.543  1.00 21.35 ? 124  TYR A C   1 
ATOM   664  O O   . TYR A 1 81  ? 0.350   -17.018 -5.050  1.00 25.35 ? 124  TYR A O   1 
ATOM   665  C CB  . TYR A 1 81  ? -1.316  -16.946 -2.340  1.00 24.52 ? 124  TYR A CB  1 
ATOM   666  C CG  . TYR A 1 81  ? -1.067  -17.089 -0.857  1.00 23.22 ? 124  TYR A CG  1 
ATOM   667  C CD1 . TYR A 1 81  ? 0.111   -17.655 -0.384  1.00 22.00 ? 124  TYR A CD1 1 
ATOM   668  C CD2 . TYR A 1 81  ? -2.020  -16.678 0.072   1.00 25.04 ? 124  TYR A CD2 1 
ATOM   669  C CE1 . TYR A 1 81  ? 0.339   -17.808 0.978   1.00 22.47 ? 124  TYR A CE1 1 
ATOM   670  C CE2 . TYR A 1 81  ? -1.802  -16.831 1.445   1.00 26.03 ? 124  TYR A CE2 1 
ATOM   671  C CZ  . TYR A 1 81  ? -0.617  -17.397 1.883   1.00 22.04 ? 124  TYR A CZ  1 
ATOM   672  O OH  . TYR A 1 81  ? -0.379  -17.545 3.228   1.00 25.04 ? 124  TYR A OH  1 
ATOM   673  N N   . THR A 1 82  ? -1.285  -15.497 -5.254  1.00 23.40 ? 125  THR A N   1 
ATOM   674  C CA  . THR A 1 82  ? -1.361  -15.643 -6.702  1.00 24.06 ? 125  THR A CA  1 
ATOM   675  C C   . THR A 1 82  ? -0.069  -15.126 -7.327  1.00 24.70 ? 125  THR A C   1 
ATOM   676  O O   . THR A 1 82  ? 0.515   -15.779 -8.194  1.00 25.09 ? 125  THR A O   1 
ATOM   677  C CB  . THR A 1 82  ? -2.567  -14.876 -7.294  1.00 24.18 ? 125  THR A CB  1 
ATOM   678  O OG1 . THR A 1 82  ? -3.781  -15.432 -6.781  1.00 24.41 ? 125  THR A OG1 1 
ATOM   679  C CG2 . THR A 1 82  ? -2.576  -14.984 -8.817  1.00 25.49 ? 125  THR A CG2 1 
ATOM   680  N N   . MET A 1 83  ? 0.379   -13.963 -6.856  1.00 21.51 ? 126  MET A N   1 
ATOM   681  C CA  . MET A 1 83  ? 1.604   -13.331 -7.344  1.00 22.19 ? 126  MET A CA  1 
ATOM   682  C C   . MET A 1 83  ? 2.812   -14.207 -7.096  1.00 20.85 ? 126  MET A C   1 
ATOM   683  O O   . MET A 1 83  ? 3.662   -14.381 -7.976  1.00 21.50 ? 126  MET A O   1 
ATOM   684  C CB  . MET A 1 83  ? 1.846   -12.000 -6.623  1.00 22.40 ? 126  MET A CB  1 
ATOM   685  C CG  . MET A 1 83  ? 1.693   -10.771 -7.480  1.00 27.42 ? 126  MET A CG  1 
ATOM   686  S SD  . MET A 1 83  ? 2.348   -9.330  -6.629  1.00 27.09 ? 126  MET A SD  1 
ATOM   687  C CE  . MET A 1 83  ? 3.960   -9.239  -7.309  1.00 17.73 ? 126  MET A CE  1 
ATOM   688  N N   . LEU A 1 84  ? 2.927   -14.673 -5.857  1.00 20.27 ? 127  LEU A N   1 
ATOM   689  C CA  . LEU A 1 84  ? 4.041   -15.513 -5.453  1.00 22.62 ? 127  LEU A CA  1 
ATOM   690  C C   . LEU A 1 84  ? 4.101   -16.772 -6.309  1.00 26.02 ? 127  LEU A C   1 
ATOM   691  O O   . LEU A 1 84  ? 5.158   -17.118 -6.840  1.00 27.73 ? 127  LEU A O   1 
ATOM   692  C CB  . LEU A 1 84  ? 3.907   -15.876 -3.975  1.00 22.97 ? 127  LEU A CB  1 
ATOM   693  C CG  . LEU A 1 84  ? 5.035   -16.700 -3.364  1.00 25.90 ? 127  LEU A CG  1 
ATOM   694  C CD1 . LEU A 1 84  ? 6.329   -15.910 -3.379  1.00 24.92 ? 127  LEU A CD1 1 
ATOM   695  C CD2 . LEU A 1 84  ? 4.655   -17.081 -1.943  1.00 27.27 ? 127  LEU A CD2 1 
ATOM   696  N N   . ASP A 1 85  ? 2.954   -17.435 -6.451  1.00 27.23 ? 128  ASP A N   1 
ATOM   697  C CA  . ASP A 1 85  ? 2.845   -18.657 -7.245  1.00 28.86 ? 128  ASP A CA  1 
ATOM   698  C C   . ASP A 1 85  ? 3.350   -18.442 -8.667  1.00 29.51 ? 128  ASP A C   1 
ATOM   699  O O   . ASP A 1 85  ? 4.132   -19.240 -9.174  1.00 28.87 ? 128  ASP A O   1 
ATOM   700  C CB  . ASP A 1 85  ? 1.395   -19.167 -7.259  1.00 29.78 ? 128  ASP A CB  1 
ATOM   701  C CG  . ASP A 1 85  ? 1.220   -20.453 -8.074  1.00 35.70 ? 128  ASP A CG  1 
ATOM   702  O OD1 . ASP A 1 85  ? 1.343   -21.556 -7.502  1.00 38.29 ? 128  ASP A OD1 1 
ATOM   703  O OD2 . ASP A 1 85  ? 0.931   -20.364 -9.285  1.00 36.69 ? 128  ASP A OD2 1 
ATOM   704  N N   . ILE A 1 86  ? 2.930   -17.342 -9.289  1.00 28.45 ? 129  ILE A N   1 
ATOM   705  C CA  . ILE A 1 86  ? 3.344   -17.018 -10.649 1.00 29.18 ? 129  ILE A CA  1 
ATOM   706  C C   . ILE A 1 86  ? 4.834   -16.701 -10.745 1.00 29.90 ? 129  ILE A C   1 
ATOM   707  O O   . ILE A 1 86  ? 5.517   -17.172 -11.652 1.00 29.84 ? 129  ILE A O   1 
ATOM   708  C CB  . ILE A 1 86  ? 2.538   -15.828 -11.210 1.00 32.25 ? 129  ILE A CB  1 
ATOM   709  C CG1 . ILE A 1 86  ? 1.045   -16.161 -11.232 1.00 34.57 ? 129  ILE A CG1 1 
ATOM   710  C CG2 . ILE A 1 86  ? 3.040   -15.449 -12.598 1.00 30.95 ? 129  ILE A CG2 1 
ATOM   711  C CD1 . ILE A 1 86  ? 0.691   -17.372 -12.045 1.00 39.79 ? 129  ILE A CD1 1 
ATOM   712  N N   . ILE A 1 87  ? 5.328   -15.880 -9.823  1.00 30.12 ? 130  ILE A N   1 
ATOM   713  C CA  . ILE A 1 87  ? 6.740   -15.500 -9.806  1.00 30.82 ? 130  ILE A CA  1 
ATOM   714  C C   . ILE A 1 87  ? 7.591   -16.734 -9.628  1.00 31.74 ? 130  ILE A C   1 
ATOM   715  O O   . ILE A 1 87  ? 8.672   -16.848 -10.203 1.00 32.03 ? 130  ILE A O   1 
ATOM   716  C CB  . ILE A 1 87  ? 7.060   -14.527 -8.652  1.00 30.76 ? 130  ILE A CB  1 
ATOM   717  C CG1 . ILE A 1 87  ? 6.292   -13.229 -8.862  1.00 34.48 ? 130  ILE A CG1 1 
ATOM   718  C CG2 . ILE A 1 87  ? 8.553   -14.244 -8.587  1.00 30.55 ? 130  ILE A CG2 1 
ATOM   719  C CD1 . ILE A 1 87  ? 6.440   -12.695 -10.261 1.00 40.29 ? 130  ILE A CD1 1 
ATOM   720  N N   . MET A 1 88  ? 7.118   -17.634 -8.784  1.00 32.68 ? 131  MET A N   1 
ATOM   721  C CA  . MET A 1 88  ? 7.829   -18.864 -8.534  1.00 36.66 ? 131  MET A CA  1 
ATOM   722  C C   . MET A 1 88  ? 7.493   -19.919 -9.588  1.00 38.36 ? 131  MET A C   1 
ATOM   723  O O   . MET A 1 88  ? 8.346   -20.725 -9.934  1.00 40.05 ? 131  MET A O   1 
ATOM   724  C CB  . MET A 1 88  ? 7.538   -19.374 -7.117  1.00 35.65 ? 131  MET A CB  1 
ATOM   725  C CG  . MET A 1 88  ? 7.941   -18.414 -6.022  1.00 34.83 ? 131  MET A CG  1 
ATOM   726  S SD  . MET A 1 88  ? 9.644   -17.785 -6.143  1.00 33.72 ? 131  MET A SD  1 
ATOM   727  C CE  . MET A 1 88  ? 10.519  -19.023 -5.313  1.00 34.23 ? 131  MET A CE  1 
ATOM   728  N N   . GLY A 1 89  ? 6.293   -19.842 -10.145 1.00 40.17 ? 132  GLY A N   1 
ATOM   729  C CA  . GLY A 1 89  ? 5.893   -20.836 -11.127 1.00 42.49 ? 132  GLY A CA  1 
ATOM   730  C C   . GLY A 1 89  ? 5.587   -22.127 -10.391 1.00 44.30 ? 132  GLY A C   1 
ATOM   731  O O   . GLY A 1 89  ? 6.131   -23.184 -10.728 1.00 45.03 ? 132  GLY A O   1 
ATOM   732  N N   . GLY A 1 90  ? 4.772   -22.044 -9.337  1.00 45.17 ? 133  GLY A N   1 
ATOM   733  C CA  . GLY A 1 90  ? 4.451   -23.233 -8.574  1.00 46.18 ? 133  GLY A CA  1 
ATOM   734  C C   . GLY A 1 90  ? 3.169   -23.880 -9.065  1.00 46.85 ? 133  GLY A C   1 
ATOM   735  O O   . GLY A 1 90  ? 2.627   -24.749 -8.340  1.00 47.43 ? 133  GLY A O   1 
ATOM   736  N N   . PRO A 1 95  ? -6.173  -19.168 -2.961  1.00 64.71 ? 138  PRO A N   1 
ATOM   737  C CA  . PRO A 1 95  ? -4.892  -19.789 -2.563  1.00 62.84 ? 138  PRO A CA  1 
ATOM   738  C C   . PRO A 1 95  ? -5.045  -20.446 -1.176  1.00 61.95 ? 138  PRO A C   1 
ATOM   739  O O   . PRO A 1 95  ? -6.161  -20.786 -0.783  1.00 60.80 ? 138  PRO A O   1 
ATOM   740  C CB  . PRO A 1 95  ? -3.890  -18.656 -2.564  1.00 62.69 ? 138  PRO A CB  1 
ATOM   741  C CG  . PRO A 1 95  ? -4.745  -17.505 -2.136  1.00 64.28 ? 138  PRO A CG  1 
ATOM   742  C CD  . PRO A 1 95  ? -6.040  -17.699 -2.927  1.00 64.45 ? 138  PRO A CD  1 
ATOM   743  N N   . PRO A 1 96  ? -3.939  -20.648 -0.423  1.00 61.54 ? 139  PRO A N   1 
ATOM   744  C CA  . PRO A 1 96  ? -4.114  -21.282 0.892   1.00 61.89 ? 139  PRO A CA  1 
ATOM   745  C C   . PRO A 1 96  ? -4.759  -20.547 2.077   1.00 61.81 ? 139  PRO A C   1 
ATOM   746  O O   . PRO A 1 96  ? -4.814  -21.116 3.164   1.00 61.89 ? 139  PRO A O   1 
ATOM   747  C CB  . PRO A 1 96  ? -2.700  -21.764 1.228   1.00 62.02 ? 139  PRO A CB  1 
ATOM   748  C CG  . PRO A 1 96  ? -1.836  -20.780 0.542   1.00 61.57 ? 139  PRO A CG  1 
ATOM   749  C CD  . PRO A 1 96  ? -2.512  -20.662 -0.796  1.00 61.31 ? 139  PRO A CD  1 
ATOM   750  N N   . ASN A 1 97  ? -5.224  -19.311 1.886   1.00 60.99 ? 140  ASN A N   1 
ATOM   751  C CA  . ASN A 1 97  ? -5.891  -18.516 2.937   1.00 62.21 ? 140  ASN A CA  1 
ATOM   752  C C   . ASN A 1 97  ? -5.231  -18.355 4.322   1.00 60.15 ? 140  ASN A C   1 
ATOM   753  O O   . ASN A 1 97  ? -5.493  -17.371 5.020   1.00 62.09 ? 140  ASN A O   1 
ATOM   754  C CB  . ASN A 1 97  ? -7.335  -19.019 3.089   1.00 64.67 ? 140  ASN A CB  1 
ATOM   755  C CG  . ASN A 1 97  ? -7.496  -20.145 4.093   1.00 66.48 ? 140  ASN A CG  1 
ATOM   756  O OD1 . ASN A 1 97  ? -7.851  -19.957 5.256   1.00 68.28 ? 140  ASN A OD1 1 
ATOM   757  N ND2 . ASN A 1 97  ? -7.241  -21.355 3.611   1.00 67.97 ? 140  ASN A ND2 1 
ATOM   758  N N   . ARG A 1 98  ? -4.426  -19.332 4.737   1.00 55.67 ? 141  ARG A N   1 
ATOM   759  C CA  . ARG A 1 98  ? -3.749  -19.285 6.029   1.00 50.72 ? 141  ARG A CA  1 
ATOM   760  C C   . ARG A 1 98  ? -2.648  -18.214 5.986   1.00 47.47 ? 141  ARG A C   1 
ATOM   761  O O   . ARG A 1 98  ? -2.369  -17.656 4.922   1.00 45.38 ? 141  ARG A O   1 
ATOM   762  C CB  . ARG A 1 98  ? -3.213  -20.689 6.398   1.00 50.96 ? 141  ARG A CB  1 
ATOM   763  C CG  . ARG A 1 98  ? -1.712  -20.930 6.261   1.00 51.11 ? 141  ARG A CG  1 
ATOM   764  C CD  . ARG A 1 98  ? -1.308  -21.533 4.927   1.00 48.76 ? 141  ARG A CD  1 
ATOM   765  N NE  . ARG A 1 98  ? -0.154  -20.813 4.403   1.00 55.20 ? 141  ARG A NE  1 
ATOM   766  C CZ  . ARG A 1 98  ? 0.767   -21.317 3.590   1.00 53.61 ? 141  ARG A CZ  1 
ATOM   767  N NH1 . ARG A 1 98  ? 0.702   -22.571 3.174   1.00 56.92 ? 141  ARG A NH1 1 
ATOM   768  N NH2 . ARG A 1 98  ? 1.770   -20.554 3.204   1.00 54.62 ? 141  ARG A NH2 1 
ATOM   769  N N   . PRO A 1 99  ? -2.095  -17.825 7.148   1.00 43.60 ? 142  PRO A N   1 
ATOM   770  C CA  . PRO A 1 99  ? -1.041  -16.802 7.111   1.00 40.85 ? 142  PRO A CA  1 
ATOM   771  C C   . PRO A 1 99  ? 0.233   -17.282 6.411   1.00 38.10 ? 142  PRO A C   1 
ATOM   772  O O   . PRO A 1 99  ? 0.616   -18.448 6.525   1.00 35.17 ? 142  PRO A O   1 
ATOM   773  C CB  . PRO A 1 99  ? -0.812  -16.489 8.594   1.00 42.53 ? 142  PRO A CB  1 
ATOM   774  C CG  . PRO A 1 99  ? -1.218  -17.760 9.285   1.00 44.03 ? 142  PRO A CG  1 
ATOM   775  C CD  . PRO A 1 99  ? -2.455  -18.158 8.539   1.00 42.82 ? 142  PRO A CD  1 
ATOM   776  N N   . PRO A 1 100 ? 0.905   -16.382 5.668   1.00 35.25 ? 143  PRO A N   1 
ATOM   777  C CA  . PRO A 1 100 ? 2.135   -16.742 4.954   1.00 33.87 ? 143  PRO A CA  1 
ATOM   778  C C   . PRO A 1 100 ? 3.313   -17.116 5.853   1.00 30.92 ? 143  PRO A C   1 
ATOM   779  O O   . PRO A 1 100 ? 3.435   -16.634 6.980   1.00 30.72 ? 143  PRO A O   1 
ATOM   780  C CB  . PRO A 1 100 ? 2.423   -15.491 4.119   1.00 32.59 ? 143  PRO A CB  1 
ATOM   781  C CG  . PRO A 1 100 ? 1.884   -14.390 4.965   1.00 33.01 ? 143  PRO A CG  1 
ATOM   782  C CD  . PRO A 1 100 ? 0.571   -14.962 5.455   1.00 32.45 ? 143  PRO A CD  1 
ATOM   783  N N   . THR A 1 101 ? 4.160   -18.007 5.347   1.00 31.13 ? 144  THR A N   1 
ATOM   784  C CA  . THR A 1 101 ? 5.339   -18.459 6.077   1.00 30.05 ? 144  THR A CA  1 
ATOM   785  C C   . THR A 1 101 ? 6.412   -17.370 6.009   1.00 31.95 ? 144  THR A C   1 
ATOM   786  O O   . THR A 1 101 ? 6.252   -16.373 5.299   1.00 28.78 ? 144  THR A O   1 
ATOM   787  C CB  . THR A 1 101 ? 5.904   -19.757 5.473   1.00 29.68 ? 144  THR A CB  1 
ATOM   788  O OG1 . THR A 1 101 ? 6.482   -19.477 4.192   1.00 25.08 ? 144  THR A OG1 1 
ATOM   789  C CG2 . THR A 1 101 ? 4.796   -20.790 5.302   1.00 29.47 ? 144  THR A CG2 1 
ATOM   790  N N   . GLU A 1 102 ? 7.508   -17.568 6.731   1.00 29.31 ? 145  GLU A N   1 
ATOM   791  C CA  . GLU A 1 102 ? 8.581   -16.585 6.742   1.00 29.85 ? 145  GLU A CA  1 
ATOM   792  C C   . GLU A 1 102 ? 9.264   -16.539 5.385   1.00 27.33 ? 145  GLU A C   1 
ATOM   793  O O   . GLU A 1 102 ? 9.742   -15.493 4.944   1.00 20.85 ? 145  GLU A O   1 
ATOM   794  C CB  . GLU A 1 102 ? 9.605   -16.926 7.821   1.00 31.81 ? 145  GLU A CB  1 
ATOM   795  C CG  . GLU A 1 102 ? 10.478  -15.754 8.208   1.00 39.75 ? 145  GLU A CG  1 
ATOM   796  C CD  . GLU A 1 102 ? 9.676   -14.637 8.897   1.00 37.72 ? 145  GLU A CD  1 
ATOM   797  O OE1 . GLU A 1 102 ? 8.873   -14.956 9.773   1.00 41.70 ? 145  GLU A OE1 1 
ATOM   798  O OE2 . GLU A 1 102 ? 9.819   -13.433 8.612   1.00 39.95 ? 145  GLU A OE2 1 
ATOM   799  N N   . ILE A 1 103 ? 9.301   -17.686 4.723   1.00 25.18 ? 146  ILE A N   1 
ATOM   800  C CA  . ILE A 1 103 ? 9.921   -17.781 3.409   1.00 26.10 ? 146  ILE A CA  1 
ATOM   801  C C   . ILE A 1 103 ? 9.101   -17.036 2.360   1.00 22.75 ? 146  ILE A C   1 
ATOM   802  O O   . ILE A 1 103 ? 9.652   -16.302 1.527   1.00 19.72 ? 146  ILE A O   1 
ATOM   803  C CB  . ILE A 1 103 ? 10.133  -19.252 3.032   1.00 26.74 ? 146  ILE A CB  1 
ATOM   804  C CG1 . ILE A 1 103 ? 11.274  -19.803 3.887   1.00 32.03 ? 146  ILE A CG1 1 
ATOM   805  C CG2 . ILE A 1 103 ? 10.460  -19.404 1.549   1.00 27.92 ? 146  ILE A CG2 1 
ATOM   806  C CD1 . ILE A 1 103 ? 11.323  -21.283 3.936   1.00 39.41 ? 146  ILE A CD1 1 
ATOM   807  N N   . GLU A 1 104 ? 7.785   -17.192 2.433   1.00 20.10 ? 147  GLU A N   1 
ATOM   808  C CA  . GLU A 1 104 ? 6.890   -16.530 1.489   1.00 20.56 ? 147  GLU A CA  1 
ATOM   809  C C   . GLU A 1 104 ? 6.929   -15.018 1.678   1.00 19.88 ? 147  GLU A C   1 
ATOM   810  O O   . GLU A 1 104 ? 6.972   -14.275 0.703   1.00 17.84 ? 147  GLU A O   1 
ATOM   811  C CB  . GLU A 1 104 ? 5.464   -17.060 1.637   1.00 20.77 ? 147  GLU A CB  1 
ATOM   812  C CG  . GLU A 1 104 ? 5.327   -18.525 1.259   1.00 20.51 ? 147  GLU A CG  1 
ATOM   813  C CD  . GLU A 1 104 ? 3.984   -19.118 1.636   1.00 22.85 ? 147  GLU A CD  1 
ATOM   814  O OE1 . GLU A 1 104 ? 3.388   -18.668 2.635   1.00 19.88 ? 147  GLU A OE1 1 
ATOM   815  O OE2 . GLU A 1 104 ? 3.532   -20.050 0.938   1.00 25.47 ? 147  GLU A OE2 1 
ATOM   816  N N   . THR A 1 105 ? 6.956   -14.568 2.930   1.00 18.61 ? 148  THR A N   1 
ATOM   817  C CA  . THR A 1 105 ? 7.007   -13.133 3.205   1.00 21.86 ? 148  THR A CA  1 
ATOM   818  C C   . THR A 1 105 ? 8.340   -12.548 2.749   1.00 20.78 ? 148  THR A C   1 
ATOM   819  O O   . THR A 1 105 ? 8.379   -11.453 2.189   1.00 18.21 ? 148  THR A O   1 
ATOM   820  C CB  . THR A 1 105 ? 6.775   -12.805 4.706   1.00 23.38 ? 148  THR A CB  1 
ATOM   821  O OG1 . THR A 1 105 ? 7.752   -13.469 5.510   1.00 28.59 ? 148  THR A OG1 1 
ATOM   822  C CG2 . THR A 1 105 ? 5.391   -13.248 5.135   1.00 24.45 ? 148  THR A CG2 1 
ATOM   823  N N   . SER A 1 106 ? 9.424   -13.289 2.966   1.00 19.39 ? 149  SER A N   1 
ATOM   824  C CA  . SER A 1 106 ? 10.747  -12.832 2.557   1.00 19.17 ? 149  SER A CA  1 
ATOM   825  C C   . SER A 1 106 ? 10.820  -12.656 1.043   1.00 17.35 ? 149  SER A C   1 
ATOM   826  O O   . SER A 1 106 ? 11.320  -11.647 0.556   1.00 17.26 ? 149  SER A O   1 
ATOM   827  C CB  . SER A 1 106 ? 11.828  -13.801 3.042   1.00 21.22 ? 149  SER A CB  1 
ATOM   828  O OG  . SER A 1 106 ? 11.985  -13.694 4.448   1.00 23.71 ? 149  SER A OG  1 
ATOM   829  N N   . ILE A 1 107 ? 10.292  -13.622 0.296   1.00 18.51 ? 150  ILE A N   1 
ATOM   830  C CA  . ILE A 1 107 ? 10.296  -13.528 -1.162  1.00 18.62 ? 150  ILE A CA  1 
ATOM   831  C C   . ILE A 1 107 ? 9.439   -12.336 -1.626  1.00 21.28 ? 150  ILE A C   1 
ATOM   832  O O   . ILE A 1 107 ? 9.857   -11.551 -2.488  1.00 21.78 ? 150  ILE A O   1 
ATOM   833  C CB  . ILE A 1 107 ? 9.762   -14.830 -1.809  1.00 19.09 ? 150  ILE A CB  1 
ATOM   834  C CG1 . ILE A 1 107 ? 10.732  -15.986 -1.545  1.00 18.63 ? 150  ILE A CG1 1 
ATOM   835  C CG2 . ILE A 1 107 ? 9.588   -14.648 -3.309  1.00 16.05 ? 150  ILE A CG2 1 
ATOM   836  C CD1 . ILE A 1 107 ? 10.253  -17.317 -2.076  1.00 20.11 ? 150  ILE A CD1 1 
ATOM   837  N N   . MET A 1 108 ? 8.266   -12.178 -1.018  1.00 17.28 ? 151  MET A N   1 
ATOM   838  C CA  . MET A 1 108 ? 7.349   -11.096 -1.381  1.00 18.77 ? 151  MET A CA  1 
ATOM   839  C C   . MET A 1 108 ? 7.770   -9.723  -0.875  1.00 18.97 ? 151  MET A C   1 
ATOM   840  O O   . MET A 1 108 ? 7.314   -8.692  -1.379  1.00 19.13 ? 151  MET A O   1 
ATOM   841  C CB  . MET A 1 108 ? 5.924   -11.432 -0.933  1.00 15.89 ? 151  MET A CB  1 
ATOM   842  C CG  . MET A 1 108 ? 5.286   -12.526 -1.783  1.00 20.10 ? 151  MET A CG  1 
ATOM   843  S SD  . MET A 1 108 ? 5.179   -12.067 -3.542  1.00 24.55 ? 151  MET A SD  1 
ATOM   844  C CE  . MET A 1 108 ? 3.838   -10.841 -3.463  1.00 25.78 ? 151  MET A CE  1 
ATOM   845  N N   . ARG A 1 109 ? 8.659   -9.716  0.111   1.00 22.21 ? 152  ARG A N   1 
ATOM   846  C CA  . ARG A 1 109 ? 9.184   -8.481  0.676   1.00 23.23 ? 152  ARG A CA  1 
ATOM   847  C C   . ARG A 1 109 ? 9.977   -7.752  -0.415  1.00 19.86 ? 152  ARG A C   1 
ATOM   848  O O   . ARG A 1 109 ? 9.938   -6.525  -0.511  1.00 19.79 ? 152  ARG A O   1 
ATOM   849  C CB  . ARG A 1 109 ? 10.094  -8.821  1.855   1.00 28.20 ? 152  ARG A CB  1 
ATOM   850  C CG  . ARG A 1 109 ? 10.385  -7.677  2.797   1.00 33.30 ? 152  ARG A CG  1 
ATOM   851  C CD  . ARG A 1 109 ? 11.155  -8.187  4.003   1.00 31.67 ? 152  ARG A CD  1 
ATOM   852  N NE  . ARG A 1 109 ? 11.403  -7.143  4.990   1.00 39.10 ? 152  ARG A NE  1 
ATOM   853  C CZ  . ARG A 1 109 ? 12.409  -6.278  4.936   1.00 40.32 ? 152  ARG A CZ  1 
ATOM   854  N NH1 . ARG A 1 109 ? 13.277  -6.317  3.933   1.00 47.91 ? 152  ARG A NH1 1 
ATOM   855  N NH2 . ARG A 1 109 ? 12.565  -5.390  5.906   1.00 43.14 ? 152  ARG A NH2 1 
ATOM   856  N N   . LYS A 1 110 ? 10.694  -8.520  -1.237  1.00 18.79 ? 153  LYS A N   1 
ATOM   857  C CA  . LYS A 1 110 ? 11.478  -7.960  -2.341  1.00 18.23 ? 153  LYS A CA  1 
ATOM   858  C C   . LYS A 1 110 ? 10.551  -7.268  -3.344  1.00 15.32 ? 153  LYS A C   1 
ATOM   859  O O   . LYS A 1 110 ? 10.876  -6.201  -3.863  1.00 15.82 ? 153  LYS A O   1 
ATOM   860  C CB  . LYS A 1 110 ? 12.282  -9.060  -3.046  1.00 13.76 ? 153  LYS A CB  1 
ATOM   861  C CG  . LYS A 1 110 ? 13.379  -9.682  -2.183  1.00 19.40 ? 153  LYS A CG  1 
ATOM   862  C CD  . LYS A 1 110 ? 14.020  -10.873 -2.871  1.00 22.06 ? 153  LYS A CD  1 
ATOM   863  C CE  . LYS A 1 110 ? 15.263  -11.368 -2.122  1.00 25.39 ? 153  LYS A CE  1 
ATOM   864  N NZ  . LYS A 1 110 ? 14.972  -11.749 -0.719  1.00 33.29 ? 153  LYS A NZ  1 
ATOM   865  N N   . GLU A 1 111 ? 9.402   -7.887  -3.609  1.00 15.75 ? 154  GLU A N   1 
ATOM   866  C CA  . GLU A 1 111 ? 8.413   -7.330  -4.530  1.00 14.91 ? 154  GLU A CA  1 
ATOM   867  C C   . GLU A 1 111 ? 7.861   -6.030  -3.949  1.00 16.86 ? 154  GLU A C   1 
ATOM   868  O O   . GLU A 1 111 ? 7.750   -5.029  -4.657  1.00 16.76 ? 154  GLU A O   1 
ATOM   869  C CB  . GLU A 1 111 ? 7.273   -8.325  -4.765  1.00 14.02 ? 154  GLU A CB  1 
ATOM   870  C CG  . GLU A 1 111 ? 7.687   -9.666  -5.390  1.00 15.90 ? 154  GLU A CG  1 
ATOM   871  C CD  . GLU A 1 111 ? 8.322   -9.530  -6.766  1.00 21.51 ? 154  GLU A CD  1 
ATOM   872  O OE1 . GLU A 1 111 ? 7.813   -8.743  -7.595  1.00 20.01 ? 154  GLU A OE1 1 
ATOM   873  O OE2 . GLU A 1 111 ? 9.323   -10.231 -7.024  1.00 21.52 ? 154  GLU A OE2 1 
ATOM   874  N N   . VAL A 1 112 ? 7.521   -6.054  -2.659  1.00 15.09 ? 155  VAL A N   1 
ATOM   875  C CA  . VAL A 1 112 ? 6.999   -4.874  -1.961  1.00 16.74 ? 155  VAL A CA  1 
ATOM   876  C C   . VAL A 1 112 ? 8.010   -3.720  -1.993  1.00 17.65 ? 155  VAL A C   1 
ATOM   877  O O   . VAL A 1 112 ? 7.637   -2.570  -2.222  1.00 17.99 ? 155  VAL A O   1 
ATOM   878  C CB  . VAL A 1 112 ? 6.607   -5.206  -0.491  1.00 14.71 ? 155  VAL A CB  1 
ATOM   879  C CG1 . VAL A 1 112 ? 6.240   -3.943  0.259   1.00 20.78 ? 155  VAL A CG1 1 
ATOM   880  C CG2 . VAL A 1 112 ? 5.423   -6.168  -0.468  1.00 14.39 ? 155  VAL A CG2 1 
ATOM   881  N N   . THR A 1 113 ? 9.288   -4.026  -1.779  1.00 17.26 ? 156  THR A N   1 
ATOM   882  C CA  . THR A 1 113 ? 10.322  -2.991  -1.828  1.00 20.98 ? 156  THR A CA  1 
ATOM   883  C C   . THR A 1 113 ? 10.286  -2.322  -3.211  1.00 18.93 ? 156  THR A C   1 
ATOM   884  O O   . THR A 1 113 ? 10.377  -1.096  -3.323  1.00 21.95 ? 156  THR A O   1 
ATOM   885  C CB  . THR A 1 113 ? 11.733  -3.581  -1.550  1.00 20.36 ? 156  THR A CB  1 
ATOM   886  O OG1 . THR A 1 113 ? 11.796  -4.026  -0.187  1.00 23.62 ? 156  THR A OG1 1 
ATOM   887  C CG2 . THR A 1 113 ? 12.821  -2.532  -1.777  1.00 22.40 ? 156  THR A CG2 1 
ATOM   888  N N   . ASN A 1 114 ? 10.106  -3.127  -4.253  1.00 15.09 ? 157  ASN A N   1 
ATOM   889  C CA  . ASN A 1 114 ? 10.031  -2.597  -5.610  1.00 17.29 ? 157  ASN A CA  1 
ATOM   890  C C   . ASN A 1 114 ? 8.797   -1.703  -5.785  1.00 15.20 ? 157  ASN A C   1 
ATOM   891  O O   . ASN A 1 114 ? 8.900   -0.608  -6.326  1.00 11.94 ? 157  ASN A O   1 
ATOM   892  C CB  . ASN A 1 114 ? 10.032  -3.732  -6.636  1.00 15.10 ? 157  ASN A CB  1 
ATOM   893  C CG  . ASN A 1 114 ? 11.417  -4.336  -6.837  1.00 16.13 ? 157  ASN A CG  1 
ATOM   894  O OD1 . ASN A 1 114 ? 12.417  -3.782  -6.388  1.00 15.95 ? 157  ASN A OD1 1 
ATOM   895  N ND2 . ASN A 1 114 ? 11.474  -5.483  -7.507  1.00 19.65 ? 157  ASN A ND2 1 
ATOM   896  N N   . MET A 1 115 ? 7.646   -2.155  -5.284  1.00 14.01 ? 158  MET A N   1 
ATOM   897  C CA  . MET A 1 115 ? 6.410   -1.375  -5.382  1.00 13.33 ? 158  MET A CA  1 
ATOM   898  C C   . MET A 1 115 ? 6.443   -0.088  -4.556  1.00 13.44 ? 158  MET A C   1 
ATOM   899  O O   . MET A 1 115 ? 5.903   0.938   -4.974  1.00 13.43 ? 158  MET A O   1 
ATOM   900  C CB  . MET A 1 115 ? 5.195   -2.233  -5.021  1.00 12.92 ? 158  MET A CB  1 
ATOM   901  C CG  . MET A 1 115 ? 5.005   -3.412  -5.978  1.00 16.52 ? 158  MET A CG  1 
ATOM   902  S SD  . MET A 1 115 ? 3.562   -4.420  -5.647  1.00 20.09 ? 158  MET A SD  1 
ATOM   903  C CE  . MET A 1 115 ? 4.154   -5.393  -4.284  1.00 17.98 ? 158  MET A CE  1 
ATOM   904  N N   . LEU A 1 116 ? 7.090   -0.137  -3.394  1.00 13.23 ? 159  LEU A N   1 
ATOM   905  C CA  . LEU A 1 116 ? 7.215   1.051   -2.548  1.00 17.12 ? 159  LEU A CA  1 
ATOM   906  C C   . LEU A 1 116 ? 8.123   2.072   -3.218  1.00 14.93 ? 159  LEU A C   1 
ATOM   907  O O   . LEU A 1 116 ? 7.935   3.278   -3.067  1.00 14.12 ? 159  LEU A O   1 
ATOM   908  C CB  . LEU A 1 116 ? 7.772   0.693   -1.165  1.00 18.03 ? 159  LEU A CB  1 
ATOM   909  C CG  . LEU A 1 116 ? 6.816   -0.007  -0.200  1.00 17.95 ? 159  LEU A CG  1 
ATOM   910  C CD1 . LEU A 1 116 ? 7.569   -0.362  1.078   1.00 16.53 ? 159  LEU A CD1 1 
ATOM   911  C CD2 . LEU A 1 116 ? 5.630   0.895   0.110   1.00 15.24 ? 159  LEU A CD2 1 
ATOM   912  N N   . THR A 1 117 ? 9.128   1.584   -3.940  1.00 13.81 ? 160  THR A N   1 
ATOM   913  C CA  . THR A 1 117 ? 10.045  2.474   -4.653  1.00 15.84 ? 160  THR A CA  1 
ATOM   914  C C   . THR A 1 117 ? 9.292   3.197   -5.775  1.00 16.67 ? 160  THR A C   1 
ATOM   915  O O   . THR A 1 117 ? 9.539   4.375   -6.041  1.00 17.86 ? 160  THR A O   1 
ATOM   916  C CB  . THR A 1 117 ? 11.262  1.704   -5.226  1.00 16.07 ? 160  THR A CB  1 
ATOM   917  O OG1 . THR A 1 117 ? 11.969  1.077   -4.152  1.00 22.41 ? 160  THR A OG1 1 
ATOM   918  C CG2 . THR A 1 117 ? 12.212  2.652   -5.936  1.00 16.21 ? 160  THR A CG2 1 
ATOM   919  N N   . LEU A 1 118 ? 8.372   2.494   -6.432  1.00 15.63 ? 161  LEU A N   1 
ATOM   920  C CA  . LEU A 1 118 ? 7.569   3.105   -7.488  1.00 14.13 ? 161  LEU A CA  1 
ATOM   921  C C   . LEU A 1 118 ? 6.667   4.160   -6.855  1.00 16.26 ? 161  LEU A C   1 
ATOM   922  O O   . LEU A 1 118 ? 6.381   5.198   -7.452  1.00 13.55 ? 161  LEU A O   1 
ATOM   923  C CB  . LEU A 1 118 ? 6.724   2.047   -8.213  1.00 13.20 ? 161  LEU A CB  1 
ATOM   924  C CG  . LEU A 1 118 ? 7.532   0.967   -8.943  1.00 14.27 ? 161  LEU A CG  1 
ATOM   925  C CD1 . LEU A 1 118 ? 6.592   -0.030  -9.615  1.00 17.54 ? 161  LEU A CD1 1 
ATOM   926  C CD2 . LEU A 1 118 ? 8.460   1.616   -9.960  1.00 14.66 ? 161  LEU A CD2 1 
ATOM   927  N N   . LEU A 1 119 ? 6.200   3.871   -5.644  1.00 16.41 ? 162  LEU A N   1 
ATOM   928  C CA  . LEU A 1 119 ? 5.355   4.802   -4.914  1.00 14.03 ? 162  LEU A CA  1 
ATOM   929  C C   . LEU A 1 119 ? 6.184   6.065   -4.653  1.00 15.82 ? 162  LEU A C   1 
ATOM   930  O O   . LEU A 1 119 ? 5.747   7.171   -4.958  1.00 16.77 ? 162  LEU A O   1 
ATOM   931  C CB  . LEU A 1 119 ? 4.889   4.172   -3.601  1.00 15.56 ? 162  LEU A CB  1 
ATOM   932  C CG  . LEU A 1 119 ? 4.026   5.033   -2.681  1.00 13.73 ? 162  LEU A CG  1 
ATOM   933  C CD1 . LEU A 1 119 ? 2.768   5.517   -3.425  1.00 15.14 ? 162  LEU A CD1 1 
ATOM   934  C CD2 . LEU A 1 119 ? 3.666   4.221   -1.453  1.00 11.05 ? 162  LEU A CD2 1 
ATOM   935  N N   . ALA A 1 120 ? 7.412   5.887   -4.166  1.00 15.82 ? 163  ALA A N   1 
ATOM   936  C CA  . ALA A 1 120 ? 8.305   7.013   -3.893  1.00 17.07 ? 163  ALA A CA  1 
ATOM   937  C C   . ALA A 1 120 ? 8.564   7.839   -5.152  1.00 17.01 ? 163  ALA A C   1 
ATOM   938  O O   . ALA A 1 120 ? 8.595   9.063   -5.096  1.00 15.79 ? 163  ALA A O   1 
ATOM   939  C CB  . ALA A 1 120 ? 9.622   6.519   -3.308  1.00 18.45 ? 163  ALA A CB  1 
ATOM   940  N N   . GLN A 1 121 ? 8.733   7.171   -6.292  1.00 16.51 ? 164  GLN A N   1 
ATOM   941  C CA  . GLN A 1 121 ? 8.972   7.879   -7.549  1.00 17.01 ? 164  GLN A CA  1 
ATOM   942  C C   . GLN A 1 121 ? 7.781   8.753   -7.909  1.00 15.91 ? 164  GLN A C   1 
ATOM   943  O O   . GLN A 1 121 ? 7.945   9.862   -8.417  1.00 17.35 ? 164  GLN A O   1 
ATOM   944  C CB  . GLN A 1 121 ? 9.302   6.903   -8.682  1.00 14.41 ? 164  GLN A CB  1 
ATOM   945  C CG  . GLN A 1 121 ? 10.644  6.188   -8.480  1.00 16.37 ? 164  GLN A CG  1 
ATOM   946  C CD  . GLN A 1 121 ? 11.082  5.382   -9.690  1.00 13.46 ? 164  GLN A CD  1 
ATOM   947  O OE1 . GLN A 1 121 ? 10.347  5.256   -10.673 1.00 19.25 ? 164  GLN A OE1 1 
ATOM   948  N NE2 . GLN A 1 121 ? 12.289  4.835   -9.627  1.00 11.91 ? 164  GLN A NE2 1 
ATOM   949  N N   . ALA A 1 122 ? 6.577   8.264   -7.629  1.00 15.59 ? 165  ALA A N   1 
ATOM   950  C CA  . ALA A 1 122 ? 5.368   9.036   -7.906  1.00 15.29 ? 165  ALA A CA  1 
ATOM   951  C C   . ALA A 1 122 ? 5.336   10.276  -6.998  1.00 15.50 ? 165  ALA A C   1 
ATOM   952  O O   . ALA A 1 122 ? 4.815   11.322  -7.382  1.00 16.25 ? 165  ALA A O   1 
ATOM   953  C CB  . ALA A 1 122 ? 4.124   8.171   -7.688  1.00 13.73 ? 165  ALA A CB  1 
ATOM   954  N N   . TRP A 1 123 ? 5.900   10.143  -5.798  1.00 15.47 ? 166  TRP A N   1 
ATOM   955  C CA  . TRP A 1 123 ? 5.978   11.234  -4.816  1.00 19.25 ? 166  TRP A CA  1 
ATOM   956  C C   . TRP A 1 123 ? 7.163   12.187  -5.038  1.00 20.23 ? 166  TRP A C   1 
ATOM   957  O O   . TRP A 1 123 ? 7.314   13.155  -4.288  1.00 21.65 ? 166  TRP A O   1 
ATOM   958  C CB  . TRP A 1 123 ? 6.104   10.663  -3.395  1.00 16.65 ? 166  TRP A CB  1 
ATOM   959  C CG  . TRP A 1 123 ? 4.823   10.197  -2.787  1.00 16.81 ? 166  TRP A CG  1 
ATOM   960  C CD1 . TRP A 1 123 ? 4.037   9.160   -3.211  1.00 16.74 ? 166  TRP A CD1 1 
ATOM   961  C CD2 . TRP A 1 123 ? 4.171   10.751  -1.639  1.00 18.31 ? 166  TRP A CD2 1 
ATOM   962  N NE1 . TRP A 1 123 ? 2.935   9.040   -2.399  1.00 16.88 ? 166  TRP A NE1 1 
ATOM   963  C CE2 . TRP A 1 123 ? 2.993   10.004  -1.426  1.00 18.07 ? 166  TRP A CE2 1 
ATOM   964  C CE3 . TRP A 1 123 ? 4.471   11.808  -0.767  1.00 20.33 ? 166  TRP A CE3 1 
ATOM   965  C CZ2 . TRP A 1 123 ? 2.108   10.280  -0.377  1.00 22.23 ? 166  TRP A CZ2 1 
ATOM   966  C CZ3 . TRP A 1 123 ? 3.593   12.080  0.278   1.00 25.15 ? 166  TRP A CZ3 1 
ATOM   967  C CH2 . TRP A 1 123 ? 2.423   11.316  0.462   1.00 22.37 ? 166  TRP A CH2 1 
ATOM   968  N N   . SER A 1 124 ? 7.974   11.924  -6.064  1.00 20.62 ? 167  SER A N   1 
ATOM   969  C CA  . SER A 1 124 ? 9.174   12.721  -6.380  1.00 23.65 ? 167  SER A CA  1 
ATOM   970  C C   . SER A 1 124 ? 9.104   14.241  -6.279  1.00 21.37 ? 167  SER A C   1 
ATOM   971  O O   . SER A 1 124 ? 9.867   14.851  -5.529  1.00 21.73 ? 167  SER A O   1 
ATOM   972  C CB  . SER A 1 124 ? 9.724   12.361  -7.767  1.00 24.11 ? 167  SER A CB  1 
ATOM   973  O OG  . SER A 1 124 ? 10.433  11.137  -7.743  1.00 32.89 ? 167  SER A OG  1 
ATOM   974  N N   . ASP A 1 125 ? 8.221   14.845  -7.062  1.00 20.08 ? 168  ASP A N   1 
ATOM   975  C CA  . ASP A 1 125 ? 8.064   16.297  -7.090  1.00 22.39 ? 168  ASP A CA  1 
ATOM   976  C C   . ASP A 1 125 ? 7.467   16.917  -5.839  1.00 23.88 ? 168  ASP A C   1 
ATOM   977  O O   . ASP A 1 125 ? 7.525   18.131  -5.672  1.00 24.34 ? 168  ASP A O   1 
ATOM   978  C CB  . ASP A 1 125 ? 7.202   16.720  -8.282  1.00 23.95 ? 168  ASP A CB  1 
ATOM   979  C CG  . ASP A 1 125 ? 7.833   16.383  -9.614  1.00 25.44 ? 168  ASP A CG  1 
ATOM   980  O OD1 . ASP A 1 125 ? 9.077   16.340  -9.700  1.00 22.81 ? 168  ASP A OD1 1 
ATOM   981  O OD2 . ASP A 1 125 ? 7.073   16.174  -10.580 1.00 28.21 ? 168  ASP A OD2 1 
ATOM   982  N N   . PHE A 1 126 ? 6.897   16.098  -4.964  1.00 23.72 ? 169  PHE A N   1 
ATOM   983  C CA  . PHE A 1 126 ? 6.262   16.628  -3.759  1.00 26.06 ? 169  PHE A CA  1 
ATOM   984  C C   . PHE A 1 126 ? 7.022   16.326  -2.475  1.00 25.15 ? 169  PHE A C   1 
ATOM   985  O O   . PHE A 1 126 ? 7.228   17.211  -1.648  1.00 25.90 ? 169  PHE A O   1 
ATOM   986  C CB  . PHE A 1 126 ? 4.809   16.166  -3.717  1.00 28.67 ? 169  PHE A CB  1 
ATOM   987  C CG  . PHE A 1 126 ? 4.075   16.418  -5.013  1.00 34.83 ? 169  PHE A CG  1 
ATOM   988  C CD1 . PHE A 1 126 ? 3.401   17.619  -5.230  1.00 37.41 ? 169  PHE A CD1 1 
ATOM   989  C CD2 . PHE A 1 126 ? 4.101   15.482  -6.037  1.00 35.16 ? 169  PHE A CD2 1 
ATOM   990  C CE1 . PHE A 1 126 ? 2.771   17.876  -6.454  1.00 37.46 ? 169  PHE A CE1 1 
ATOM   991  C CE2 . PHE A 1 126 ? 3.478   15.723  -7.265  1.00 35.80 ? 169  PHE A CE2 1 
ATOM   992  C CZ  . PHE A 1 126 ? 2.811   16.923  -7.471  1.00 37.60 ? 169  PHE A CZ  1 
ATOM   993  N N   . GLN A 1 127 ? 7.437   15.079  -2.308  1.00 25.53 ? 170  GLN A N   1 
ATOM   994  C CA  . GLN A 1 127 ? 8.226   14.683  -1.153  1.00 27.61 ? 170  GLN A CA  1 
ATOM   995  C C   . GLN A 1 127 ? 8.858   13.338  -1.428  1.00 27.69 ? 170  GLN A C   1 
ATOM   996  O O   . GLN A 1 127 ? 8.334   12.283  -1.041  1.00 24.37 ? 170  GLN A O   1 
ATOM   997  C CB  . GLN A 1 127 ? 7.414   14.648  0.142   1.00 30.42 ? 170  GLN A CB  1 
ATOM   998  C CG  . GLN A 1 127 ? 8.297   14.452  1.373   1.00 35.60 ? 170  GLN A CG  1 
ATOM   999  C CD  . GLN A 1 127 ? 9.474   15.431  1.411   1.00 39.60 ? 170  GLN A CD  1 
ATOM   1000 O OE1 . GLN A 1 127 ? 9.322   16.586  1.817   1.00 36.52 ? 170  GLN A OE1 1 
ATOM   1001 N NE2 . GLN A 1 127 ? 10.647  14.971  0.968   1.00 36.75 ? 170  GLN A NE2 1 
ATOM   1002 N N   . TYR A 1 128 ? 9.977   13.389  -2.143  1.00 26.87 ? 171  TYR A N   1 
ATOM   1003 C CA  . TYR A 1 128 ? 10.705  12.207  -2.493  1.00 28.02 ? 171  TYR A CA  1 
ATOM   1004 C C   . TYR A 1 128 ? 11.290  11.551  -1.249  1.00 25.69 ? 171  TYR A C   1 
ATOM   1005 O O   . TYR A 1 128 ? 11.774  12.237  -0.360  1.00 28.54 ? 171  TYR A O   1 
ATOM   1006 C CB  . TYR A 1 128 ? 11.811  12.493  -3.504  1.00 28.36 ? 171  TYR A CB  1 
ATOM   1007 C CG  . TYR A 1 128 ? 12.506  11.248  -4.009  1.00 30.44 ? 171  TYR A CG  1 
ATOM   1008 C CD1 . TYR A 1 128 ? 11.840  10.339  -4.841  1.00 30.17 ? 171  TYR A CD1 1 
ATOM   1009 C CD2 . TYR A 1 128 ? 13.821  10.966  -3.644  1.00 28.80 ? 171  TYR A CD2 1 
ATOM   1010 C CE1 . TYR A 1 128 ? 12.469  9.174   -5.289  1.00 30.59 ? 171  TYR A CE1 1 
ATOM   1011 C CE2 . TYR A 1 128 ? 14.459  9.813   -4.083  1.00 28.79 ? 171  TYR A CE2 1 
ATOM   1012 C CZ  . TYR A 1 128 ? 13.783  8.921   -4.907  1.00 28.97 ? 171  TYR A CZ  1 
ATOM   1013 O OH  . TYR A 1 128 ? 14.427  7.780   -5.334  1.00 25.94 ? 171  TYR A OH  1 
ATOM   1014 N N   . PHE A 1 129 ? 11.230  10.224  -1.179  1.00 25.44 ? 172  PHE A N   1 
ATOM   1015 C CA  . PHE A 1 129 ? 11.733  9.483   -0.054  1.00 22.64 ? 172  PHE A CA  1 
ATOM   1016 C C   . PHE A 1 129 ? 12.252  8.132   -0.475  1.00 21.31 ? 172  PHE A C   1 
ATOM   1017 O O   . PHE A 1 129 ? 11.951  7.655   -1.564  1.00 22.12 ? 172  PHE A O   1 
ATOM   1018 C CB  . PHE A 1 129 ? 10.629  9.291   1.001   1.00 20.45 ? 172  PHE A CB  1 
ATOM   1019 C CG  . PHE A 1 129 ? 9.505   8.387   0.566   1.00 19.91 ? 172  PHE A CG  1 
ATOM   1020 C CD1 . PHE A 1 129 ? 9.508   7.039   0.911   1.00 21.64 ? 172  PHE A CD1 1 
ATOM   1021 C CD2 . PHE A 1 129 ? 8.424   8.889   -0.159  1.00 19.17 ? 172  PHE A CD2 1 
ATOM   1022 C CE1 . PHE A 1 129 ? 8.449   6.201   0.545   1.00 19.21 ? 172  PHE A CE1 1 
ATOM   1023 C CE2 . PHE A 1 129 ? 7.363   8.064   -0.526  1.00 19.12 ? 172  PHE A CE2 1 
ATOM   1024 C CZ  . PHE A 1 129 ? 7.378   6.714   -0.172  1.00 21.98 ? 172  PHE A CZ  1 
ATOM   1025 N N   . ILE A 1 130 ? 13.071  7.540   0.383   1.00 21.57 ? 173  ILE A N   1 
ATOM   1026 C CA  . ILE A 1 130 ? 13.606  6.212   0.142   1.00 21.96 ? 173  ILE A CA  1 
ATOM   1027 C C   . ILE A 1 130 ? 12.871  5.372   1.173   1.00 23.03 ? 173  ILE A C   1 
ATOM   1028 O O   . ILE A 1 130 ? 12.993  5.607   2.379   1.00 21.25 ? 173  ILE A O   1 
ATOM   1029 C CB  . ILE A 1 130 ? 15.123  6.158   0.372   1.00 25.47 ? 173  ILE A CB  1 
ATOM   1030 C CG1 . ILE A 1 130 ? 15.828  7.054   -0.652  1.00 27.65 ? 173  ILE A CG1 1 
ATOM   1031 C CG2 . ILE A 1 130 ? 15.626  4.727   0.240   1.00 26.55 ? 173  ILE A CG2 1 
ATOM   1032 C CD1 . ILE A 1 130 ? 17.325  7.073   -0.528  1.00 32.94 ? 173  ILE A CD1 1 
ATOM   1033 N N   . PRO A 1 131 ? 12.027  4.438   0.711   1.00 22.91 ? 174  PRO A N   1 
ATOM   1034 C CA  . PRO A 1 131 ? 11.262  3.581   1.620   1.00 21.38 ? 174  PRO A CA  1 
ATOM   1035 C C   . PRO A 1 131 ? 12.099  2.600   2.427   1.00 23.29 ? 174  PRO A C   1 
ATOM   1036 O O   . PRO A 1 131 ? 13.112  2.072   1.955   1.00 21.71 ? 174  PRO A O   1 
ATOM   1037 C CB  . PRO A 1 131 ? 10.295  2.859   0.673   1.00 19.13 ? 174  PRO A CB  1 
ATOM   1038 C CG  . PRO A 1 131 ? 11.070  2.767   -0.591  1.00 22.61 ? 174  PRO A CG  1 
ATOM   1039 C CD  . PRO A 1 131 ? 11.721  4.119   -0.697  1.00 20.04 ? 174  PRO A CD  1 
ATOM   1040 N N   . SER A 1 132 ? 11.662  2.380   3.660   1.00 22.53 ? 175  SER A N   1 
ATOM   1041 C CA  . SER A 1 132 ? 12.320  1.451   4.560   1.00 26.93 ? 175  SER A CA  1 
ATOM   1042 C C   . SER A 1 132 ? 11.224  0.650   5.247   1.00 25.60 ? 175  SER A C   1 
ATOM   1043 O O   . SER A 1 132 ? 10.324  1.224   5.863   1.00 26.53 ? 175  SER A O   1 
ATOM   1044 C CB  . SER A 1 132 ? 13.142  2.210   5.603   1.00 28.82 ? 175  SER A CB  1 
ATOM   1045 O OG  . SER A 1 132 ? 13.752  1.319   6.515   1.00 39.20 ? 175  SER A OG  1 
ATOM   1046 N N   . ILE A 1 133 ? 11.261  -0.667  5.073   1.00 23.65 ? 176  ILE A N   1 
ATOM   1047 C CA  . ILE A 1 133 ? 10.281  -1.542  5.699   1.00 23.77 ? 176  ILE A CA  1 
ATOM   1048 C C   . ILE A 1 133 ? 10.708  -1.763  7.144   1.00 25.69 ? 176  ILE A C   1 
ATOM   1049 O O   . ILE A 1 133 ? 11.802  -2.270  7.414   1.00 25.86 ? 176  ILE A O   1 
ATOM   1050 C CB  . ILE A 1 133 ? 10.189  -2.903  4.981   1.00 21.59 ? 176  ILE A CB  1 
ATOM   1051 C CG1 . ILE A 1 133 ? 9.692   -2.708  3.546   1.00 21.81 ? 176  ILE A CG1 1 
ATOM   1052 C CG2 . ILE A 1 133 ? 9.253   -3.833  5.739   1.00 22.85 ? 176  ILE A CG2 1 
ATOM   1053 C CD1 . ILE A 1 133 ? 9.539   -3.997  2.770   1.00 22.73 ? 176  ILE A CD1 1 
ATOM   1054 N N   . GLU A 1 134 ? 9.847   -1.359  8.066   1.00 24.52 ? 177  GLU A N   1 
ATOM   1055 C CA  . GLU A 1 134 ? 10.116  -1.502  9.487   1.00 27.22 ? 177  GLU A CA  1 
ATOM   1056 C C   . GLU A 1 134 ? 9.641   -2.836  10.032  1.00 29.27 ? 177  GLU A C   1 
ATOM   1057 O O   . GLU A 1 134 ? 10.338  -3.479  10.822  1.00 26.35 ? 177  GLU A O   1 
ATOM   1058 C CB  . GLU A 1 134 ? 9.422   -0.389  10.252  1.00 26.83 ? 177  GLU A CB  1 
ATOM   1059 C CG  . GLU A 1 134 ? 9.949   0.984   9.926   1.00 31.38 ? 177  GLU A CG  1 
ATOM   1060 C CD  . GLU A 1 134 ? 9.008   2.064   10.377  1.00 33.03 ? 177  GLU A CD  1 
ATOM   1061 O OE1 . GLU A 1 134 ? 7.961   2.227   9.721   1.00 35.60 ? 177  GLU A OE1 1 
ATOM   1062 O OE2 . GLU A 1 134 ? 9.308   2.748   11.378  1.00 38.37 ? 177  GLU A OE2 1 
ATOM   1063 N N   . ASN A 1 135 ? 8.475   -3.275  9.567   1.00 27.86 ? 178  ASN A N   1 
ATOM   1064 C CA  . ASN A 1 135 ? 7.908   -4.514  10.066  1.00 28.34 ? 178  ASN A CA  1 
ATOM   1065 C C   . ASN A 1 135 ? 6.862   -5.114  9.133   1.00 27.66 ? 178  ASN A C   1 
ATOM   1066 O O   . ASN A 1 135 ? 6.258   -4.415  8.319   1.00 24.79 ? 178  ASN A O   1 
ATOM   1067 C CB  . ASN A 1 135 ? 7.277   -4.235  11.431  1.00 30.50 ? 178  ASN A CB  1 
ATOM   1068 C CG  . ASN A 1 135 ? 7.424   -5.389  12.381  1.00 37.61 ? 178  ASN A CG  1 
ATOM   1069 O OD1 . ASN A 1 135 ? 6.550   -6.245  12.465  1.00 38.77 ? 178  ASN A OD1 1 
ATOM   1070 N ND2 . ASN A 1 135 ? 8.538   -5.421  13.110  1.00 42.83 ? 178  ASN A ND2 1 
ATOM   1071 N N   . VAL A 1 136 ? 6.680   -6.426  9.237   1.00 25.82 ? 179  VAL A N   1 
ATOM   1072 C CA  . VAL A 1 136 ? 5.695   -7.140  8.436   1.00 22.80 ? 179  VAL A CA  1 
ATOM   1073 C C   . VAL A 1 136 ? 4.773   -7.877  9.409   1.00 25.98 ? 179  VAL A C   1 
ATOM   1074 O O   . VAL A 1 136 ? 5.244   -8.590  10.290  1.00 24.38 ? 179  VAL A O   1 
ATOM   1075 C CB  . VAL A 1 136 ? 6.362   -8.144  7.470   1.00 21.96 ? 179  VAL A CB  1 
ATOM   1076 C CG1 . VAL A 1 136 ? 5.308   -8.931  6.723   1.00 19.77 ? 179  VAL A CG1 1 
ATOM   1077 C CG2 . VAL A 1 136 ? 7.258   -7.407  6.472   1.00 24.31 ? 179  VAL A CG2 1 
ATOM   1078 N N   . GLU A 1 137 ? 3.468   -7.647  9.282   1.00 24.97 ? 180  GLU A N   1 
ATOM   1079 C CA  . GLU A 1 137 ? 2.475   -8.277  10.151  1.00 25.80 ? 180  GLU A CA  1 
ATOM   1080 C C   . GLU A 1 137 ? 1.423   -9.007  9.327   1.00 27.38 ? 180  GLU A C   1 
ATOM   1081 O O   . GLU A 1 137 ? 1.139   -8.627  8.187   1.00 25.48 ? 180  GLU A O   1 
ATOM   1082 C CB  . GLU A 1 137 ? 1.780   -7.219  11.016  1.00 25.96 ? 180  GLU A CB  1 
ATOM   1083 C CG  . GLU A 1 137 ? 2.698   -6.428  11.951  1.00 31.76 ? 180  GLU A CG  1 
ATOM   1084 C CD  . GLU A 1 137 ? 3.205   -7.226  13.146  1.00 35.40 ? 180  GLU A CD  1 
ATOM   1085 O OE1 . GLU A 1 137 ? 2.664   -8.311  13.437  1.00 39.91 ? 180  GLU A OE1 1 
ATOM   1086 O OE2 . GLU A 1 137 ? 4.144   -6.755  13.821  1.00 42.11 ? 180  GLU A OE2 1 
ATOM   1087 N N   . THR A 1 138 ? 0.824   -10.037 9.916   1.00 26.52 ? 181  THR A N   1 
ATOM   1088 C CA  . THR A 1 138 ? -0.209  -10.816 9.236   1.00 27.61 ? 181  THR A CA  1 
ATOM   1089 C C   . THR A 1 138 ? -1.592  -10.649 9.871   1.00 30.47 ? 181  THR A C   1 
ATOM   1090 O O   . THR A 1 138 ? -2.605  -11.046 9.290   1.00 30.27 ? 181  THR A O   1 
ATOM   1091 C CB  . THR A 1 138 ? 0.152   -12.312 9.190   1.00 26.59 ? 181  THR A CB  1 
ATOM   1092 O OG1 . THR A 1 138 ? 0.332   -12.809 10.523  1.00 26.75 ? 181  THR A OG1 1 
ATOM   1093 C CG2 . THR A 1 138 ? 1.432   -12.526 8.392   1.00 20.93 ? 181  THR A CG2 1 
ATOM   1094 N N   . ASN A 1 139 ? -1.631  -10.015 11.040  1.00 32.32 ? 182  ASN A N   1 
ATOM   1095 C CA  . ASN A 1 139 ? -2.882  -9.798  11.763  1.00 31.08 ? 182  ASN A CA  1 
ATOM   1096 C C   . ASN A 1 139 ? -3.084  -8.303  11.996  1.00 27.99 ? 182  ASN A C   1 
ATOM   1097 O O   . ASN A 1 139 ? -2.363  -7.692  12.780  1.00 32.23 ? 182  ASN A O   1 
ATOM   1098 C CB  . ASN A 1 139 ? -2.825  -10.540 13.106  1.00 30.75 ? 182  ASN A CB  1 
ATOM   1099 C CG  . ASN A 1 139 ? -4.171  -10.611 13.802  1.00 30.26 ? 182  ASN A CG  1 
ATOM   1100 O OD1 . ASN A 1 139 ? -5.059  -9.780  13.580  1.00 28.02 ? 182  ASN A OD1 1 
ATOM   1101 N ND2 . ASN A 1 139 ? -4.330  -11.613 14.655  1.00 32.65 ? 182  ASN A ND2 1 
ATOM   1102 N N   . PRO A 1 140 ? -4.080  -7.698  11.328  1.00 29.09 ? 183  PRO A N   1 
ATOM   1103 C CA  . PRO A 1 140 ? -4.367  -6.264  11.472  1.00 29.38 ? 183  PRO A CA  1 
ATOM   1104 C C   . PRO A 1 140 ? -4.702  -5.814  12.891  1.00 32.44 ? 183  PRO A C   1 
ATOM   1105 O O   . PRO A 1 140 ? -4.424  -4.674  13.268  1.00 31.47 ? 183  PRO A O   1 
ATOM   1106 C CB  . PRO A 1 140 ? -5.548  -6.049  10.527  1.00 29.58 ? 183  PRO A CB  1 
ATOM   1107 C CG  . PRO A 1 140 ? -6.216  -7.397  10.491  1.00 30.49 ? 183  PRO A CG  1 
ATOM   1108 C CD  . PRO A 1 140 ? -5.035  -8.326  10.397  1.00 28.77 ? 183  PRO A CD  1 
ATOM   1109 N N   . GLN A 1 141 ? -5.285  -6.709  13.682  1.00 32.41 ? 184  GLN A N   1 
ATOM   1110 C CA  . GLN A 1 141 ? -5.646  -6.371  15.054  1.00 33.13 ? 184  GLN A CA  1 
ATOM   1111 C C   . GLN A 1 141 ? -4.424  -6.114  15.943  1.00 33.57 ? 184  GLN A C   1 
ATOM   1112 O O   . GLN A 1 141 ? -4.554  -5.611  17.057  1.00 35.33 ? 184  GLN A O   1 
ATOM   1113 C CB  . GLN A 1 141 ? -6.559  -7.443  15.646  1.00 32.89 ? 184  GLN A CB  1 
ATOM   1114 C CG  . GLN A 1 141 ? -7.890  -7.547  14.919  1.00 30.98 ? 184  GLN A CG  1 
ATOM   1115 C CD  . GLN A 1 141 ? -8.825  -8.556  15.544  1.00 32.73 ? 184  GLN A CD  1 
ATOM   1116 O OE1 . GLN A 1 141 ? -8.472  -9.719  15.719  1.00 32.65 ? 184  GLN A OE1 1 
ATOM   1117 N NE2 . GLN A 1 141 ? -10.034 -8.118  15.874  1.00 33.02 ? 184  GLN A NE2 1 
ATOM   1118 N N   . PHE A 1 142 ? -3.243  -6.448  15.426  1.00 33.13 ? 185  PHE A N   1 
ATOM   1119 C CA  . PHE A 1 142 ? -1.971  -6.240  16.123  1.00 35.00 ? 185  PHE A CA  1 
ATOM   1120 C C   . PHE A 1 142 ? -1.290  -4.965  15.614  1.00 34.08 ? 185  PHE A C   1 
ATOM   1121 O O   . PHE A 1 142 ? -0.228  -4.582  16.104  1.00 29.88 ? 185  PHE A O   1 
ATOM   1122 C CB  . PHE A 1 142 ? -1.019  -7.411  15.856  1.00 39.76 ? 185  PHE A CB  1 
ATOM   1123 C CG  . PHE A 1 142 ? -1.195  -8.576  16.786  1.00 43.96 ? 185  PHE A CG  1 
ATOM   1124 C CD1 . PHE A 1 142 ? -2.165  -8.559  17.785  1.00 44.83 ? 185  PHE A CD1 1 
ATOM   1125 C CD2 . PHE A 1 142 ? -0.368  -9.692  16.667  1.00 46.54 ? 185  PHE A CD2 1 
ATOM   1126 C CE1 . PHE A 1 142 ? -2.305  -9.639  18.658  1.00 47.48 ? 185  PHE A CE1 1 
ATOM   1127 C CE2 . PHE A 1 142 ? -0.499  -10.776 17.532  1.00 45.77 ? 185  PHE A CE2 1 
ATOM   1128 C CZ  . PHE A 1 142 ? -1.471  -10.748 18.530  1.00 47.44 ? 185  PHE A CZ  1 
ATOM   1129 N N   . VAL A 1 143 ? -1.894  -4.332  14.610  1.00 31.60 ? 186  VAL A N   1 
ATOM   1130 C CA  . VAL A 1 143 ? -1.332  -3.125  14.014  1.00 29.80 ? 186  VAL A CA  1 
ATOM   1131 C C   . VAL A 1 143 ? -2.082  -1.861  14.420  1.00 28.50 ? 186  VAL A C   1 
ATOM   1132 O O   . VAL A 1 143 ? -3.236  -1.654  14.040  1.00 25.94 ? 186  VAL A O   1 
ATOM   1133 C CB  . VAL A 1 143 ? -1.306  -3.232  12.463  1.00 25.38 ? 186  VAL A CB  1 
ATOM   1134 C CG1 . VAL A 1 143 ? -0.493  -2.095  11.872  1.00 24.03 ? 186  VAL A CG1 1 
ATOM   1135 C CG2 . VAL A 1 143 ? -0.736  -4.579  12.031  1.00 23.38 ? 186  VAL A CG2 1 
ATOM   1136 N N   . GLN A 1 144 ? -1.400  -1.008  15.177  1.00 31.03 ? 187  GLN A N   1 
ATOM   1137 C CA  . GLN A 1 144 ? -1.970  0.253   15.639  1.00 34.28 ? 187  GLN A CA  1 
ATOM   1138 C C   . GLN A 1 144 ? -0.850  1.298   15.596  1.00 35.54 ? 187  GLN A C   1 
ATOM   1139 O O   . GLN A 1 144 ? -0.354  1.741   16.635  1.00 36.08 ? 187  GLN A O   1 
ATOM   1140 C CB  . GLN A 1 144 ? -2.520  0.089   17.065  1.00 40.20 ? 187  GLN A CB  1 
ATOM   1141 C CG  . GLN A 1 144 ? -3.300  1.295   17.605  1.00 47.85 ? 187  GLN A CG  1 
ATOM   1142 C CD  . GLN A 1 144 ? -4.639  1.518   16.912  1.00 47.12 ? 187  GLN A CD  1 
ATOM   1143 O OE1 . GLN A 1 144 ? -5.295  0.575   16.466  1.00 52.53 ? 187  GLN A OE1 1 
ATOM   1144 N NE2 . GLN A 1 144 ? -5.055  2.771   16.838  1.00 48.87 ? 187  GLN A NE2 1 
ATOM   1145 N N   . ILE A 1 145 ? -0.450  1.676   14.383  1.00 33.22 ? 188  ILE A N   1 
ATOM   1146 C CA  . ILE A 1 145 ? 0.626   2.649   14.193  1.00 32.44 ? 188  ILE A CA  1 
ATOM   1147 C C   . ILE A 1 145 ? 0.306   4.073   14.643  1.00 32.45 ? 188  ILE A C   1 
ATOM   1148 O O   . ILE A 1 145 ? 1.213   4.843   14.940  1.00 32.76 ? 188  ILE A O   1 
ATOM   1149 C CB  . ILE A 1 145 ? 1.135   2.679   12.734  1.00 31.65 ? 188  ILE A CB  1 
ATOM   1150 C CG1 . ILE A 1 145 ? -0.004  3.017   11.774  1.00 31.48 ? 188  ILE A CG1 1 
ATOM   1151 C CG2 . ILE A 1 145 ? 1.806   1.351   12.383  1.00 29.18 ? 188  ILE A CG2 1 
ATOM   1152 C CD1 . ILE A 1 145 ? 0.460   3.329   10.365  1.00 28.55 ? 188  ILE A CD1 1 
ATOM   1153 N N   . VAL A 1 146 ? -0.975  4.427   14.653  1.00 30.59 ? 189  VAL A N   1 
ATOM   1154 C CA  . VAL A 1 146 ? -1.418  5.752   15.087  1.00 31.79 ? 189  VAL A CA  1 
ATOM   1155 C C   . VAL A 1 146 ? -2.740  5.564   15.832  1.00 32.83 ? 189  VAL A C   1 
ATOM   1156 O O   . VAL A 1 146 ? -3.293  4.468   15.829  1.00 30.49 ? 189  VAL A O   1 
ATOM   1157 C CB  . VAL A 1 146 ? -1.652  6.713   13.888  1.00 30.90 ? 189  VAL A CB  1 
ATOM   1158 C CG1 . VAL A 1 146 ? -0.375  6.879   13.073  1.00 30.49 ? 189  VAL A CG1 1 
ATOM   1159 C CG2 . VAL A 1 146 ? -2.800  6.218   13.018  1.00 29.42 ? 189  VAL A CG2 1 
ATOM   1160 N N   . PRO A 1 147 ? -3.235  6.613   16.520  1.00 34.65 ? 190  PRO A N   1 
ATOM   1161 C CA  . PRO A 1 147 ? -4.501  6.535   17.260  1.00 36.75 ? 190  PRO A CA  1 
ATOM   1162 C C   . PRO A 1 147 ? -5.674  6.146   16.357  1.00 36.72 ? 190  PRO A C   1 
ATOM   1163 O O   . PRO A 1 147 ? -5.713  6.519   15.184  1.00 38.17 ? 190  PRO A O   1 
ATOM   1164 C CB  . PRO A 1 147 ? -4.669  7.961   17.786  1.00 36.65 ? 190  PRO A CB  1 
ATOM   1165 C CG  . PRO A 1 147 ? -3.262  8.374   18.060  1.00 35.97 ? 190  PRO A CG  1 
ATOM   1166 C CD  . PRO A 1 147 ? -2.543  7.883   16.813  1.00 36.26 ? 190  PRO A CD  1 
ATOM   1167 N N   . PRO A 1 148 ? -6.663  5.422   16.908  1.00 37.03 ? 191  PRO A N   1 
ATOM   1168 C CA  . PRO A 1 148 ? -7.855  4.968   16.182  1.00 36.15 ? 191  PRO A CA  1 
ATOM   1169 C C   . PRO A 1 148 ? -8.631  6.066   15.458  1.00 37.47 ? 191  PRO A C   1 
ATOM   1170 O O   . PRO A 1 148 ? -8.956  5.927   14.278  1.00 37.40 ? 191  PRO A O   1 
ATOM   1171 C CB  . PRO A 1 148 ? -8.706  4.342   17.289  1.00 35.98 ? 191  PRO A CB  1 
ATOM   1172 C CG  . PRO A 1 148 ? -7.689  3.830   18.245  1.00 35.48 ? 191  PRO A CG  1 
ATOM   1173 C CD  . PRO A 1 148 ? -6.711  4.972   18.311  1.00 37.51 ? 191  PRO A CD  1 
ATOM   1174 N N   . ASN A 1 149 ? -8.920  7.158   16.164  1.00 36.60 ? 192  ASN A N   1 
ATOM   1175 C CA  . ASN A 1 149 ? -9.690  8.259   15.593  1.00 37.04 ? 192  ASN A CA  1 
ATOM   1176 C C   . ASN A 1 149 ? -8.929  9.136   14.611  1.00 34.17 ? 192  ASN A C   1 
ATOM   1177 O O   . ASN A 1 149 ? -9.532  9.976   13.944  1.00 34.73 ? 192  ASN A O   1 
ATOM   1178 C CB  . ASN A 1 149 ? -10.294 9.130   16.700  1.00 39.25 ? 192  ASN A CB  1 
ATOM   1179 C CG  . ASN A 1 149 ? -9.268  10.023  17.367  1.00 44.96 ? 192  ASN A CG  1 
ATOM   1180 O OD1 . ASN A 1 149 ? -8.226  9.552   17.834  1.00 48.00 ? 192  ASN A OD1 1 
ATOM   1181 N ND2 . ASN A 1 149 ? -9.553  11.323  17.408  1.00 46.58 ? 192  ASN A ND2 1 
ATOM   1182 N N   . GLU A 1 150 ? -7.611  8.957   14.528  1.00 33.51 ? 193  GLU A N   1 
ATOM   1183 C CA  . GLU A 1 150 ? -6.805  9.753   13.608  1.00 30.75 ? 193  GLU A CA  1 
ATOM   1184 C C   . GLU A 1 150 ? -7.208  9.493   12.164  1.00 29.48 ? 193  GLU A C   1 
ATOM   1185 O O   . GLU A 1 150 ? -7.535  8.368   11.791  1.00 28.57 ? 193  GLU A O   1 
ATOM   1186 C CB  . GLU A 1 150 ? -5.312  9.467   13.788  1.00 31.02 ? 193  GLU A CB  1 
ATOM   1187 C CG  . GLU A 1 150 ? -4.414  10.329  12.897  1.00 31.61 ? 193  GLU A CG  1 
ATOM   1188 C CD  . GLU A 1 150 ? -2.938  10.124  13.167  1.00 34.03 ? 193  GLU A CD  1 
ATOM   1189 O OE1 . GLU A 1 150 ? -2.543  10.097  14.351  1.00 33.06 ? 193  GLU A OE1 1 
ATOM   1190 O OE2 . GLU A 1 150 ? -2.171  9.993   12.191  1.00 35.16 ? 193  GLU A OE2 1 
ATOM   1191 N N   . ILE A 1 151 ? -7.221  10.553  11.367  1.00 29.25 ? 194  ILE A N   1 
ATOM   1192 C CA  . ILE A 1 151 ? -7.574  10.459  9.959   1.00 30.74 ? 194  ILE A CA  1 
ATOM   1193 C C   . ILE A 1 151 ? -6.384  9.924   9.163   1.00 29.20 ? 194  ILE A C   1 
ATOM   1194 O O   . ILE A 1 151 ? -5.230  10.165  9.514   1.00 30.94 ? 194  ILE A O   1 
ATOM   1195 C CB  . ILE A 1 151 ? -7.984  11.848  9.403   1.00 30.06 ? 194  ILE A CB  1 
ATOM   1196 C CG1 . ILE A 1 151 ? -9.240  12.357  10.122  1.00 31.60 ? 194  ILE A CG1 1 
ATOM   1197 C CG2 . ILE A 1 151 ? -8.198  11.792  7.891   1.00 28.95 ? 194  ILE A CG2 1 
ATOM   1198 C CD1 . ILE A 1 151 ? -10.468 11.494  9.922   1.00 33.46 ? 194  ILE A CD1 1 
ATOM   1199 N N   . VAL A 1 152 ? -6.672  9.147   8.127   1.00 27.12 ? 195  VAL A N   1 
ATOM   1200 C CA  . VAL A 1 152 ? -5.629  8.601   7.271   1.00 25.38 ? 195  VAL A CA  1 
ATOM   1201 C C   . VAL A 1 152 ? -6.055  8.725   5.818   1.00 24.68 ? 195  VAL A C   1 
ATOM   1202 O O   . VAL A 1 152 ? -7.245  8.674   5.506   1.00 23.77 ? 195  VAL A O   1 
ATOM   1203 C CB  . VAL A 1 152 ? -5.349  7.093   7.550   1.00 22.49 ? 195  VAL A CB  1 
ATOM   1204 C CG1 . VAL A 1 152 ? -4.912  6.873   8.987   1.00 25.50 ? 195  VAL A CG1 1 
ATOM   1205 C CG2 . VAL A 1 152 ? -6.568  6.250   7.225   1.00 21.94 ? 195  VAL A CG2 1 
ATOM   1206 N N   . LEU A 1 153 ? -5.087  8.971   4.941   1.00 25.78 ? 196  LEU A N   1 
ATOM   1207 C CA  . LEU A 1 153 ? -5.369  9.040   3.517   1.00 22.26 ? 196  LEU A CA  1 
ATOM   1208 C C   . LEU A 1 153 ? -5.234  7.596   3.074   1.00 21.92 ? 196  LEU A C   1 
ATOM   1209 O O   . LEU A 1 153 ? -4.189  6.979   3.282   1.00 20.45 ? 196  LEU A O   1 
ATOM   1210 C CB  . LEU A 1 153 ? -4.332  9.895   2.780   1.00 23.25 ? 196  LEU A CB  1 
ATOM   1211 C CG  . LEU A 1 153 ? -4.355  9.773   1.249   1.00 26.26 ? 196  LEU A CG  1 
ATOM   1212 C CD1 . LEU A 1 153 ? -5.626  10.384  0.683   1.00 27.46 ? 196  LEU A CD1 1 
ATOM   1213 C CD2 . LEU A 1 153 ? -3.123  10.439  0.638   1.00 30.72 ? 196  LEU A CD2 1 
ATOM   1214 N N   . LEU A 1 154 ? -6.308  7.035   2.533   1.00 20.90 ? 197  LEU A N   1 
ATOM   1215 C CA  . LEU A 1 154 ? -6.267  5.661   2.075   1.00 18.08 ? 197  LEU A CA  1 
ATOM   1216 C C   . LEU A 1 154 ? -6.254  5.608   0.563   1.00 17.36 ? 197  LEU A C   1 
ATOM   1217 O O   . LEU A 1 154 ? -7.159  6.109   -0.099  1.00 18.54 ? 197  LEU A O   1 
ATOM   1218 C CB  . LEU A 1 154 ? -7.448  4.850   2.625   1.00 18.34 ? 197  LEU A CB  1 
ATOM   1219 C CG  . LEU A 1 154 ? -7.349  3.355   2.287   1.00 21.81 ? 197  LEU A CG  1 
ATOM   1220 C CD1 . LEU A 1 154 ? -6.128  2.741   2.972   1.00 18.50 ? 197  LEU A CD1 1 
ATOM   1221 C CD2 . LEU A 1 154 ? -8.603  2.635   2.715   1.00 23.73 ? 197  LEU A CD2 1 
ATOM   1222 N N   . VAL A 1 155 ? -5.190  5.035   0.020   1.00 18.38 ? 198  VAL A N   1 
ATOM   1223 C CA  . VAL A 1 155 ? -5.056  4.896   -1.419  1.00 16.92 ? 198  VAL A CA  1 
ATOM   1224 C C   . VAL A 1 155 ? -5.371  3.442   -1.710  1.00 17.31 ? 198  VAL A C   1 
ATOM   1225 O O   . VAL A 1 155 ? -4.732  2.535   -1.163  1.00 14.87 ? 198  VAL A O   1 
ATOM   1226 C CB  . VAL A 1 155 ? -3.621  5.223   -1.899  1.00 17.65 ? 198  VAL A CB  1 
ATOM   1227 C CG1 . VAL A 1 155 ? -3.502  4.984   -3.402  1.00 16.00 ? 198  VAL A CG1 1 
ATOM   1228 C CG2 . VAL A 1 155 ? -3.276  6.667   -1.553  1.00 19.50 ? 198  VAL A CG2 1 
ATOM   1229 N N   . THR A 1 156 ? -6.389  3.224   -2.534  1.00 16.44 ? 199  THR A N   1 
ATOM   1230 C CA  . THR A 1 156 ? -6.796  1.875   -2.878  1.00 16.85 ? 199  THR A CA  1 
ATOM   1231 C C   . THR A 1 156 ? -6.520  1.579   -4.336  1.00 16.15 ? 199  THR A C   1 
ATOM   1232 O O   . THR A 1 156 ? -7.007  2.278   -5.226  1.00 17.45 ? 199  THR A O   1 
ATOM   1233 C CB  . THR A 1 156 ? -8.308  1.657   -2.604  1.00 19.11 ? 199  THR A CB  1 
ATOM   1234 O OG1 . THR A 1 156 ? -8.593  1.919   -1.221  1.00 18.27 ? 199  THR A OG1 1 
ATOM   1235 C CG2 . THR A 1 156 ? -8.715  0.232   -2.955  1.00 21.60 ? 199  THR A CG2 1 
ATOM   1236 N N   . ALA A 1 157 ? -5.702  0.562   -4.572  1.00 17.98 ? 200  ALA A N   1 
ATOM   1237 C CA  . ALA A 1 157 ? -5.380  0.144   -5.925  1.00 21.06 ? 200  ALA A CA  1 
ATOM   1238 C C   . ALA A 1 157 ? -6.121  -1.145  -6.230  1.00 21.83 ? 200  ALA A C   1 
ATOM   1239 O O   . ALA A 1 157 ? -5.800  -2.197  -5.677  1.00 22.34 ? 200  ALA A O   1 
ATOM   1240 C CB  . ALA A 1 157 ? -3.880  -0.070  -6.081  1.00 19.96 ? 200  ALA A CB  1 
ATOM   1241 N N   . SER A 1 158 ? -7.138  -1.052  -7.080  1.00 24.72 ? 201  SER A N   1 
ATOM   1242 C CA  . SER A 1 158 ? -7.909  -2.219  -7.494  1.00 22.95 ? 201  SER A CA  1 
ATOM   1243 C C   . SER A 1 158 ? -7.071  -2.881  -8.580  1.00 22.19 ? 201  SER A C   1 
ATOM   1244 O O   . SER A 1 158 ? -6.843  -2.300  -9.640  1.00 22.82 ? 201  SER A O   1 
ATOM   1245 C CB  . SER A 1 158 ? -9.276  -1.795  -8.042  1.00 27.53 ? 201  SER A CB  1 
ATOM   1246 O OG  . SER A 1 158 ? -10.009 -2.929  -8.476  1.00 33.95 ? 201  SER A OG  1 
ATOM   1247 N N   . VAL A 1 159 ? -6.562  -4.072  -8.276  1.00 22.28 ? 202  VAL A N   1 
ATOM   1248 C CA  . VAL A 1 159 ? -5.692  -4.820  -9.180  1.00 19.27 ? 202  VAL A CA  1 
ATOM   1249 C C   . VAL A 1 159 ? -6.458  -5.961  -9.832  1.00 21.53 ? 202  VAL A C   1 
ATOM   1250 O O   . VAL A 1 159 ? -7.040  -6.795  -9.140  1.00 19.73 ? 202  VAL A O   1 
ATOM   1251 C CB  . VAL A 1 159 ? -4.480  -5.392  -8.407  1.00 20.65 ? 202  VAL A CB  1 
ATOM   1252 C CG1 . VAL A 1 159 ? -3.553  -6.130  -9.341  1.00 20.85 ? 202  VAL A CG1 1 
ATOM   1253 C CG2 . VAL A 1 159 ? -3.730  -4.264  -7.691  1.00 18.65 ? 202  VAL A CG2 1 
ATOM   1254 N N   . SER A 1 160 ? -6.409  -6.028  -11.157 1.00 22.35 ? 203  SER A N   1 
ATOM   1255 C CA  . SER A 1 160 ? -7.141  -7.064  -11.869 1.00 26.21 ? 203  SER A CA  1 
ATOM   1256 C C   . SER A 1 160 ? -6.547  -7.532  -13.191 1.00 28.30 ? 203  SER A C   1 
ATOM   1257 O O   . SER A 1 160 ? -5.911  -6.769  -13.912 1.00 27.68 ? 203  SER A O   1 
ATOM   1258 C CB  . SER A 1 160 ? -8.574  -6.585  -12.122 1.00 25.12 ? 203  SER A CB  1 
ATOM   1259 O OG  . SER A 1 160 ? -8.586  -5.536  -13.076 1.00 29.58 ? 203  SER A OG  1 
ATOM   1260 N N   . TRP A 1 161 ? -6.785  -8.806  -13.491 1.00 33.13 ? 204  TRP A N   1 
ATOM   1261 C CA  . TRP A 1 161 ? -6.368  -9.450  -14.737 1.00 35.39 ? 204  TRP A CA  1 
ATOM   1262 C C   . TRP A 1 161 ? -7.262  -10.669 -14.896 1.00 36.22 ? 204  TRP A C   1 
ATOM   1263 O O   . TRP A 1 161 ? -7.528  -11.378 -13.922 1.00 35.83 ? 204  TRP A O   1 
ATOM   1264 C CB  . TRP A 1 161 ? -4.883  -9.841  -14.733 1.00 36.80 ? 204  TRP A CB  1 
ATOM   1265 C CG  . TRP A 1 161 ? -4.505  -10.954 -13.808 1.00 38.88 ? 204  TRP A CG  1 
ATOM   1266 C CD1 . TRP A 1 161 ? -4.514  -12.291 -14.086 1.00 40.53 ? 204  TRP A CD1 1 
ATOM   1267 C CD2 . TRP A 1 161 ? -4.005  -10.821 -12.475 1.00 39.35 ? 204  TRP A CD2 1 
ATOM   1268 N NE1 . TRP A 1 161 ? -4.043  -13.001 -13.008 1.00 41.84 ? 204  TRP A NE1 1 
ATOM   1269 C CE2 . TRP A 1 161 ? -3.724  -12.127 -12.006 1.00 40.87 ? 204  TRP A CE2 1 
ATOM   1270 C CE3 . TRP A 1 161 ? -3.760  -9.733  -11.632 1.00 38.76 ? 204  TRP A CE3 1 
ATOM   1271 C CZ2 . TRP A 1 161 ? -3.208  -12.365 -10.730 1.00 40.78 ? 204  TRP A CZ2 1 
ATOM   1272 C CZ3 . TRP A 1 161 ? -3.247  -9.971  -10.366 1.00 39.59 ? 204  TRP A CZ3 1 
ATOM   1273 C CH2 . TRP A 1 161 ? -2.977  -11.280 -9.926  1.00 39.88 ? 204  TRP A CH2 1 
ATOM   1274 N N   . GLY A 1 162 ? -7.770  -10.879 -16.109 1.00 38.39 ? 205  GLY A N   1 
ATOM   1275 C CA  . GLY A 1 162 ? -8.662  -12.001 -16.351 1.00 38.00 ? 205  GLY A CA  1 
ATOM   1276 C C   . GLY A 1 162 ? -9.934  -11.795 -15.550 1.00 36.64 ? 205  GLY A C   1 
ATOM   1277 O O   . GLY A 1 162 ? -10.559 -10.740 -15.627 1.00 36.51 ? 205  GLY A O   1 
ATOM   1278 N N   . GLU A 1 163 ? -10.299 -12.788 -14.750 1.00 38.16 ? 206  GLU A N   1 
ATOM   1279 C CA  . GLU A 1 163 ? -11.497 -12.689 -13.923 1.00 40.39 ? 206  GLU A CA  1 
ATOM   1280 C C   . GLU A 1 163 ? -11.156 -12.477 -12.457 1.00 40.64 ? 206  GLU A C   1 
ATOM   1281 O O   . GLU A 1 163 ? -12.029 -12.534 -11.586 1.00 42.08 ? 206  GLU A O   1 
ATOM   1282 C CB  . GLU A 1 163 ? -12.335 -13.943 -14.062 1.00 42.68 ? 206  GLU A CB  1 
ATOM   1283 C CG  . GLU A 1 163 ? -12.958 -14.118 -15.406 1.00 48.20 ? 206  GLU A CG  1 
ATOM   1284 C CD  . GLU A 1 163 ? -13.630 -15.451 -15.480 1.00 53.99 ? 206  GLU A CD  1 
ATOM   1285 O OE1 . GLU A 1 163 ? -14.770 -15.584 -15.003 1.00 55.52 ? 206  GLU A OE1 1 
ATOM   1286 O OE2 . GLU A 1 163 ? -13.011 -16.392 -15.988 1.00 56.68 ? 206  GLU A OE2 1 
ATOM   1287 N N   . PHE A 1 164 ? -9.873  -12.257 -12.196 1.00 39.14 ? 207  PHE A N   1 
ATOM   1288 C CA  . PHE A 1 164 ? -9.366  -12.025 -10.853 1.00 36.85 ? 207  PHE A CA  1 
ATOM   1289 C C   . PHE A 1 164 ? -9.313  -10.525 -10.578 1.00 34.79 ? 207  PHE A C   1 
ATOM   1290 O O   . PHE A 1 164 ? -8.881  -9.743  -11.426 1.00 33.19 ? 207  PHE A O   1 
ATOM   1291 C CB  . PHE A 1 164 ? -7.954  -12.636 -10.734 1.00 41.34 ? 207  PHE A CB  1 
ATOM   1292 C CG  . PHE A 1 164 ? -7.196  -12.251 -9.475  1.00 48.17 ? 207  PHE A CG  1 
ATOM   1293 C CD1 . PHE A 1 164 ? -6.813  -13.222 -8.557  1.00 51.29 ? 207  PHE A CD1 1 
ATOM   1294 C CD2 . PHE A 1 164 ? -6.833  -10.928 -9.226  1.00 52.48 ? 207  PHE A CD2 1 
ATOM   1295 C CE1 . PHE A 1 164 ? -6.081  -12.879 -7.415  1.00 52.89 ? 207  PHE A CE1 1 
ATOM   1296 C CE2 . PHE A 1 164 ? -6.111  -10.578 -8.095  1.00 54.67 ? 207  PHE A CE2 1 
ATOM   1297 C CZ  . PHE A 1 164 ? -5.732  -11.556 -7.187  1.00 52.58 ? 207  PHE A CZ  1 
ATOM   1298 N N   . THR A 1 165 ? -9.766  -10.138 -9.393  1.00 32.21 ? 208  THR A N   1 
ATOM   1299 C CA  . THR A 1 165 ? -9.712  -8.751  -8.945  1.00 31.71 ? 208  THR A CA  1 
ATOM   1300 C C   . THR A 1 165 ? -9.399  -8.769  -7.456  1.00 29.69 ? 208  THR A C   1 
ATOM   1301 O O   . THR A 1 165 ? -9.988  -9.540  -6.690  1.00 26.94 ? 208  THR A O   1 
ATOM   1302 C CB  . THR A 1 165 ? -11.020 -7.966  -9.188  1.00 32.41 ? 208  THR A CB  1 
ATOM   1303 O OG1 . THR A 1 165 ? -11.235 -7.818  -10.597 1.00 37.41 ? 208  THR A OG1 1 
ATOM   1304 C CG2 . THR A 1 165 ? -10.916 -6.569  -8.574  1.00 33.36 ? 208  THR A CG2 1 
ATOM   1305 N N   . SER A 1 166 ? -8.408  -7.973  -7.067  1.00 25.67 ? 209  SER A N   1 
ATOM   1306 C CA  . SER A 1 166 ? -8.017  -7.876  -5.672  1.00 25.62 ? 209  SER A CA  1 
ATOM   1307 C C   . SER A 1 166 ? -7.553  -6.457  -5.364  1.00 24.43 ? 209  SER A C   1 
ATOM   1308 O O   . SER A 1 166 ? -7.717  -5.558  -6.189  1.00 21.82 ? 209  SER A O   1 
ATOM   1309 C CB  . SER A 1 166 ? -6.936  -8.899  -5.326  1.00 24.21 ? 209  SER A CB  1 
ATOM   1310 O OG  . SER A 1 166 ? -6.787  -8.992  -3.923  1.00 29.20 ? 209  SER A OG  1 
ATOM   1311 N N   . PHE A 1 167 ? -6.952  -6.260  -4.196  1.00 21.78 ? 210  PHE A N   1 
ATOM   1312 C CA  . PHE A 1 167 ? -6.526  -4.927  -3.799  1.00 22.25 ? 210  PHE A CA  1 
ATOM   1313 C C   . PHE A 1 167 ? -5.185  -4.806  -3.090  1.00 20.42 ? 210  PHE A C   1 
ATOM   1314 O O   . PHE A 1 167 ? -4.675  -5.747  -2.477  1.00 20.22 ? 210  PHE A O   1 
ATOM   1315 C CB  . PHE A 1 167 ? -7.583  -4.296  -2.871  1.00 21.52 ? 210  PHE A CB  1 
ATOM   1316 C CG  . PHE A 1 167 ? -8.974  -4.271  -3.444  1.00 27.92 ? 210  PHE A CG  1 
ATOM   1317 C CD1 . PHE A 1 167 ? -9.397  -3.203  -4.227  1.00 27.78 ? 210  PHE A CD1 1 
ATOM   1318 C CD2 . PHE A 1 167 ? -9.865  -5.316  -3.200  1.00 30.01 ? 210  PHE A CD2 1 
ATOM   1319 C CE1 . PHE A 1 167 ? -10.688 -3.177  -4.761  1.00 29.44 ? 210  PHE A CE1 1 
ATOM   1320 C CE2 . PHE A 1 167 ? -11.156 -5.300  -3.730  1.00 30.09 ? 210  PHE A CE2 1 
ATOM   1321 C CZ  . PHE A 1 167 ? -11.567 -4.228  -4.513  1.00 29.03 ? 210  PHE A CZ  1 
ATOM   1322 N N   . ILE A 1 168 ? -4.642  -3.599  -3.196  1.00 19.95 ? 211  ILE A N   1 
ATOM   1323 C CA  . ILE A 1 168 ? -3.418  -3.186  -2.534  1.00 16.61 ? 211  ILE A CA  1 
ATOM   1324 C C   . ILE A 1 168 ? -3.841  -1.833  -1.980  1.00 16.84 ? 211  ILE A C   1 
ATOM   1325 O O   . ILE A 1 168 ? -4.416  -1.010  -2.694  1.00 19.01 ? 211  ILE A O   1 
ATOM   1326 C CB  . ILE A 1 168 ? -2.230  -2.977  -3.506  1.00 15.95 ? 211  ILE A CB  1 
ATOM   1327 C CG1 . ILE A 1 168 ? -1.718  -4.326  -4.021  1.00 14.69 ? 211  ILE A CG1 1 
ATOM   1328 C CG2 . ILE A 1 168 ? -1.099  -2.214  -2.785  1.00 10.90 ? 211  ILE A CG2 1 
ATOM   1329 C CD1 . ILE A 1 168 ? -0.511  -4.225  -4.969  1.00 18.89 ? 211  ILE A CD1 1 
ATOM   1330 N N   . ASN A 1 169 ? -3.640  -1.637  -0.689  1.00 18.71 ? 212  ASN A N   1 
ATOM   1331 C CA  . ASN A 1 169 ? -4.000  -0.383  -0.057  1.00 18.68 ? 212  ASN A CA  1 
ATOM   1332 C C   . ASN A 1 169 ? -2.798  0.254   0.607   1.00 14.83 ? 212  ASN A C   1 
ATOM   1333 O O   . ASN A 1 169 ? -1.983  -0.436  1.210   1.00 17.00 ? 212  ASN A O   1 
ATOM   1334 C CB  . ASN A 1 169 ? -5.079  -0.616  1.002   1.00 19.01 ? 212  ASN A CB  1 
ATOM   1335 C CG  . ASN A 1 169 ? -6.434  -0.854  0.400   1.00 22.74 ? 212  ASN A CG  1 
ATOM   1336 O OD1 . ASN A 1 169 ? -7.137  0.088   0.039   1.00 24.26 ? 212  ASN A OD1 1 
ATOM   1337 N ND2 . ASN A 1 169 ? -6.805  -2.121  0.261   1.00 25.14 ? 212  ASN A ND2 1 
ATOM   1338 N N   . VAL A 1 170 ? -2.659  1.563   0.438   1.00 16.67 ? 213  VAL A N   1 
ATOM   1339 C CA  . VAL A 1 170 ? -1.577  2.298   1.078   1.00 16.85 ? 213  VAL A CA  1 
ATOM   1340 C C   . VAL A 1 170 ? -2.261  3.272   2.029   1.00 16.60 ? 213  VAL A C   1 
ATOM   1341 O O   . VAL A 1 170 ? -3.089  4.087   1.614   1.00 18.84 ? 213  VAL A O   1 
ATOM   1342 C CB  . VAL A 1 170 ? -0.710  3.077   0.077   1.00 10.80 ? 213  VAL A CB  1 
ATOM   1343 C CG1 . VAL A 1 170 ? 0.410   3.786   0.818   1.00 13.34 ? 213  VAL A CG1 1 
ATOM   1344 C CG2 . VAL A 1 170 ? -0.136  2.128   -0.963  1.00 17.59 ? 213  VAL A CG2 1 
ATOM   1345 N N   . CYS A 1 171 ? -1.948  3.133   3.311   1.00 17.26 ? 214  CYS A N   1 
ATOM   1346 C CA  . CYS A 1 171 ? -2.519  3.966   4.356   1.00 20.61 ? 214  CYS A CA  1 
ATOM   1347 C C   . CYS A 1 171 ? -1.519  5.021   4.823   1.00 20.57 ? 214  CYS A C   1 
ATOM   1348 O O   . CYS A 1 171 ? -0.520  4.687   5.449   1.00 18.04 ? 214  CYS A O   1 
ATOM   1349 C CB  . CYS A 1 171 ? -2.947  3.076   5.532   1.00 23.30 ? 214  CYS A CB  1 
ATOM   1350 S SG  . CYS A 1 171 ? -3.546  3.933   7.003   1.00 25.34 ? 214  CYS A SG  1 
ATOM   1351 N N   . TRP A 1 172 ? -1.790  6.285   4.491   1.00 17.52 ? 215  TRP A N   1 
ATOM   1352 C CA  . TRP A 1 172 ? -0.928  7.408   4.875   1.00 19.83 ? 215  TRP A CA  1 
ATOM   1353 C C   . TRP A 1 172 ? -1.582  8.200   6.019   1.00 21.44 ? 215  TRP A C   1 
ATOM   1354 O O   . TRP A 1 172 ? -2.512  8.969   5.786   1.00 21.10 ? 215  TRP A O   1 
ATOM   1355 C CB  . TRP A 1 172 ? -0.731  8.374   3.694   1.00 20.16 ? 215  TRP A CB  1 
ATOM   1356 C CG  . TRP A 1 172 ? 0.132   7.892   2.549   1.00 19.04 ? 215  TRP A CG  1 
ATOM   1357 C CD1 . TRP A 1 172 ? -0.290  7.560   1.296   1.00 18.72 ? 215  TRP A CD1 1 
ATOM   1358 C CD2 . TRP A 1 172 ? 1.559   7.773   2.536   1.00 17.33 ? 215  TRP A CD2 1 
ATOM   1359 N NE1 . TRP A 1 172 ? 0.786   7.246   0.501   1.00 20.65 ? 215  TRP A NE1 1 
ATOM   1360 C CE2 . TRP A 1 172 ? 1.934   7.370   1.236   1.00 21.16 ? 215  TRP A CE2 1 
ATOM   1361 C CE3 . TRP A 1 172 ? 2.559   7.975   3.494   1.00 23.11 ? 215  TRP A CE3 1 
ATOM   1362 C CZ2 . TRP A 1 172 ? 3.271   7.165   0.867   1.00 21.37 ? 215  TRP A CZ2 1 
ATOM   1363 C CZ3 . TRP A 1 172 ? 3.887   7.772   3.129   1.00 24.73 ? 215  TRP A CZ3 1 
ATOM   1364 C CH2 . TRP A 1 172 ? 4.229   7.372   1.823   1.00 23.70 ? 215  TRP A CH2 1 
ATOM   1365 N N   . PRO A 1 173 ? -1.101  8.030   7.262   1.00 20.57 ? 216  PRO A N   1 
ATOM   1366 C CA  . PRO A 1 173 ? -1.683  8.761   8.391   1.00 24.46 ? 216  PRO A CA  1 
ATOM   1367 C C   . PRO A 1 173 ? -1.538  10.271  8.262   1.00 26.31 ? 216  PRO A C   1 
ATOM   1368 O O   . PRO A 1 173 ? -0.524  10.781  7.775   1.00 27.07 ? 216  PRO A O   1 
ATOM   1369 C CB  . PRO A 1 173 ? -0.881  8.239   9.583   1.00 24.35 ? 216  PRO A CB  1 
ATOM   1370 C CG  . PRO A 1 173 ? -0.533  6.837   9.158   1.00 24.25 ? 216  PRO A CG  1 
ATOM   1371 C CD  . PRO A 1 173 ? -0.100  7.059   7.734   1.00 22.07 ? 216  PRO A CD  1 
ATOM   1372 N N   . PHE A 1 174 ? -2.560  10.980  8.720   1.00 29.05 ? 217  PHE A N   1 
ATOM   1373 C CA  . PHE A 1 174 ? -2.573  12.433  8.679   1.00 31.47 ? 217  PHE A CA  1 
ATOM   1374 C C   . PHE A 1 174 ? -1.351  13.057  9.368   1.00 33.19 ? 217  PHE A C   1 
ATOM   1375 O O   . PHE A 1 174 ? -0.757  14.004  8.843   1.00 32.53 ? 217  PHE A O   1 
ATOM   1376 C CB  . PHE A 1 174 ? -3.864  12.950  9.316   1.00 32.88 ? 217  PHE A CB  1 
ATOM   1377 C CG  . PHE A 1 174 ? -3.979  14.431  9.305   1.00 35.42 ? 217  PHE A CG  1 
ATOM   1378 C CD1 . PHE A 1 174 ? -4.248  15.108  8.126   1.00 37.40 ? 217  PHE A CD1 1 
ATOM   1379 C CD2 . PHE A 1 174 ? -3.776  15.156  10.467  1.00 35.97 ? 217  PHE A CD2 1 
ATOM   1380 C CE1 . PHE A 1 174 ? -4.306  16.491  8.102   1.00 36.86 ? 217  PHE A CE1 1 
ATOM   1381 C CE2 . PHE A 1 174 ? -3.833  16.534  10.448  1.00 36.08 ? 217  PHE A CE2 1 
ATOM   1382 C CZ  . PHE A 1 174 ? -4.098  17.202  9.261   1.00 34.24 ? 217  PHE A CZ  1 
ATOM   1383 N N   . SER A 1 175 ? -0.977  12.509  10.526  1.00 34.30 ? 218  SER A N   1 
ATOM   1384 C CA  . SER A 1 175 ? 0.167   12.995  11.301  1.00 35.05 ? 218  SER A CA  1 
ATOM   1385 C C   . SER A 1 175 ? 1.490   12.915  10.538  1.00 37.70 ? 218  SER A C   1 
ATOM   1386 O O   . SER A 1 175 ? 2.383   13.748  10.730  1.00 38.42 ? 218  SER A O   1 
ATOM   1387 C CB  . SER A 1 175 ? 0.276   12.232  12.625  1.00 36.31 ? 218  SER A CB  1 
ATOM   1388 O OG  . SER A 1 175 ? 0.366   10.832  12.422  1.00 38.79 ? 218  SER A OG  1 
ATOM   1389 N N   . LEU A 1 176 ? 1.602   11.913  9.671   1.00 36.01 ? 219  LEU A N   1 
ATOM   1390 C CA  . LEU A 1 176 ? 2.791   11.709  8.858   1.00 35.69 ? 219  LEU A CA  1 
ATOM   1391 C C   . LEU A 1 176 ? 2.849   12.735  7.722   1.00 34.26 ? 219  LEU A C   1 
ATOM   1392 O O   . LEU A 1 176 ? 3.904   13.307  7.433   1.00 34.79 ? 219  LEU A O   1 
ATOM   1393 C CB  . LEU A 1 176 ? 2.773   10.287  8.277   1.00 35.90 ? 219  LEU A CB  1 
ATOM   1394 C CG  . LEU A 1 176 ? 3.900   9.870   7.333   1.00 38.26 ? 219  LEU A CG  1 
ATOM   1395 C CD1 . LEU A 1 176 ? 5.205   10.077  8.049   1.00 41.01 ? 219  LEU A CD1 1 
ATOM   1396 C CD2 . LEU A 1 176 ? 3.755   8.411   6.914   1.00 35.04 ? 219  LEU A CD2 1 
ATOM   1397 N N   . LEU A 1 177 ? 1.700   12.968  7.097   1.00 32.10 ? 220  LEU A N   1 
ATOM   1398 C CA  . LEU A 1 177 ? 1.595   13.896  5.978   1.00 33.89 ? 220  LEU A CA  1 
ATOM   1399 C C   . LEU A 1 177 ? 1.404   15.365  6.341   1.00 36.79 ? 220  LEU A C   1 
ATOM   1400 O O   . LEU A 1 177 ? 1.531   16.230  5.471   1.00 36.07 ? 220  LEU A O   1 
ATOM   1401 C CB  . LEU A 1 177 ? 0.468   13.455  5.038   1.00 33.74 ? 220  LEU A CB  1 
ATOM   1402 C CG  . LEU A 1 177 ? 0.784   12.412  3.960   1.00 31.41 ? 220  LEU A CG  1 
ATOM   1403 C CD1 . LEU A 1 177 ? 1.722   11.337  4.484   1.00 33.14 ? 220  LEU A CD1 1 
ATOM   1404 C CD2 . LEU A 1 177 ? -0.512  11.816  3.456   1.00 32.94 ? 220  LEU A CD2 1 
ATOM   1405 N N   . GLU A 1 178 ? 1.119   15.653  7.609   1.00 39.26 ? 221  GLU A N   1 
ATOM   1406 C CA  . GLU A 1 178 ? 0.895   17.034  8.042   1.00 44.84 ? 221  GLU A CA  1 
ATOM   1407 C C   . GLU A 1 178 ? 1.925   18.061  7.555   1.00 45.93 ? 221  GLU A C   1 
ATOM   1408 O O   . GLU A 1 178 ? 1.551   19.062  6.946   1.00 44.06 ? 221  GLU A O   1 
ATOM   1409 C CB  . GLU A 1 178 ? 0.708   17.131  9.558   1.00 47.82 ? 221  GLU A CB  1 
ATOM   1410 C CG  . GLU A 1 178 ? -0.740  17.301  9.988   1.00 55.10 ? 221  GLU A CG  1 
ATOM   1411 C CD  . GLU A 1 178 ? -0.893  18.114  11.273  1.00 58.31 ? 221  GLU A CD  1 
ATOM   1412 O OE1 . GLU A 1 178 ? -1.810  17.830  12.071  1.00 61.77 ? 221  GLU A OE1 1 
ATOM   1413 O OE2 . GLU A 1 178 ? -0.103  19.054  11.484  1.00 59.59 ? 221  GLU A OE2 1 
ATOM   1414 N N   . PRO A 1 179 ? 3.224   17.855  7.842   1.00 49.33 ? 222  PRO A N   1 
ATOM   1415 C CA  . PRO A 1 179 ? 4.182   18.857  7.353   1.00 51.54 ? 222  PRO A CA  1 
ATOM   1416 C C   . PRO A 1 179 ? 4.216   19.147  5.839   1.00 52.50 ? 222  PRO A C   1 
ATOM   1417 O O   . PRO A 1 179 ? 4.434   20.294  5.452   1.00 54.09 ? 222  PRO A O   1 
ATOM   1418 C CB  . PRO A 1 179 ? 5.528   18.382  7.920   1.00 52.22 ? 222  PRO A CB  1 
ATOM   1419 C CG  . PRO A 1 179 ? 5.255   17.012  8.505   1.00 53.05 ? 222  PRO A CG  1 
ATOM   1420 C CD  . PRO A 1 179 ? 3.824   17.043  8.913   1.00 50.44 ? 222  PRO A CD  1 
ATOM   1421 N N   . LEU A 1 180 ? 4.023   18.146  4.979   1.00 53.22 ? 223  LEU A N   1 
ATOM   1422 C CA  . LEU A 1 180 ? 3.993   18.426  3.536   1.00 54.56 ? 223  LEU A CA  1 
ATOM   1423 C C   . LEU A 1 180 ? 2.688   19.150  3.238   1.00 55.35 ? 223  LEU A C   1 
ATOM   1424 O O   . LEU A 1 180 ? 2.608   19.934  2.291   1.00 53.77 ? 223  LEU A O   1 
ATOM   1425 C CB  . LEU A 1 180 ? 4.075   17.154  2.680   1.00 55.27 ? 223  LEU A CB  1 
ATOM   1426 C CG  . LEU A 1 180 ? 3.498   17.214  1.247   1.00 56.65 ? 223  LEU A CG  1 
ATOM   1427 C CD1 . LEU A 1 180 ? 4.212   18.240  0.361   1.00 56.53 ? 223  LEU A CD1 1 
ATOM   1428 C CD2 . LEU A 1 180 ? 3.560   15.842  0.606   1.00 56.37 ? 223  LEU A CD2 1 
ATOM   1429 N N   . LEU A 1 181 ? 1.657   18.864  4.032   1.00 57.32 ? 224  LEU A N   1 
ATOM   1430 C CA  . LEU A 1 181 ? 0.371   19.527  3.851   1.00 59.56 ? 224  LEU A CA  1 
ATOM   1431 C C   . LEU A 1 181 ? 0.617   21.023  3.890   1.00 61.86 ? 224  LEU A C   1 
ATOM   1432 O O   . LEU A 1 181 ? -0.055  21.790  3.200   1.00 61.00 ? 224  LEU A O   1 
ATOM   1433 C CB  . LEU A 1 181 ? -0.618  19.139  4.946   1.00 57.12 ? 224  LEU A CB  1 
ATOM   1434 C CG  . LEU A 1 181 ? -1.324  17.803  4.772   1.00 55.75 ? 224  LEU A CG  1 
ATOM   1435 C CD1 . LEU A 1 181 ? -2.403  17.694  5.825   1.00 56.23 ? 224  LEU A CD1 1 
ATOM   1436 C CD2 . LEU A 1 181 ? -1.924  17.715  3.382   1.00 55.70 ? 224  LEU A CD2 1 
ATOM   1437 N N   . GLU A 1 182 ? 1.620   21.422  4.672   1.00 65.00 ? 225  GLU A N   1 
ATOM   1438 C CA  . GLU A 1 182 ? 1.993   22.823  4.791   1.00 67.35 ? 225  GLU A CA  1 
ATOM   1439 C C   . GLU A 1 182 ? 2.524   23.290  3.435   1.00 68.36 ? 225  GLU A C   1 
ATOM   1440 O O   . GLU A 1 182 ? 1.870   24.080  2.755   1.00 68.99 ? 225  GLU A O   1 
ATOM   1441 C CB  . GLU A 1 182 ? 3.045   23.013  5.896   1.00 69.46 ? 225  GLU A CB  1 
ATOM   1442 C CG  . GLU A 1 182 ? 2.785   22.228  7.206   1.00 73.26 ? 225  GLU A CG  1 
ATOM   1443 C CD  . GLU A 1 182 ? 1.457   22.550  7.904   1.00 75.39 ? 225  GLU A CD  1 
ATOM   1444 O OE1 . GLU A 1 182 ? 1.379   22.360  9.138   1.00 74.20 ? 225  GLU A OE1 1 
ATOM   1445 O OE2 . GLU A 1 182 ? 0.483   22.966  7.239   1.00 77.55 ? 225  GLU A OE2 1 
ATOM   1446 N N   . LYS A 1 183 ? 3.676   22.764  3.021   1.00 69.40 ? 226  LYS A N   1 
ATOM   1447 C CA  . LYS A 1 183 ? 4.266   23.123  1.731   1.00 69.21 ? 226  LYS A CA  1 
ATOM   1448 C C   . LYS A 1 183 ? 4.663   21.872  0.953   1.00 68.39 ? 226  LYS A C   1 
ATOM   1449 O O   . LYS A 1 183 ? 5.393   22.015  -0.051  1.00 67.74 ? 226  LYS A O   1 
ATOM   1450 C CB  . LYS A 1 183 ? 5.489   24.032  1.915   1.00 70.76 ? 226  LYS A CB  1 
ATOM   1451 C CG  . LYS A 1 183 ? 5.200   25.361  2.591   1.00 72.63 ? 226  LYS A CG  1 
ATOM   1452 C CD  . LYS A 1 183 ? 5.490   25.296  4.084   1.00 74.36 ? 226  LYS A CD  1 
ATOM   1453 C CE  . LYS A 1 183 ? 5.027   26.560  4.791   1.00 73.34 ? 226  LYS A CE  1 
ATOM   1454 N NZ  . LYS A 1 183 ? 5.553   27.793  4.136   1.00 74.53 ? 226  LYS A NZ  1 
ATOM   1455 O OXT . LYS A 1 183 ? 5.208   20.919  1.253   1.00 61.29 ? 226  LYS A OXT 1 
HETATM 1456 O O   . HOH B 2 .   ? 6.687   0.312   -13.675 1.00 16.52 ? 1000 HOH A O   1 
HETATM 1457 O O   . HOH B 2 .   ? 14.076  5.480   -7.561  1.00 18.06 ? 1001 HOH A O   1 
HETATM 1458 O O   . HOH B 2 .   ? 0.392   1.659   -17.046 1.00 17.44 ? 1002 HOH A O   1 
HETATM 1459 O O   . HOH B 2 .   ? 13.392  -5.460  -4.496  1.00 21.80 ? 1003 HOH A O   1 
HETATM 1460 O O   . HOH B 2 .   ? -6.435  4.774   -11.799 1.00 26.86 ? 1004 HOH A O   1 
HETATM 1461 O O   . HOH B 2 .   ? 11.409  7.775   9.271   1.00 16.75 ? 1005 HOH A O   1 
HETATM 1462 O O   . HOH B 2 .   ? 7.917   -6.164  -13.992 1.00 22.07 ? 1006 HOH A O   1 
HETATM 1463 O O   . HOH B 2 .   ? 10.696  -11.739 -5.112  1.00 25.46 ? 1007 HOH A O   1 
HETATM 1464 O O   . HOH B 2 .   ? 17.530  10.704  -6.259  1.00 23.77 ? 1008 HOH A O   1 
HETATM 1465 O O   . HOH B 2 .   ? 0.540   19.790  -1.113  1.00 57.40 ? 1009 HOH A O   1 
HETATM 1466 O O   . HOH B 2 .   ? 5.643   5.648   -9.924  1.00 21.89 ? 1010 HOH A O   1 
HETATM 1467 O O   . HOH B 2 .   ? 16.658  12.664  -4.226  1.00 28.76 ? 1011 HOH A O   1 
HETATM 1468 O O   . HOH B 2 .   ? 0.582   -9.915  12.953  1.00 30.67 ? 1012 HOH A O   1 
HETATM 1469 O O   . HOH B 2 .   ? -2.207  -18.569 -11.408 1.00 41.69 ? 1013 HOH A O   1 
HETATM 1470 O O   . HOH B 2 .   ? 3.188   11.784  -9.768  1.00 29.10 ? 1014 HOH A O   1 
HETATM 1471 O O   . HOH B 2 .   ? 7.821   5.914   -11.462 1.00 30.51 ? 1015 HOH A O   1 
HETATM 1472 O O   . HOH B 2 .   ? 13.405  -6.000  0.197   1.00 35.83 ? 1016 HOH A O   1 
HETATM 1473 O O   . HOH B 2 .   ? -9.938  -0.681  0.918   1.00 28.95 ? 1017 HOH A O   1 
HETATM 1474 O O   . HOH B 2 .   ? -8.302  -2.915  -11.907 1.00 25.83 ? 1018 HOH A O   1 
HETATM 1475 O O   . HOH B 2 .   ? 13.617  -10.788 1.508   1.00 31.86 ? 1019 HOH A O   1 
HETATM 1476 O O   . HOH B 2 .   ? -11.437 1.147   -0.531  1.00 32.82 ? 1020 HOH A O   1 
HETATM 1477 O O   . HOH B 2 .   ? -11.196 -11.591 7.703   1.00 21.56 ? 1021 HOH A O   1 
HETATM 1478 O O   . HOH B 2 .   ? 13.082  5.918   -3.547  1.00 30.22 ? 1022 HOH A O   1 
HETATM 1479 O O   . HOH B 2 .   ? -3.380  2.766   -13.717 1.00 27.12 ? 1023 HOH A O   1 
HETATM 1480 O O   . HOH B 2 .   ? 3.539   6.028   13.207  1.00 30.32 ? 1024 HOH A O   1 
HETATM 1481 O O   . HOH B 2 .   ? 6.619   11.329  -10.704 1.00 37.23 ? 1025 HOH A O   1 
HETATM 1482 O O   . HOH B 2 .   ? -2.332  1.926   -16.227 1.00 24.78 ? 1026 HOH A O   1 
HETATM 1483 O O   . HOH B 2 .   ? 1.465   -1.324  16.131  1.00 30.88 ? 1027 HOH A O   1 
HETATM 1484 O O   . HOH B 2 .   ? -9.347  4.577   -0.807  1.00 29.76 ? 1028 HOH A O   1 
HETATM 1485 O O   . HOH B 2 .   ? 7.781   -2.100  -14.260 1.00 28.54 ? 1029 HOH A O   1 
HETATM 1486 O O   . HOH B 2 .   ? 4.556   -8.603  -20.042 1.00 46.62 ? 1030 HOH A O   1 
HETATM 1487 O O   . HOH B 2 .   ? -7.606  -7.422  3.558   1.00 25.37 ? 1031 HOH A O   1 
HETATM 1488 O O   . HOH B 2 .   ? 7.526   -19.466 8.774   1.00 26.43 ? 1032 HOH A O   1 
HETATM 1489 O O   . HOH B 2 .   ? -7.869  -4.319  2.837   1.00 44.79 ? 1033 HOH A O   1 
HETATM 1490 O O   . HOH B 2 .   ? 14.022  0.723   -0.044  1.00 32.47 ? 1034 HOH A O   1 
HETATM 1491 O O   . HOH B 2 .   ? 2.807   28.706  0.623   1.00 49.12 ? 1035 HOH A O   1 
HETATM 1492 O O   . HOH B 2 .   ? -10.275 -14.630 10.659  1.00 36.65 ? 1036 HOH A O   1 
HETATM 1493 O O   . HOH B 2 .   ? -4.368  20.152  -6.309  1.00 53.22 ? 1037 HOH A O   1 
HETATM 1494 O O   . HOH B 2 .   ? 12.340  -1.943  12.434  1.00 64.98 ? 1038 HOH A O   1 
HETATM 1495 O O   . HOH B 2 .   ? -10.376 -10.096 -3.356  1.00 41.39 ? 1039 HOH A O   1 
HETATM 1496 O O   . HOH B 2 .   ? -2.360  -10.032 -21.398 1.00 42.18 ? 1040 HOH A O   1 
HETATM 1497 O O   . HOH B 2 .   ? 1.433   -12.381 14.254  1.00 54.52 ? 1041 HOH A O   1 
HETATM 1498 O O   . HOH B 2 .   ? -3.654  5.215   -12.416 1.00 23.99 ? 1042 HOH A O   1 
HETATM 1499 O O   . HOH B 2 .   ? -9.592  1.508   -6.652  1.00 24.31 ? 1043 HOH A O   1 
HETATM 1500 O O   . HOH B 2 .   ? -8.018  -6.312  -15.973 1.00 39.13 ? 1044 HOH A O   1 
HETATM 1501 O O   . HOH B 2 .   ? -9.764  -2.253  3.175   1.00 39.73 ? 1045 HOH A O   1 
HETATM 1502 O O   . HOH B 2 .   ? 0.273   -16.149 13.219  1.00 56.19 ? 1046 HOH A O   1 
HETATM 1503 O O   . HOH B 2 .   ? 14.378  11.260  -0.062  1.00 28.96 ? 1047 HOH A O   1 
HETATM 1504 O O   . HOH B 2 .   ? 7.762   18.193  -12.552 1.00 43.57 ? 1048 HOH A O   1 
HETATM 1505 O O   . HOH B 2 .   ? -7.463  -13.668 4.933   1.00 24.25 ? 1049 HOH A O   1 
HETATM 1506 O O   . HOH B 2 .   ? 12.512  2.122   15.701  1.00 47.49 ? 1050 HOH A O   1 
HETATM 1507 O O   . HOH B 2 .   ? -3.556  10.963  -13.554 1.00 40.07 ? 1051 HOH A O   1 
HETATM 1508 O O   . HOH B 2 .   ? -11.020 -6.427  13.253  1.00 53.28 ? 1052 HOH A O   1 
HETATM 1509 O O   . HOH B 2 .   ? 2.827   -2.464  13.784  1.00 47.63 ? 1053 HOH A O   1 
HETATM 1510 O O   . HOH B 2 .   ? 2.819   9.868   12.125  1.00 47.64 ? 1054 HOH A O   1 
HETATM 1511 O O   . HOH B 2 .   ? -0.126  -0.911  -18.266 1.00 49.75 ? 1055 HOH A O   1 
HETATM 1512 O O   . HOH B 2 .   ? 9.016   20.284  -4.367  1.00 40.22 ? 1056 HOH A O   1 
HETATM 1513 O O   . HOH B 2 .   ? -10.205 -6.063  3.179   1.00 30.36 ? 1057 HOH A O   1 
HETATM 1514 O O   . HOH B 2 .   ? -10.380 6.347   20.658  1.00 58.94 ? 1058 HOH A O   1 
HETATM 1515 O O   . HOH B 2 .   ? 4.725   -10.118 13.442  1.00 66.25 ? 1059 HOH A O   1 
HETATM 1516 O O   . HOH B 2 .   ? -4.219  -10.283 -18.686 1.00 36.80 ? 1060 HOH A O   1 
HETATM 1517 O O   . HOH B 2 .   ? 4.038   -22.879 7.996   1.00 59.53 ? 1061 HOH A O   1 
HETATM 1518 O O   . HOH B 2 .   ? 6.354   13.088  8.800   1.00 46.37 ? 1062 HOH A O   1 
HETATM 1519 O O   . HOH B 2 .   ? 7.073   -21.499 2.537   1.00 30.35 ? 1063 HOH A O   1 
HETATM 1520 O O   . HOH B 2 .   ? -13.433 -7.359  -5.782  1.00 44.53 ? 1064 HOH A O   1 
HETATM 1521 O O   . HOH B 2 .   ? -10.720 8.770   -6.118  1.00 35.98 ? 1065 HOH A O   1 
HETATM 1522 O O   . HOH B 2 .   ? -2.593  21.842  6.695   1.00 54.50 ? 1066 HOH A O   1 
HETATM 1523 O O   . HOH B 2 .   ? 13.561  -1.788  3.825   1.00 27.39 ? 1067 HOH A O   1 
HETATM 1524 O O   . HOH B 2 .   ? -13.944 4.733   -5.362  1.00 47.18 ? 1068 HOH A O   1 
HETATM 1525 O O   . HOH B 2 .   ? 6.291   13.320  -8.475  1.00 34.28 ? 1069 HOH A O   1 
HETATM 1526 O O   . HOH B 2 .   ? 14.669  -8.286  1.230   1.00 40.80 ? 1070 HOH A O   1 
HETATM 1527 O O   . HOH B 2 .   ? 0.195   -20.398 -3.409  1.00 48.37 ? 1071 HOH A O   1 
HETATM 1528 O O   . HOH B 2 .   ? -13.518 -7.585  -2.247  1.00 40.06 ? 1072 HOH A O   1 
HETATM 1529 O O   . HOH B 2 .   ? -6.948  14.577  20.486  1.00 54.18 ? 1073 HOH A O   1 
HETATM 1530 O O   . HOH B 2 .   ? 7.470   8.765   -11.685 1.00 24.93 ? 1074 HOH A O   1 
HETATM 1531 O O   . HOH B 2 .   ? 14.418  13.793  -5.726  1.00 47.96 ? 1075 HOH A O   1 
HETATM 1532 O O   . HOH B 2 .   ? -11.807 4.893   -2.422  1.00 35.00 ? 1076 HOH A O   1 
HETATM 1533 O O   . HOH B 2 .   ? 6.335   1.378   13.345  1.00 56.21 ? 1077 HOH A O   1 
HETATM 1534 O O   . HOH B 2 .   ? -0.998  17.471  16.078  1.00 48.26 ? 1078 HOH A O   1 
HETATM 1535 O O   . HOH B 2 .   ? 16.986  -4.732  3.080   1.00 38.75 ? 1079 HOH A O   1 
HETATM 1536 O O   . HOH B 2 .   ? -0.553  -23.473 -8.926  1.00 58.74 ? 1080 HOH A O   1 
HETATM 1537 O O   . HOH B 2 .   ? 0.500   -18.601 11.757  1.00 54.35 ? 1081 HOH A O   1 
HETATM 1538 O O   . HOH B 2 .   ? 8.421   -23.002 -6.818  1.00 50.11 ? 1082 HOH A O   1 
HETATM 1539 O O   . HOH B 2 .   ? -4.617  23.346  5.061   1.00 48.54 ? 1083 HOH A O   1 
HETATM 1540 O O   . HOH B 2 .   ? 9.856   7.701   11.632  1.00 37.69 ? 1084 HOH A O   1 
HETATM 1541 O O   . HOH B 2 .   ? -2.012  -14.139 11.816  1.00 34.53 ? 1085 HOH A O   1 
HETATM 1542 O O   . HOH B 2 .   ? -0.973  11.827  -12.463 1.00 38.32 ? 1086 HOH A O   1 
HETATM 1543 O O   . HOH B 2 .   ? 13.877  -0.646  9.305   1.00 69.64 ? 1087 HOH A O   1 
HETATM 1544 O O   . HOH B 2 .   ? 4.305   6.546   -13.663 1.00 33.06 ? 1088 HOH A O   1 
HETATM 1545 O O   . HOH B 2 .   ? 16.806  7.313   -4.454  1.00 32.93 ? 1089 HOH A O   1 
HETATM 1546 O O   . HOH B 2 .   ? -13.769 22.478  -1.399  1.00 46.64 ? 1090 HOH A O   1 
HETATM 1547 O O   . HOH B 2 .   ? -6.312  -10.825 2.773   1.00 31.31 ? 1091 HOH A O   1 
HETATM 1548 O O   . HOH B 2 .   ? 13.586  -11.514 4.504   1.00 39.39 ? 1092 HOH A O   1 
HETATM 1549 O O   . HOH B 2 .   ? -9.954  -14.423 -5.288  1.00 44.76 ? 1093 HOH A O   1 
HETATM 1550 O O   . HOH B 2 .   ? -0.872  16.670  -11.361 1.00 49.34 ? 1094 HOH A O   1 
HETATM 1551 O O   . HOH B 2 .   ? -8.776  -16.947 -6.346  1.00 45.32 ? 1095 HOH A O   1 
HETATM 1552 O O   . HOH B 2 .   ? -5.908  -4.761  -0.060  1.00 40.12 ? 1096 HOH A O   1 
HETATM 1553 O O   . HOH B 2 .   ? -1.563  -13.434 14.692  1.00 48.17 ? 1097 HOH A O   1 
HETATM 1554 O O   . HOH B 2 .   ? -2.068  1.994   -21.302 1.00 48.28 ? 1098 HOH A O   1 
HETATM 1555 O O   . HOH B 2 .   ? -14.423 4.942   -0.634  1.00 51.35 ? 1099 HOH A O   1 
HETATM 1556 O O   . HOH B 2 .   ? 1.132   6.526   -21.656 1.00 52.14 ? 1100 HOH A O   1 
HETATM 1557 O O   . HOH B 2 .   ? 7.905   -13.510 -13.323 1.00 34.29 ? 1101 HOH A O   1 
HETATM 1558 O O   . HOH B 2 .   ? 3.844   5.129   19.477  1.00 50.07 ? 1102 HOH A O   1 
HETATM 1559 O O   . HOH B 2 .   ? 1.366   -23.461 -1.328  1.00 63.15 ? 1103 HOH A O   1 
HETATM 1560 O O   . HOH B 2 .   ? 9.138   -7.924  10.792  1.00 52.91 ? 1104 HOH A O   1 
HETATM 1561 O O   . HOH B 2 .   ? 15.908  -3.479  0.690   1.00 46.37 ? 1105 HOH A O   1 
HETATM 1562 O O   . HOH B 2 .   ? -15.685 -2.093  19.049  1.00 46.37 ? 1106 HOH A O   1 
HETATM 1563 O O   . HOH B 2 .   ? 5.705   14.674  3.070   1.00 45.30 ? 1107 HOH A O   1 
HETATM 1564 O O   . HOH B 2 .   ? -5.830  -24.574 -11.183 1.00 61.59 ? 1108 HOH A O   1 
HETATM 1565 O O   . HOH B 2 .   ? -3.474  -23.275 -8.478  1.00 60.67 ? 1109 HOH A O   1 
HETATM 1566 O O   . HOH B 2 .   ? -0.644  23.829  -0.652  1.00 47.28 ? 1110 HOH A O   1 
HETATM 1567 O O   . HOH B 2 .   ? -9.583  -2.930  -0.589  1.00 49.18 ? 1111 HOH A O   1 
HETATM 1568 O O   . HOH B 2 .   ? 16.557  -1.413  10.507  1.00 60.33 ? 1112 HOH A O   1 
HETATM 1569 O O   . HOH B 2 .   ? -10.692 12.216  -3.639  1.00 49.35 ? 1113 HOH A O   1 
HETATM 1570 O O   . HOH B 2 .   ? -3.304  3.772   -17.534 1.00 46.37 ? 1114 HOH A O   1 
HETATM 1571 O O   . HOH B 2 .   ? -18.117 3.297   9.263   1.00 60.40 ? 1115 HOH A O   1 
HETATM 1572 O O   . HOH B 2 .   ? -8.185  6.755   -13.150 1.00 57.96 ? 1116 HOH A O   1 
HETATM 1573 O O   . HOH B 2 .   ? -0.780  -11.041 -24.077 1.00 56.48 ? 1117 HOH A O   1 
HETATM 1574 O O   . HOH B 2 .   ? 9.421   10.660  -10.517 1.00 41.25 ? 1118 HOH A O   1 
HETATM 1575 O O   . HOH B 2 .   ? 1.783   -3.345  18.190  1.00 49.33 ? 1119 HOH A O   1 
HETATM 1576 O O   . HOH B 2 .   ? 2.091   -6.472  15.845  1.00 70.84 ? 1120 HOH A O   1 
HETATM 1577 O O   . HOH B 2 .   ? 8.094   -12.889 11.776  1.00 64.39 ? 1121 HOH A O   1 
HETATM 1578 O O   . HOH B 2 .   ? 18.214  8.035   6.144   1.00 42.01 ? 1122 HOH A O   1 
HETATM 1579 O O   . HOH B 2 .   ? -0.316  10.558  15.587  1.00 42.84 ? 1123 HOH A O   1 
HETATM 1580 O O   . HOH B 2 .   ? -12.476 1.885   -3.001  1.00 44.04 ? 1124 HOH A O   1 
HETATM 1581 O O   . HOH B 2 .   ? 1.678   5.624   -19.115 1.00 46.37 ? 1125 HOH A O   1 
HETATM 1582 O O   . HOH B 2 .   ? 2.330   6.793   -17.283 1.00 46.37 ? 1126 HOH A O   1 
HETATM 1583 O O   . HOH B 2 .   ? -12.771 -13.373 -4.508  1.00 55.41 ? 1127 HOH A O   1 
HETATM 1584 O O   . HOH B 2 .   ? -6.661  12.878  12.710  1.00 36.57 ? 1128 HOH A O   1 
HETATM 1585 O O   . HOH B 2 .   ? -9.206  13.275  13.722  1.00 54.07 ? 1129 HOH A O   1 
HETATM 1586 O O   . HOH B 2 .   ? -2.790  14.364  -15.432 1.00 64.60 ? 1130 HOH A O   1 
HETATM 1587 O O   . HOH B 2 .   ? 2.420   8.095   -15.039 1.00 41.60 ? 1131 HOH A O   1 
HETATM 1588 O O   . HOH B 2 .   ? -7.358  24.763  13.533  1.00 46.37 ? 1132 HOH A O   1 
HETATM 1589 O O   . HOH B 2 .   ? -14.271 -5.903  12.652  1.00 55.47 ? 1133 HOH A O   1 
HETATM 1590 O O   . HOH B 2 .   ? -3.883  18.020  19.332  1.00 46.37 ? 1134 HOH A O   1 
HETATM 1591 O O   . HOH B 2 .   ? 10.368  -7.858  7.143   1.00 62.74 ? 1135 HOH A O   1 
HETATM 1592 O O   . HOH B 2 .   ? 11.432  -6.768  9.598   1.00 53.64 ? 1136 HOH A O   1 
HETATM 1593 O O   . HOH B 2 .   ? 15.722  -5.313  6.444   1.00 51.02 ? 1137 HOH A O   1 
HETATM 1594 O O   . HOH B 2 .   ? -6.682  3.318   -14.218 1.00 46.37 ? 1138 HOH A O   1 
HETATM 1595 O O   . HOH B 2 .   ? 3.779   -20.464 -4.330  1.00 45.10 ? 1139 HOH A O   1 
HETATM 1596 O O   . HOH B 2 .   ? -5.630  -21.958 -5.253  1.00 60.06 ? 1140 HOH A O   1 
HETATM 1597 O O   . HOH B 2 .   ? -12.506 21.955  7.209   1.00 61.90 ? 1141 HOH A O   1 
HETATM 1598 O O   . HOH B 2 .   ? -10.271 16.735  -4.242  1.00 43.31 ? 1142 HOH A O   1 
HETATM 1599 O O   . HOH B 2 .   ? 0.446   13.529  -14.679 1.00 62.95 ? 1143 HOH A O   1 
HETATM 1600 O O   . HOH B 2 .   ? -13.800 4.363   2.218   1.00 42.56 ? 1144 HOH A O   1 
HETATM 1601 O O   . HOH B 2 .   ? -3.851  -0.265  -15.339 1.00 36.94 ? 1145 HOH A O   1 
HETATM 1602 O O   . HOH B 2 .   ? 3.798   -21.232 -6.770  1.00 60.95 ? 1146 HOH A O   1 
HETATM 1603 O O   . HOH B 2 .   ? 13.168  11.846  -7.758  1.00 40.65 ? 1147 HOH A O   1 
HETATM 1604 O O   . HOH B 2 .   ? 6.713   -8.645  12.507  1.00 54.72 ? 1148 HOH A O   1 
HETATM 1605 O O   . HOH B 2 .   ? 14.621  7.885   11.595  1.00 47.15 ? 1149 HOH A O   1 
HETATM 1606 O O   . HOH B 2 .   ? 13.689  4.231   10.472  1.00 59.52 ? 1150 HOH A O   1 
HETATM 1607 O O   . HOH B 2 .   ? -8.398  -4.879  0.418   1.00 64.37 ? 1151 HOH A O   1 
HETATM 1608 O O   . HOH B 2 .   ? -7.681  -12.333 0.339   1.00 35.77 ? 1152 HOH A O   1 
HETATM 1609 O O   . HOH B 2 .   ? -3.215  -25.496 -4.928  1.00 56.62 ? 1153 HOH A O   1 
HETATM 1610 O O   . HOH B 2 .   ? 11.278  -13.619 6.736   1.00 46.44 ? 1154 HOH A O   1 
HETATM 1611 O O   . HOH B 2 .   ? -7.032  -4.263  -17.649 1.00 46.44 ? 1155 HOH A O   1 
HETATM 1612 O O   . HOH B 2 .   ? -5.733  -6.639  -17.529 1.00 46.44 ? 1156 HOH A O   1 
HETATM 1613 O O   . HOH B 2 .   ? -16.483 5.724   -7.191  1.00 46.44 ? 1157 HOH A O   1 
HETATM 1614 O O   . HOH B 2 .   ? 2.306   7.212   11.249  1.00 46.37 ? 1158 HOH A O   1 
HETATM 1615 O O   . HOH B 2 .   ? 10.355  15.456  8.803   1.00 56.75 ? 1159 HOH A O   1 
HETATM 1616 O O   . HOH B 2 .   ? 1.463   -11.107 -21.113 1.00 45.11 ? 1160 HOH A O   1 
HETATM 1617 O O   . HOH B 2 .   ? -3.184  22.342  -7.143  1.00 68.08 ? 1161 HOH A O   1 
HETATM 1618 O O   . HOH B 2 .   ? 16.185  1.986   2.776   1.00 49.88 ? 1162 HOH A O   1 
HETATM 1619 O O   . HOH B 2 .   ? 4.184   17.130  15.000  1.00 60.65 ? 1163 HOH A O   1 
HETATM 1620 O O   . HOH B 2 .   ? -0.078  0.712   -20.266 1.00 59.45 ? 1164 HOH A O   1 
HETATM 1621 O O   . HOH B 2 .   ? 1.160   15.215  -9.403  1.00 56.10 ? 1165 HOH A O   1 
HETATM 1622 O O   . HOH B 2 .   ? -5.744  7.842   -14.482 1.00 56.71 ? 1166 HOH A O   1 
HETATM 1623 O O   . HOH B 2 .   ? 10.621  6.049   18.550  1.00 61.99 ? 1167 HOH A O   1 
HETATM 1624 O O   . HOH B 2 .   ? -2.364  18.827  -8.736  1.00 66.53 ? 1168 HOH A O   1 
HETATM 1625 O O   . HOH B 2 .   ? 8.224   5.996   14.694  1.00 52.91 ? 1169 HOH A O   1 
HETATM 1626 O O   . HOH B 2 .   ? 2.738   17.174  17.263  1.00 51.06 ? 1170 HOH A O   1 
HETATM 1627 O O   . HOH B 2 .   ? -2.913  17.520  -18.046 1.00 69.18 ? 1171 HOH A O   1 
HETATM 1628 O O   . HOH B 2 .   ? 17.440  1.370   10.605  1.00 62.52 ? 1172 HOH A O   1 
HETATM 1629 O O   . HOH B 2 .   ? 18.372  -6.601  1.627   1.00 54.06 ? 1173 HOH A O   1 
HETATM 1630 O O   . HOH B 2 .   ? -0.130  7.508   18.865  1.00 55.40 ? 1174 HOH A O   1 
HETATM 1631 O O   . HOH B 2 .   ? 6.146   -14.522 14.590  1.00 68.43 ? 1175 HOH A O   1 
HETATM 1632 O O   . HOH B 2 .   ? -8.266  -17.833 6.934   1.00 59.55 ? 1176 HOH A O   1 
HETATM 1633 O O   . HOH B 2 .   ? -10.203 18.198  15.440  1.00 67.83 ? 1177 HOH A O   1 
HETATM 1634 O O   . HOH B 2 .   ? 0.201   -15.436 -16.068 1.00 42.60 ? 1178 HOH A O   1 
HETATM 1635 O O   . HOH B 2 .   ? -11.714 -4.464  -14.427 1.00 49.61 ? 1179 HOH A O   1 
HETATM 1636 O O   . HOH B 2 .   ? 4.469   -18.274 11.843  1.00 62.53 ? 1180 HOH A O   1 
HETATM 1637 O O   . HOH B 2 .   ? -0.157  26.042  1.828   1.00 50.41 ? 1181 HOH A O   1 
HETATM 1638 O O   . HOH B 2 .   ? -12.762 -2.545  -8.806  1.00 60.73 ? 1182 HOH A O   1 
HETATM 1639 O O   . HOH B 2 .   ? 9.617   -8.749  14.800  1.00 60.33 ? 1183 HOH A O   1 
HETATM 1640 O O   . HOH B 2 .   ? 0.631   20.061  14.327  1.00 53.53 ? 1184 HOH A O   1 
HETATM 1641 O O   . HOH B 2 .   ? 13.747  -1.166  14.506  1.00 61.23 ? 1185 HOH A O   1 
HETATM 1642 O O   . HOH B 2 .   ? 11.471  0.289   18.120  1.00 67.31 ? 1186 HOH A O   1 
HETATM 1643 O O   . HOH B 2 .   ? 14.812  3.845   18.086  1.00 65.33 ? 1187 HOH A O   1 
HETATM 1644 O O   . HOH B 2 .   ? 9.709   19.610  -7.084  1.00 54.46 ? 1188 HOH A O   1 
HETATM 1645 O O   . HOH B 2 .   ? -5.772  -2.461  15.385  1.00 43.89 ? 1189 HOH A O   1 
# 
